data_7ZAL
#
_entry.id   7ZAL
#
_cell.length_a   101.012
_cell.length_b   113.453
_cell.length_c   236.242
_cell.angle_alpha   90.000
_cell.angle_beta   90.000
_cell.angle_gamma   90.000
#
_symmetry.space_group_name_H-M   'P 2 21 21'
#
loop_
_entity.id
_entity.type
_entity.pdbx_description
1 polymer Crov539
2 water water
#
_entity_poly.entity_id   1
_entity_poly.type   'polypeptide(L)'
_entity_poly.pdbx_seq_one_letter_code
;GSMTLVIKTNEDLNKLNDNIHTLTIGANFNQPIEHIKWPKLLTTLTFEWYFDQPIENVKLPDSLTTLTFGYSFNQPIEKV
KWPKTLAFLTFGYKFNKPIEKVKWPDSLTTLIFEENSLFDQSIEKIKWSNSLTTLIFGWNFNQPIENVEWPESLTTLVFN
EDSIFNQPIENVKWPKLLKTIIFGCHFNHPIENVKWPGSLTTLIFGDDFNQPFENVILPKSLTNLTFGPNFNQPLNFLPE
SLKNITITTNYQQNLYNLPSSLNCIKIISYKRTYEHIVNVLPEHLKKKVIKI
;
_entity_poly.pdbx_strand_id   AAA,BBB,CCC,DDD,EEE,FFF
#
# COMPACT_ATOMS: atom_id res chain seq x y z
N GLY A 1 59.90 7.56 20.43
CA GLY A 1 59.43 6.36 19.66
C GLY A 1 58.25 6.71 18.76
N SER A 2 58.51 6.90 17.46
CA SER A 2 57.47 7.28 16.47
C SER A 2 56.45 6.16 16.30
N MET A 3 55.17 6.49 16.37
CA MET A 3 54.05 5.51 16.16
C MET A 3 53.07 6.08 15.13
N THR A 4 53.53 7.01 14.30
CA THR A 4 52.69 7.71 13.29
C THR A 4 53.50 7.81 12.00
N LEU A 5 52.88 7.51 10.86
CA LEU A 5 53.60 7.46 9.57
C LEU A 5 52.70 7.99 8.45
N VAL A 6 53.30 8.73 7.54
CA VAL A 6 52.68 9.16 6.27
C VAL A 6 53.50 8.54 5.14
N ILE A 7 52.85 7.73 4.31
CA ILE A 7 53.52 7.03 3.18
C ILE A 7 53.28 7.84 1.91
N LYS A 8 54.34 8.33 1.28
CA LYS A 8 54.24 9.14 0.04
C LYS A 8 54.91 8.39 -1.13
N THR A 9 55.95 7.61 -0.84
CA THR A 9 56.73 6.89 -1.87
C THR A 9 56.70 5.39 -1.59
N ASN A 10 57.14 4.61 -2.56
CA ASN A 10 57.31 3.14 -2.44
C ASN A 10 58.37 2.87 -1.37
N GLU A 11 59.37 3.75 -1.24
CA GLU A 11 60.47 3.61 -0.25
C GLU A 11 59.88 3.69 1.17
N ASP A 12 58.92 4.60 1.40
CA ASP A 12 58.35 4.88 2.74
C ASP A 12 57.69 3.62 3.30
N LEU A 13 57.31 2.66 2.45
CA LEU A 13 56.71 1.38 2.92
C LEU A 13 57.68 0.68 3.88
N ASN A 14 58.99 0.85 3.71
CA ASN A 14 59.99 0.20 4.60
C ASN A 14 59.88 0.76 6.02
N LYS A 15 59.31 1.94 6.21
CA LYS A 15 59.12 2.54 7.55
C LYS A 15 57.92 1.89 8.25
N LEU A 16 57.24 0.92 7.62
CA LEU A 16 56.11 0.22 8.28
C LEU A 16 56.66 -0.75 9.33
N ASN A 17 55.99 -0.82 10.47
CA ASN A 17 56.27 -1.82 11.51
C ASN A 17 55.04 -1.87 12.42
N ASP A 18 55.07 -2.72 13.44
CA ASP A 18 53.92 -2.96 14.34
C ASP A 18 53.78 -1.84 15.38
N ASN A 19 54.63 -0.82 15.38
CA ASN A 19 54.50 0.29 16.38
C ASN A 19 53.55 1.37 15.83
N ILE A 20 53.24 1.32 14.54
CA ILE A 20 52.40 2.34 13.87
C ILE A 20 50.95 2.08 14.27
N HIS A 21 50.33 3.01 14.99
CA HIS A 21 48.89 2.94 15.33
C HIS A 21 48.10 3.92 14.46
N THR A 22 48.77 4.88 13.82
CA THR A 22 48.13 5.90 12.95
C THR A 22 48.85 5.92 11.62
N LEU A 23 48.14 5.66 10.53
CA LEU A 23 48.77 5.51 9.19
C LEU A 23 47.99 6.35 8.20
N THR A 24 48.72 7.04 7.35
CA THR A 24 48.15 7.89 6.29
C THR A 24 48.85 7.54 4.99
N ILE A 25 48.07 7.24 3.97
CA ILE A 25 48.60 7.06 2.59
C ILE A 25 48.62 8.44 1.93
N GLY A 26 49.81 8.90 1.53
CA GLY A 26 50.05 10.25 1.01
C GLY A 26 49.15 10.57 -0.17
N ALA A 27 48.97 11.86 -0.45
CA ALA A 27 48.06 12.39 -1.49
C ALA A 27 48.47 11.84 -2.85
N ASN A 28 49.77 11.68 -3.11
CA ASN A 28 50.26 11.33 -4.47
C ASN A 28 50.51 9.83 -4.60
N PHE A 29 50.26 9.04 -3.54
CA PHE A 29 50.56 7.58 -3.54
C PHE A 29 49.36 6.85 -4.13
N ASN A 30 49.56 6.23 -5.29
CA ASN A 30 48.53 5.37 -5.94
C ASN A 30 49.21 4.10 -6.43
N GLN A 31 49.36 3.12 -5.54
CA GLN A 31 50.06 1.85 -5.83
C GLN A 31 49.25 0.71 -5.22
N PRO A 32 49.34 -0.51 -5.78
CA PRO A 32 48.67 -1.67 -5.19
C PRO A 32 49.15 -1.91 -3.76
N ILE A 33 48.26 -2.38 -2.90
CA ILE A 33 48.55 -2.58 -1.45
C ILE A 33 48.16 -4.00 -1.04
N GLU A 34 47.93 -4.89 -2.02
CA GLU A 34 47.52 -6.29 -1.77
C GLU A 34 48.62 -7.02 -1.00
N HIS A 35 49.88 -6.65 -1.21
CA HIS A 35 51.05 -7.38 -0.67
C HIS A 35 51.66 -6.65 0.53
N ILE A 36 50.94 -5.70 1.13
CA ILE A 36 51.44 -4.95 2.31
C ILE A 36 51.12 -5.74 3.58
N LYS A 37 52.09 -5.86 4.47
CA LYS A 37 51.87 -6.43 5.82
C LYS A 37 51.54 -5.26 6.74
N TRP A 38 50.30 -5.19 7.23
CA TRP A 38 49.78 -4.03 7.97
C TRP A 38 50.19 -4.13 9.42
N PRO A 39 50.53 -2.99 10.05
CA PRO A 39 50.85 -2.96 11.48
C PRO A 39 49.77 -3.65 12.32
N LYS A 40 50.19 -4.52 13.23
CA LYS A 40 49.27 -5.42 13.98
C LYS A 40 48.30 -4.61 14.85
N LEU A 41 48.74 -3.51 15.45
CA LEU A 41 47.87 -2.69 16.35
C LEU A 41 47.50 -1.36 15.65
N LEU A 42 47.32 -1.40 14.33
CA LEU A 42 46.87 -0.22 13.56
C LEU A 42 45.48 0.18 14.06
N THR A 43 45.31 1.46 14.35
CA THR A 43 44.07 2.00 14.96
C THR A 43 43.34 2.87 13.92
N THR A 44 44.07 3.66 13.15
CA THR A 44 43.50 4.72 12.30
C THR A 44 44.19 4.67 10.95
N LEU A 45 43.41 4.70 9.87
CA LEU A 45 43.95 4.61 8.49
C LEU A 45 43.24 5.62 7.60
N THR A 46 44.01 6.42 6.88
CA THR A 46 43.50 7.49 6.01
C THR A 46 44.12 7.36 4.63
N PHE A 47 43.29 7.34 3.60
CA PHE A 47 43.71 7.43 2.19
C PHE A 47 43.46 8.86 1.71
N GLU A 48 44.44 9.46 1.07
CA GLU A 48 44.33 10.86 0.56
C GLU A 48 43.94 10.84 -0.94
N TRP A 49 43.96 12.01 -1.57
CA TRP A 49 43.31 12.35 -2.87
C TRP A 49 43.37 11.21 -3.89
N TYR A 50 44.55 10.80 -4.33
CA TYR A 50 44.75 10.04 -5.59
C TYR A 50 44.68 8.53 -5.39
N PHE A 51 44.38 8.02 -4.20
CA PHE A 51 44.42 6.56 -3.98
C PHE A 51 43.19 5.93 -4.61
N ASP A 52 43.40 5.00 -5.54
CA ASP A 52 42.31 4.21 -6.15
C ASP A 52 42.87 2.82 -6.52
N GLN A 53 42.75 1.86 -5.60
CA GLN A 53 43.28 0.49 -5.80
C GLN A 53 42.32 -0.52 -5.19
N PRO A 54 42.24 -1.74 -5.76
CA PRO A 54 41.36 -2.77 -5.21
C PRO A 54 41.74 -3.16 -3.77
N ILE A 55 40.74 -3.31 -2.91
CA ILE A 55 40.94 -3.64 -1.46
C ILE A 55 40.18 -4.90 -1.08
N GLU A 56 39.35 -5.46 -1.99
CA GLU A 56 38.56 -6.68 -1.69
C GLU A 56 39.51 -7.80 -1.24
N ASN A 57 40.70 -7.89 -1.83
CA ASN A 57 41.67 -8.98 -1.53
C ASN A 57 42.75 -8.46 -0.58
N VAL A 58 42.41 -7.46 0.24
CA VAL A 58 43.29 -6.93 1.32
C VAL A 58 42.62 -7.26 2.66
N LYS A 59 43.40 -7.78 3.61
CA LYS A 59 42.90 -8.02 4.98
C LYS A 59 43.51 -6.96 5.91
N LEU A 60 42.76 -5.90 6.18
CA LEU A 60 43.19 -4.85 7.14
C LEU A 60 43.13 -5.43 8.54
N PRO A 61 43.99 -4.96 9.47
CA PRO A 61 44.03 -5.47 10.84
C PRO A 61 42.66 -5.35 11.51
N ASP A 62 42.34 -6.26 12.42
CA ASP A 62 41.05 -6.27 13.15
C ASP A 62 40.99 -5.11 14.13
N SER A 63 42.13 -4.49 14.47
CA SER A 63 42.22 -3.41 15.47
C SER A 63 41.85 -2.06 14.85
N LEU A 64 41.68 -2.00 13.52
CA LEU A 64 41.41 -0.71 12.83
C LEU A 64 39.98 -0.23 13.17
N THR A 65 39.88 0.83 13.97
CA THR A 65 38.60 1.40 14.46
C THR A 65 38.11 2.50 13.52
N THR A 66 39.03 3.29 12.98
CA THR A 66 38.67 4.49 12.18
C THR A 66 39.30 4.36 10.79
N LEU A 67 38.48 4.41 9.75
CA LEU A 67 38.93 4.20 8.34
C LEU A 67 38.33 5.28 7.45
N THR A 68 39.14 5.87 6.58
CA THR A 68 38.74 7.02 5.73
C THR A 68 39.27 6.81 4.32
N PHE A 69 38.42 6.98 3.32
CA PHE A 69 38.80 6.92 1.89
C PHE A 69 38.80 8.34 1.32
N GLY A 70 39.63 8.55 0.29
CA GLY A 70 39.92 9.87 -0.28
C GLY A 70 39.08 10.18 -1.52
N TYR A 71 39.43 11.26 -2.20
CA TYR A 71 38.71 11.84 -3.35
C TYR A 71 38.51 10.77 -4.43
N SER A 72 39.60 10.16 -4.90
CA SER A 72 39.62 9.33 -6.13
C SER A 72 39.23 7.88 -5.84
N PHE A 73 38.95 7.48 -4.60
CA PHE A 73 38.73 6.04 -4.30
C PHE A 73 37.36 5.61 -4.82
N ASN A 74 37.36 4.67 -5.78
CA ASN A 74 36.13 4.10 -6.36
C ASN A 74 36.40 2.65 -6.76
N GLN A 75 36.13 1.72 -5.86
CA GLN A 75 36.45 0.27 -6.03
C GLN A 75 35.33 -0.55 -5.41
N PRO A 76 35.08 -1.77 -5.91
CA PRO A 76 34.11 -2.68 -5.29
C PRO A 76 34.53 -3.08 -3.87
N ILE A 77 33.57 -3.18 -2.94
CA ILE A 77 33.89 -3.46 -1.51
C ILE A 77 33.02 -4.59 -0.94
N GLU A 78 32.08 -5.14 -1.71
CA GLU A 78 31.10 -6.11 -1.17
C GLU A 78 31.79 -7.40 -0.70
N LYS A 79 33.00 -7.69 -1.18
CA LYS A 79 33.73 -8.94 -0.80
C LYS A 79 34.77 -8.66 0.32
N VAL A 80 34.81 -7.44 0.88
CA VAL A 80 35.89 -7.04 1.82
C VAL A 80 35.64 -7.70 3.18
N LYS A 81 36.69 -8.25 3.80
CA LYS A 81 36.64 -8.70 5.22
C LYS A 81 36.99 -7.49 6.10
N TRP A 82 35.95 -6.88 6.66
CA TRP A 82 36.11 -5.63 7.43
C TRP A 82 36.66 -5.98 8.80
N PRO A 83 37.50 -5.08 9.38
CA PRO A 83 37.98 -5.26 10.75
C PRO A 83 36.85 -5.49 11.77
N LYS A 84 37.08 -6.41 12.71
CA LYS A 84 36.12 -6.78 13.77
C LYS A 84 35.82 -5.58 14.67
N THR A 85 36.60 -4.51 14.63
CA THR A 85 36.48 -3.38 15.60
C THR A 85 36.26 -2.05 14.88
N LEU A 86 36.04 -2.09 13.57
CA LEU A 86 35.73 -0.88 12.77
C LEU A 86 34.48 -0.21 13.34
N ALA A 87 34.56 1.09 13.59
CA ALA A 87 33.48 1.87 14.23
C ALA A 87 33.12 3.08 13.36
N PHE A 88 34.06 3.60 12.58
CA PHE A 88 33.93 4.91 11.90
C PHE A 88 34.46 4.75 10.49
N LEU A 89 33.57 4.82 9.50
CA LEU A 89 33.92 4.63 8.08
C LEU A 89 33.52 5.88 7.32
N THR A 90 34.42 6.40 6.49
CA THR A 90 34.15 7.58 5.64
C THR A 90 34.49 7.26 4.19
N PHE A 91 33.60 7.62 3.28
CA PHE A 91 33.80 7.45 1.82
C PHE A 91 34.02 8.80 1.18
N GLY A 92 34.76 8.82 0.07
CA GLY A 92 35.15 10.05 -0.62
C GLY A 92 34.14 10.48 -1.66
N TYR A 93 34.55 11.40 -2.51
CA TYR A 93 33.68 12.04 -3.54
C TYR A 93 33.36 11.02 -4.63
N LYS A 94 34.37 10.33 -5.18
CA LYS A 94 34.20 9.52 -6.42
C LYS A 94 33.71 8.11 -6.10
N PHE A 95 33.41 7.77 -4.85
CA PHE A 95 33.00 6.38 -4.51
C PHE A 95 31.54 6.17 -4.98
N ASN A 96 31.34 5.20 -5.87
CA ASN A 96 29.98 4.80 -6.32
C ASN A 96 30.02 3.34 -6.74
N LYS A 97 29.77 2.44 -5.78
CA LYS A 97 29.75 0.99 -6.00
C LYS A 97 28.67 0.38 -5.11
N PRO A 98 28.06 -0.76 -5.52
CA PRO A 98 27.01 -1.40 -4.74
C PRO A 98 27.51 -1.82 -3.36
N ILE A 99 26.65 -1.75 -2.35
CA ILE A 99 27.02 -2.11 -0.95
C ILE A 99 25.92 -3.03 -0.36
N GLU A 100 25.05 -3.58 -1.20
CA GLU A 100 23.88 -4.35 -0.71
C GLU A 100 24.31 -5.72 -0.15
N LYS A 101 25.47 -6.25 -0.54
CA LYS A 101 25.98 -7.56 -0.05
C LYS A 101 27.27 -7.37 0.76
N VAL A 102 27.35 -6.33 1.60
CA VAL A 102 28.65 -5.79 2.08
C VAL A 102 29.19 -6.64 3.25
N LYS A 103 28.34 -7.10 4.15
CA LYS A 103 28.78 -7.80 5.41
C LYS A 103 29.54 -6.82 6.32
N TRP A 104 28.88 -5.74 6.75
CA TRP A 104 29.44 -4.77 7.73
C TRP A 104 29.77 -5.52 9.02
N PRO A 105 30.85 -5.11 9.73
CA PRO A 105 31.11 -5.57 11.08
C PRO A 105 30.12 -4.92 12.05
N ASP A 106 29.62 -5.69 13.01
CA ASP A 106 28.56 -5.24 13.95
C ASP A 106 29.08 -4.11 14.86
N SER A 107 30.38 -3.77 14.81
CA SER A 107 30.97 -2.69 15.66
C SER A 107 30.81 -1.31 14.99
N LEU A 108 30.45 -1.26 13.70
CA LEU A 108 30.36 0.02 12.96
C LEU A 108 29.21 0.86 13.51
N THR A 109 29.49 2.06 14.00
CA THR A 109 28.49 2.97 14.60
C THR A 109 28.23 4.17 13.68
N THR A 110 29.21 4.57 12.87
CA THR A 110 29.15 5.84 12.14
C THR A 110 29.54 5.59 10.69
N LEU A 111 28.73 6.03 9.75
CA LEU A 111 29.02 5.88 8.30
C LEU A 111 28.72 7.22 7.66
N ILE A 112 29.73 7.83 7.07
CA ILE A 112 29.63 9.19 6.48
C ILE A 112 30.09 9.13 5.03
N PHE A 113 29.30 9.71 4.12
CA PHE A 113 29.72 9.99 2.74
C PHE A 113 30.16 11.46 2.64
N GLU A 114 31.16 11.72 1.81
CA GLU A 114 31.69 13.08 1.54
C GLU A 114 30.54 13.96 1.07
N GLU A 115 30.69 15.27 1.23
CA GLU A 115 29.63 16.28 1.00
C GLU A 115 29.07 16.11 -0.42
N ASN A 116 29.93 15.99 -1.42
CA ASN A 116 29.51 15.95 -2.85
C ASN A 116 29.57 14.51 -3.36
N SER A 117 29.45 13.51 -2.49
CA SER A 117 29.62 12.08 -2.85
C SER A 117 28.73 11.70 -4.05
N LEU A 118 29.34 11.15 -5.10
CA LEU A 118 28.62 10.63 -6.30
C LEU A 118 27.89 9.33 -5.94
N PHE A 119 27.86 8.92 -4.69
CA PHE A 119 27.33 7.58 -4.31
C PHE A 119 25.82 7.59 -4.58
N ASP A 120 25.39 6.69 -5.47
CA ASP A 120 23.96 6.53 -5.82
C ASP A 120 23.72 5.05 -6.16
N GLN A 121 23.43 4.24 -5.14
CA GLN A 121 23.22 2.78 -5.30
C GLN A 121 22.08 2.36 -4.36
N SER A 122 21.31 1.35 -4.74
CA SER A 122 20.17 0.89 -3.91
C SER A 122 20.71 0.30 -2.60
N ILE A 123 19.98 0.50 -1.51
CA ILE A 123 20.36 0.04 -0.15
C ILE A 123 19.20 -0.69 0.50
N GLU A 124 18.12 -0.94 -0.23
CA GLU A 124 16.89 -1.52 0.36
C GLU A 124 17.14 -2.97 0.75
N LYS A 125 18.17 -3.62 0.22
CA LYS A 125 18.43 -5.05 0.53
C LYS A 125 19.65 -5.17 1.46
N ILE A 126 20.17 -4.04 1.96
CA ILE A 126 21.43 -4.02 2.75
C ILE A 126 21.16 -4.63 4.12
N LYS A 127 22.17 -5.25 4.71
CA LYS A 127 22.14 -5.63 6.15
C LYS A 127 23.05 -4.67 6.94
N TRP A 128 22.45 -3.72 7.65
CA TRP A 128 23.15 -2.76 8.53
C TRP A 128 23.74 -3.48 9.74
N SER A 129 24.89 -3.03 10.21
CA SER A 129 25.48 -3.46 11.51
C SER A 129 24.53 -3.07 12.65
N ASN A 130 24.48 -3.90 13.68
CA ASN A 130 23.52 -3.75 14.81
C ASN A 130 23.93 -2.57 15.69
N SER A 131 25.04 -1.89 15.42
CA SER A 131 25.54 -0.75 16.24
C SER A 131 25.49 0.57 15.46
N LEU A 132 25.01 0.58 14.22
CA LEU A 132 24.96 1.83 13.43
C LEU A 132 24.04 2.84 14.12
N THR A 133 24.58 3.99 14.49
CA THR A 133 23.82 5.05 15.18
C THR A 133 23.73 6.31 14.31
N THR A 134 24.73 6.57 13.46
CA THR A 134 24.81 7.83 12.70
C THR A 134 25.14 7.50 11.25
N LEU A 135 24.26 7.86 10.33
CA LEU A 135 24.43 7.60 8.88
C LEU A 135 24.19 8.90 8.13
N ILE A 136 25.21 9.37 7.40
CA ILE A 136 25.14 10.70 6.74
C ILE A 136 25.32 10.51 5.24
N PHE A 137 24.37 11.01 4.45
CA PHE A 137 24.41 10.89 2.98
C PHE A 137 25.00 12.16 2.37
N GLY A 138 25.47 12.01 1.12
CA GLY A 138 25.99 13.13 0.31
C GLY A 138 24.97 13.66 -0.68
N TRP A 139 25.48 14.31 -1.73
CA TRP A 139 24.70 15.12 -2.69
C TRP A 139 23.81 14.24 -3.58
N ASN A 140 24.39 13.26 -4.27
CA ASN A 140 23.77 12.61 -5.45
C ASN A 140 22.99 11.34 -5.08
N PHE A 141 22.90 10.97 -3.80
CA PHE A 141 22.20 9.72 -3.43
C PHE A 141 20.69 9.95 -3.56
N ASN A 142 20.03 9.16 -4.42
CA ASN A 142 18.55 9.22 -4.59
C ASN A 142 18.04 7.84 -4.98
N GLN A 143 17.66 7.05 -3.98
CA GLN A 143 17.21 5.65 -4.14
C GLN A 143 16.13 5.40 -3.09
N PRO A 144 15.17 4.51 -3.39
CA PRO A 144 14.09 4.22 -2.45
C PRO A 144 14.62 3.65 -1.13
N ILE A 145 13.95 3.97 -0.02
CA ILE A 145 14.35 3.53 1.35
C ILE A 145 13.16 2.92 2.09
N GLU A 146 11.99 2.82 1.46
CA GLU A 146 10.76 2.37 2.15
C GLU A 146 10.93 0.91 2.61
N ASN A 147 11.75 0.11 1.95
CA ASN A 147 11.86 -1.34 2.29
C ASN A 147 13.17 -1.62 3.03
N VAL A 148 13.86 -0.59 3.52
CA VAL A 148 15.17 -0.76 4.22
C VAL A 148 14.88 -1.31 5.61
N GLU A 149 15.58 -2.37 6.01
CA GLU A 149 15.60 -2.86 7.42
C GLU A 149 16.58 -1.97 8.22
N TRP A 150 16.05 -0.96 8.92
CA TRP A 150 16.88 -0.08 9.78
C TRP A 150 17.18 -0.81 11.08
N PRO A 151 18.42 -0.69 11.61
CA PRO A 151 18.75 -1.24 12.92
C PRO A 151 18.19 -0.37 14.05
N GLU A 152 17.78 -1.00 15.16
CA GLU A 152 17.11 -0.30 16.29
C GLU A 152 18.15 0.59 17.00
N SER A 153 19.42 0.54 16.60
CA SER A 153 20.50 1.34 17.19
C SER A 153 20.58 2.72 16.52
N LEU A 154 19.91 2.91 15.38
CA LEU A 154 20.05 4.16 14.58
C LEU A 154 19.41 5.32 15.34
N THR A 155 20.19 6.36 15.62
CA THR A 155 19.74 7.56 16.37
C THR A 155 19.75 8.78 15.46
N THR A 156 20.66 8.86 14.48
CA THR A 156 20.84 10.05 13.63
C THR A 156 20.87 9.66 12.15
N LEU A 157 19.98 10.23 11.35
CA LEU A 157 19.97 10.03 9.88
C LEU A 157 19.95 11.42 9.24
N VAL A 158 20.97 11.71 8.45
CA VAL A 158 21.15 13.06 7.86
C VAL A 158 21.36 12.94 6.36
N PHE A 159 20.67 13.78 5.60
CA PHE A 159 20.99 14.07 4.19
C PHE A 159 21.68 15.43 4.14
N ASN A 160 22.65 15.57 3.24
CA ASN A 160 23.35 16.85 2.98
C ASN A 160 22.31 17.88 2.56
N GLU A 161 22.53 19.14 2.91
CA GLU A 161 21.56 20.23 2.68
C GLU A 161 21.33 20.40 1.18
N ASP A 162 22.21 19.86 0.32
CA ASP A 162 22.09 19.98 -1.16
C ASP A 162 21.64 18.64 -1.76
N SER A 163 21.07 17.74 -0.97
CA SER A 163 20.75 16.36 -1.42
C SER A 163 19.62 16.40 -2.45
N ILE A 164 19.78 15.63 -3.52
CA ILE A 164 18.74 15.49 -4.59
C ILE A 164 17.82 14.31 -4.23
N PHE A 165 17.88 13.84 -2.98
CA PHE A 165 17.04 12.71 -2.52
C PHE A 165 15.57 13.15 -2.50
N ASN A 166 14.73 12.44 -3.24
CA ASN A 166 13.28 12.75 -3.31
C ASN A 166 12.52 11.46 -3.60
N GLN A 167 12.03 10.80 -2.55
CA GLN A 167 11.41 9.47 -2.65
C GLN A 167 10.25 9.42 -1.67
N PRO A 168 9.26 8.54 -1.89
CA PRO A 168 8.20 8.35 -0.90
C PRO A 168 8.77 7.73 0.38
N ILE A 169 8.24 8.16 1.53
CA ILE A 169 8.72 7.67 2.84
C ILE A 169 7.53 7.28 3.71
N GLU A 170 6.33 7.21 3.13
CA GLU A 170 5.11 6.96 3.93
C GLU A 170 5.08 5.51 4.44
N ASN A 171 5.88 4.61 3.87
CA ASN A 171 5.82 3.18 4.26
C ASN A 171 7.12 2.73 4.90
N VAL A 172 8.00 3.66 5.27
CA VAL A 172 9.31 3.32 5.90
C VAL A 172 9.04 2.83 7.33
N LYS A 173 9.76 1.79 7.76
CA LYS A 173 9.71 1.35 9.17
C LYS A 173 10.85 2.05 9.93
N TRP A 174 10.58 3.23 10.49
CA TRP A 174 11.56 3.97 11.33
C TRP A 174 11.83 3.18 12.59
N PRO A 175 13.11 3.11 13.03
CA PRO A 175 13.44 2.48 14.32
C PRO A 175 12.88 3.27 15.51
N LYS A 176 12.69 2.58 16.63
CA LYS A 176 12.02 3.13 17.84
C LYS A 176 12.87 4.23 18.47
N LEU A 177 14.19 4.21 18.31
CA LEU A 177 15.12 5.12 19.05
C LEU A 177 15.66 6.22 18.13
N LEU A 178 15.21 6.30 16.88
CA LEU A 178 15.64 7.35 15.93
C LEU A 178 15.25 8.71 16.52
N LYS A 179 16.22 9.64 16.59
CA LYS A 179 16.05 10.91 17.36
C LYS A 179 16.20 12.13 16.46
N THR A 180 16.99 12.04 15.39
CA THR A 180 17.23 13.20 14.51
C THR A 180 17.10 12.77 13.05
N ILE A 181 16.17 13.39 12.33
CA ILE A 181 16.02 13.23 10.86
C ILE A 181 16.22 14.59 10.22
N ILE A 182 17.17 14.68 9.30
CA ILE A 182 17.42 15.93 8.53
C ILE A 182 17.34 15.62 7.03
N PHE A 183 16.42 16.28 6.35
CA PHE A 183 16.22 16.17 4.89
C PHE A 183 16.94 17.31 4.18
N GLY A 184 17.35 17.03 2.93
CA GLY A 184 18.07 17.98 2.08
C GLY A 184 17.14 18.86 1.25
N CYS A 185 17.74 19.53 0.26
CA CYS A 185 17.12 20.54 -0.63
C CYS A 185 15.87 19.99 -1.36
N HIS A 186 15.97 18.80 -1.96
CA HIS A 186 15.01 18.35 -2.99
C HIS A 186 13.88 17.48 -2.44
N PHE A 187 13.91 17.11 -1.16
CA PHE A 187 12.89 16.18 -0.62
C PHE A 187 11.53 16.86 -0.62
N ASN A 188 10.57 16.31 -1.33
CA ASN A 188 9.19 16.85 -1.38
C ASN A 188 8.23 15.69 -1.66
N HIS A 189 7.76 15.04 -0.60
CA HIS A 189 6.75 13.95 -0.69
C HIS A 189 5.84 14.03 0.53
N PRO A 190 4.58 13.54 0.41
CA PRO A 190 3.65 13.58 1.52
C PRO A 190 4.17 12.83 2.76
N ILE A 191 3.73 13.28 3.93
CA ILE A 191 4.13 12.72 5.26
C ILE A 191 2.89 12.47 6.12
N GLU A 192 1.71 12.52 5.52
CA GLU A 192 0.41 12.35 6.22
C GLU A 192 0.35 10.96 6.87
N ASN A 193 0.93 9.93 6.26
CA ASN A 193 0.74 8.54 6.73
C ASN A 193 2.05 7.97 7.28
N VAL A 194 3.07 8.82 7.42
CA VAL A 194 4.37 8.40 8.02
C VAL A 194 4.12 8.15 9.51
N LYS A 195 4.56 6.99 10.02
CA LYS A 195 4.55 6.72 11.48
C LYS A 195 5.92 7.15 12.03
N TRP A 196 6.01 8.35 12.59
CA TRP A 196 7.27 8.90 13.15
C TRP A 196 7.62 8.14 14.43
N PRO A 197 8.92 7.89 14.68
CA PRO A 197 9.33 7.22 15.92
C PRO A 197 8.97 8.06 17.16
N GLY A 198 8.54 7.39 18.23
CA GLY A 198 8.08 8.01 19.48
C GLY A 198 9.20 8.71 20.25
N SER A 199 10.45 8.57 19.82
CA SER A 199 11.63 9.16 20.51
C SER A 199 12.19 10.33 19.70
N LEU A 200 11.60 10.62 18.53
CA LEU A 200 12.08 11.70 17.63
C LEU A 200 12.05 13.03 18.40
N THR A 201 13.15 13.77 18.37
CA THR A 201 13.28 15.08 19.04
C THR A 201 13.55 16.17 18.01
N THR A 202 14.30 15.87 16.95
CA THR A 202 14.68 16.86 15.92
C THR A 202 14.24 16.37 14.55
N LEU A 203 13.45 17.18 13.85
CA LEU A 203 13.03 16.92 12.45
C LEU A 203 13.26 18.19 11.65
N ILE A 204 14.06 18.08 10.58
CA ILE A 204 14.36 19.23 9.68
C ILE A 204 13.90 18.89 8.25
N PHE A 205 13.25 19.85 7.60
CA PHE A 205 12.91 19.79 6.16
C PHE A 205 13.73 20.82 5.38
N GLY A 206 13.83 20.62 4.07
CA GLY A 206 14.68 21.40 3.16
C GLY A 206 13.88 22.42 2.37
N ASP A 207 14.52 23.04 1.38
CA ASP A 207 13.98 24.16 0.57
C ASP A 207 12.67 23.74 -0.10
N ASP A 208 12.72 22.74 -0.98
CA ASP A 208 11.61 22.36 -1.88
C ASP A 208 10.42 21.79 -1.08
N PHE A 209 10.58 21.48 0.21
CA PHE A 209 9.54 20.75 0.96
C PHE A 209 8.30 21.63 1.12
N ASN A 210 7.18 21.17 0.55
CA ASN A 210 5.87 21.86 0.64
C ASN A 210 4.76 20.80 0.63
N GLN A 211 4.37 20.32 1.80
CA GLN A 211 3.34 19.27 1.96
C GLN A 211 2.46 19.63 3.15
N PRO A 212 1.16 19.27 3.11
CA PRO A 212 0.21 19.70 4.15
C PRO A 212 0.38 18.94 5.47
N PHE A 213 0.13 19.64 6.58
CA PHE A 213 0.28 19.11 7.97
C PHE A 213 -1.08 18.95 8.64
N GLU A 214 -2.16 18.90 7.87
CA GLU A 214 -3.52 18.79 8.43
C GLU A 214 -3.65 17.45 9.16
N ASN A 215 -3.36 16.34 8.47
CA ASN A 215 -3.61 14.98 9.02
C ASN A 215 -2.29 14.38 9.51
N VAL A 216 -1.40 15.20 10.04
CA VAL A 216 -0.07 14.76 10.54
C VAL A 216 -0.09 14.78 12.06
N ILE A 217 0.44 13.72 12.68
CA ILE A 217 0.60 13.64 14.15
C ILE A 217 2.09 13.44 14.42
N LEU A 218 2.69 14.33 15.19
CA LEU A 218 4.11 14.23 15.57
C LEU A 218 4.20 13.77 17.01
N PRO A 219 5.32 13.13 17.41
CA PRO A 219 5.44 12.58 18.75
C PRO A 219 5.47 13.66 19.83
N LYS A 220 5.00 13.34 21.04
CA LYS A 220 5.05 14.26 22.20
C LYS A 220 6.49 14.42 22.67
N SER A 221 7.45 13.79 22.00
CA SER A 221 8.90 13.93 22.33
C SER A 221 9.55 15.00 21.44
N LEU A 222 8.90 15.38 20.34
CA LEU A 222 9.49 16.31 19.34
C LEU A 222 9.71 17.68 20.01
N THR A 223 10.90 18.25 19.82
CA THR A 223 11.29 19.56 20.40
C THR A 223 11.68 20.55 19.31
N ASN A 224 12.27 20.10 18.21
CA ASN A 224 12.85 21.01 17.19
C ASN A 224 12.27 20.67 15.82
N LEU A 225 11.59 21.63 15.19
CA LEU A 225 11.03 21.46 13.83
C LEU A 225 11.52 22.60 12.93
N THR A 226 11.91 22.27 11.70
CA THR A 226 12.49 23.27 10.77
C THR A 226 11.86 23.14 9.39
N PHE A 227 11.52 24.28 8.78
CA PHE A 227 10.97 24.37 7.42
C PHE A 227 11.85 25.28 6.57
N GLY A 228 11.69 25.17 5.25
CA GLY A 228 12.51 25.87 4.25
C GLY A 228 11.71 26.96 3.54
N PRO A 229 12.33 27.61 2.52
CA PRO A 229 11.71 28.70 1.77
C PRO A 229 10.37 28.36 1.08
N ASN A 230 10.22 27.17 0.50
CA ASN A 230 9.01 26.83 -0.28
C ASN A 230 7.85 26.41 0.62
N PHE A 231 8.05 26.33 1.94
CA PHE A 231 7.00 25.84 2.86
C PHE A 231 5.97 26.95 3.06
N ASN A 232 4.73 26.73 2.63
CA ASN A 232 3.64 27.72 2.76
C ASN A 232 2.34 27.01 3.14
N GLN A 233 2.42 26.02 4.04
CA GLN A 233 1.22 25.24 4.46
C GLN A 233 0.88 25.62 5.89
N PRO A 234 -0.42 25.68 6.23
CA PRO A 234 -0.84 25.99 7.59
C PRO A 234 -0.36 24.96 8.62
N LEU A 235 -0.08 25.42 9.83
CA LEU A 235 0.38 24.59 10.96
C LEU A 235 -0.60 24.74 12.12
N ASN A 236 -1.60 23.87 12.23
CA ASN A 236 -2.71 24.04 13.19
C ASN A 236 -2.66 22.98 14.30
N PHE A 237 -1.87 21.92 14.17
CA PHE A 237 -1.89 20.77 15.09
C PHE A 237 -0.45 20.32 15.44
N LEU A 238 0.45 21.26 15.71
CA LEU A 238 1.82 20.91 16.20
C LEU A 238 1.71 20.51 17.67
N PRO A 239 2.55 19.57 18.14
CA PRO A 239 2.46 19.09 19.51
C PRO A 239 2.83 20.18 20.54
N GLU A 240 2.24 20.08 21.73
CA GLU A 240 2.45 21.05 22.84
C GLU A 240 3.80 20.77 23.51
N SER A 241 4.63 19.90 22.94
CA SER A 241 6.00 19.62 23.44
C SER A 241 7.04 20.46 22.69
N LEU A 242 6.65 21.03 21.55
CA LEU A 242 7.58 21.74 20.62
C LEU A 242 8.17 22.95 21.35
N LYS A 243 9.48 23.15 21.22
CA LYS A 243 10.20 24.25 21.92
C LYS A 243 10.78 25.24 20.89
N ASN A 244 11.41 24.73 19.84
CA ASN A 244 12.05 25.59 18.80
C ASN A 244 11.44 25.26 17.44
N ILE A 245 11.02 26.28 16.70
CA ILE A 245 10.53 26.11 15.30
C ILE A 245 11.26 27.11 14.40
N THR A 246 11.51 26.72 13.16
CA THR A 246 12.22 27.55 12.17
C THR A 246 11.36 27.68 10.91
N ILE A 247 11.13 28.91 10.47
CA ILE A 247 10.40 29.22 9.21
C ILE A 247 11.14 30.33 8.47
N THR A 248 10.66 30.69 7.29
CA THR A 248 11.26 31.71 6.40
C THR A 248 10.24 32.84 6.22
N THR A 249 10.67 33.94 5.61
CA THR A 249 9.83 35.13 5.37
C THR A 249 8.92 34.89 4.16
N ASN A 250 9.09 33.79 3.44
CA ASN A 250 8.21 33.40 2.32
C ASN A 250 6.92 32.78 2.85
N TYR A 251 6.81 32.59 4.17
CA TYR A 251 5.61 31.97 4.81
C TYR A 251 4.47 33.00 4.82
N GLN A 252 3.45 32.79 3.98
CA GLN A 252 2.32 33.74 3.82
C GLN A 252 1.06 33.17 4.48
N GLN A 253 1.18 32.39 5.55
CA GLN A 253 -0.01 31.86 6.29
C GLN A 253 -0.04 32.49 7.68
N ASN A 254 -1.21 32.45 8.33
CA ASN A 254 -1.38 32.93 9.72
C ASN A 254 -0.85 31.85 10.67
N LEU A 255 -0.41 32.24 11.85
CA LEU A 255 0.26 31.31 12.80
C LEU A 255 -0.40 31.42 14.16
N TYR A 256 -1.68 31.76 14.21
CA TYR A 256 -2.42 31.93 15.49
C TYR A 256 -2.52 30.59 16.21
N ASN A 257 -2.38 29.47 15.50
CA ASN A 257 -2.60 28.11 16.05
C ASN A 257 -1.28 27.47 16.52
N LEU A 258 -0.18 28.22 16.54
CA LEU A 258 1.12 27.70 17.01
C LEU A 258 0.96 27.26 18.47
N PRO A 259 1.72 26.23 18.91
CA PRO A 259 1.64 25.76 20.29
C PRO A 259 2.19 26.80 21.28
N SER A 260 1.58 26.92 22.46
CA SER A 260 2.21 27.58 23.63
C SER A 260 3.42 26.73 24.06
N SER A 261 4.20 27.18 25.03
CA SER A 261 5.40 26.46 25.53
C SER A 261 6.51 26.47 24.47
N LEU A 262 6.32 27.13 23.31
CA LEU A 262 7.44 27.42 22.38
C LEU A 262 8.38 28.41 23.08
N ASN A 263 9.69 28.17 22.99
CA ASN A 263 10.72 28.99 23.67
C ASN A 263 11.46 29.85 22.64
N CYS A 264 11.32 29.56 21.35
CA CYS A 264 12.07 30.24 20.27
C CYS A 264 11.43 29.95 18.90
N ILE A 265 11.16 30.98 18.12
CA ILE A 265 10.56 30.88 16.77
C ILE A 265 11.51 31.58 15.80
N LYS A 266 12.36 30.83 15.11
CA LYS A 266 13.40 31.42 14.22
C LYS A 266 12.75 31.74 12.88
N ILE A 267 12.92 32.97 12.40
CA ILE A 267 12.40 33.41 11.07
C ILE A 267 13.60 33.83 10.22
N ILE A 268 13.86 33.08 9.16
CA ILE A 268 14.99 33.36 8.24
C ILE A 268 14.47 34.25 7.11
N SER A 269 15.12 35.38 6.89
CA SER A 269 14.72 36.34 5.83
C SER A 269 15.31 35.87 4.50
N TYR A 270 14.47 35.79 3.47
CA TYR A 270 14.91 35.49 2.10
C TYR A 270 14.69 36.72 1.21
N LYS A 271 15.52 36.78 0.19
CA LYS A 271 15.44 37.70 -0.96
C LYS A 271 14.01 37.84 -1.45
N ARG A 272 13.48 39.06 -1.50
CA ARG A 272 12.05 39.23 -1.83
C ARG A 272 11.90 39.21 -3.36
N THR A 273 10.69 39.00 -3.85
CA THR A 273 10.33 38.99 -5.29
C THR A 273 9.71 40.34 -5.68
N TYR A 274 9.57 40.59 -6.98
CA TYR A 274 9.31 41.93 -7.56
C TYR A 274 7.83 42.18 -7.84
N GLU A 275 7.00 41.13 -7.96
CA GLU A 275 5.65 41.26 -8.58
C GLU A 275 4.77 42.20 -7.75
N HIS A 276 4.97 42.29 -6.44
CA HIS A 276 4.07 43.02 -5.50
C HIS A 276 4.16 44.53 -5.76
N ILE A 277 5.15 45.00 -6.52
CA ILE A 277 5.24 46.45 -6.89
C ILE A 277 4.88 46.61 -8.37
N VAL A 278 5.03 45.57 -9.18
CA VAL A 278 4.72 45.64 -10.63
C VAL A 278 3.20 45.59 -10.80
N ASN A 279 2.50 44.79 -10.00
CA ASN A 279 1.02 44.63 -10.10
C ASN A 279 0.31 45.89 -9.60
N VAL A 280 1.04 46.91 -9.14
CA VAL A 280 0.44 48.19 -8.65
C VAL A 280 1.10 49.35 -9.41
N LEU A 281 1.63 49.07 -10.60
CA LEU A 281 2.44 50.02 -11.40
C LEU A 281 1.64 50.43 -12.64
N PRO A 282 1.77 51.69 -13.14
CA PRO A 282 1.09 52.10 -14.37
C PRO A 282 1.36 51.14 -15.54
N GLU A 283 0.27 50.68 -16.15
CA GLU A 283 0.27 49.61 -17.21
C GLU A 283 1.31 49.94 -18.28
N HIS A 284 1.37 51.20 -18.74
CA HIS A 284 2.26 51.61 -19.85
C HIS A 284 3.73 51.61 -19.40
N LEU A 285 4.03 51.53 -18.11
CA LEU A 285 5.42 51.62 -17.60
C LEU A 285 6.01 50.26 -17.26
N LYS A 286 5.18 49.22 -17.13
CA LYS A 286 5.63 47.87 -16.66
C LYS A 286 6.65 47.27 -17.63
N LYS A 287 6.66 47.71 -18.90
CA LYS A 287 7.51 47.14 -19.97
C LYS A 287 8.98 47.39 -19.65
N LYS A 288 9.26 48.57 -19.09
CA LYS A 288 10.62 49.14 -19.06
C LYS A 288 11.25 48.86 -17.69
N VAL A 289 10.54 48.12 -16.83
CA VAL A 289 11.01 47.78 -15.45
C VAL A 289 12.28 46.92 -15.58
N ILE A 290 13.27 47.17 -14.72
CA ILE A 290 14.52 46.35 -14.67
C ILE A 290 14.71 45.79 -13.25
N LYS A 291 14.88 44.48 -13.14
CA LYS A 291 14.85 43.74 -11.85
C LYS A 291 16.29 43.42 -11.42
N ILE A 292 16.70 43.94 -10.26
CA ILE A 292 17.98 43.57 -9.58
C ILE A 292 17.75 43.58 -8.07
N GLY B 1 1.19 -9.49 -24.27
CA GLY B 1 2.34 -8.54 -24.39
C GLY B 1 1.88 -7.09 -24.27
N SER B 2 2.41 -6.34 -23.31
CA SER B 2 1.97 -4.97 -22.95
C SER B 2 2.78 -3.94 -23.76
N MET B 3 2.09 -2.93 -24.27
CA MET B 3 2.70 -1.82 -25.05
C MET B 3 2.67 -0.54 -24.20
N THR B 4 2.22 -0.61 -22.96
CA THR B 4 2.12 0.57 -22.05
C THR B 4 3.01 0.34 -20.83
N LEU B 5 3.66 1.40 -20.34
CA LEU B 5 4.59 1.33 -19.20
C LEU B 5 4.57 2.65 -18.41
N VAL B 6 4.36 2.56 -17.11
CA VAL B 6 4.60 3.69 -16.17
C VAL B 6 5.74 3.27 -15.24
N ILE B 7 6.86 3.99 -15.27
CA ILE B 7 8.07 3.62 -14.48
C ILE B 7 8.04 4.37 -13.15
N LYS B 8 8.21 3.64 -12.07
CA LYS B 8 8.29 4.22 -10.69
C LYS B 8 9.69 3.97 -10.13
N THR B 9 10.21 2.76 -10.26
CA THR B 9 11.56 2.34 -9.77
C THR B 9 12.49 2.15 -10.98
N ASN B 10 13.78 2.41 -10.81
CA ASN B 10 14.78 2.21 -11.89
C ASN B 10 14.81 0.74 -12.31
N GLU B 11 14.30 -0.17 -11.47
CA GLU B 11 14.07 -1.58 -11.84
C GLU B 11 13.15 -1.60 -13.07
N ASP B 12 12.17 -0.70 -13.10
CA ASP B 12 11.20 -0.60 -14.24
C ASP B 12 11.94 -0.16 -15.51
N LEU B 13 13.11 0.46 -15.41
CA LEU B 13 13.90 0.81 -16.62
C LEU B 13 14.32 -0.46 -17.36
N ASN B 14 14.35 -1.61 -16.69
CA ASN B 14 14.66 -2.91 -17.36
C ASN B 14 13.50 -3.28 -18.30
N LYS B 15 12.32 -2.70 -18.11
CA LYS B 15 11.09 -3.07 -18.87
C LYS B 15 11.03 -2.31 -20.20
N LEU B 16 11.83 -1.25 -20.37
CA LEU B 16 11.83 -0.45 -21.62
C LEU B 16 12.33 -1.30 -22.78
N ASN B 17 11.50 -1.42 -23.82
CA ASN B 17 11.89 -2.03 -25.12
C ASN B 17 11.15 -1.29 -26.23
N ASP B 18 11.36 -1.71 -27.47
CA ASP B 18 10.77 -1.06 -28.68
C ASP B 18 9.29 -1.42 -28.82
N ASN B 19 8.74 -2.27 -27.95
CA ASN B 19 7.30 -2.66 -28.01
C ASN B 19 6.43 -1.65 -27.25
N ILE B 20 7.02 -0.65 -26.60
CA ILE B 20 6.23 0.31 -25.78
C ILE B 20 5.84 1.50 -26.65
N HIS B 21 4.58 1.91 -26.58
CA HIS B 21 4.04 3.07 -27.34
C HIS B 21 3.49 4.13 -26.38
N THR B 22 3.21 3.78 -25.12
CA THR B 22 2.73 4.74 -24.10
C THR B 22 3.63 4.65 -22.88
N LEU B 23 4.28 5.76 -22.52
CA LEU B 23 5.27 5.80 -21.41
C LEU B 23 4.96 6.96 -20.46
N THR B 24 5.25 6.77 -19.18
CA THR B 24 5.08 7.82 -18.15
C THR B 24 6.36 7.93 -17.32
N ILE B 25 6.89 9.14 -17.17
CA ILE B 25 8.16 9.42 -16.44
C ILE B 25 7.89 10.46 -15.37
N GLY B 26 8.59 10.35 -14.23
CA GLY B 26 8.60 11.37 -13.16
C GLY B 26 7.48 11.19 -12.15
N ALA B 27 6.93 9.99 -12.01
CA ALA B 27 5.80 9.71 -11.11
C ALA B 27 6.24 9.85 -9.66
N ASN B 28 7.53 9.69 -9.36
CA ASN B 28 8.03 9.61 -7.96
C ASN B 28 9.29 10.43 -7.71
N PHE B 29 10.03 10.86 -8.73
CA PHE B 29 11.19 11.77 -8.55
C PHE B 29 11.65 12.31 -9.89
N ASN B 30 12.48 13.36 -9.85
CA ASN B 30 12.95 14.06 -11.08
C ASN B 30 13.94 13.16 -11.80
N GLN B 31 13.44 12.06 -12.34
CA GLN B 31 14.26 11.01 -13.01
C GLN B 31 15.11 11.66 -14.09
N PRO B 32 16.43 11.38 -14.13
CA PRO B 32 17.27 11.84 -15.24
C PRO B 32 17.02 11.01 -16.51
N ILE B 33 17.05 11.65 -17.68
CA ILE B 33 16.69 11.03 -18.98
C ILE B 33 17.75 11.33 -20.02
N GLU B 34 18.97 11.63 -19.61
CA GLU B 34 20.02 12.12 -20.53
C GLU B 34 20.62 10.92 -21.29
N HIS B 35 20.59 9.73 -20.70
CA HIS B 35 21.29 8.53 -21.22
C HIS B 35 20.29 7.38 -21.34
N ILE B 36 19.13 7.67 -21.92
CA ILE B 36 18.05 6.65 -22.08
C ILE B 36 17.64 6.64 -23.54
N LYS B 37 17.76 5.50 -24.20
CA LYS B 37 17.37 5.36 -25.63
C LYS B 37 15.90 4.94 -25.67
N TRP B 38 15.05 5.84 -26.14
CA TRP B 38 13.57 5.66 -26.12
C TRP B 38 13.19 4.55 -27.09
N PRO B 39 12.03 3.92 -26.89
CA PRO B 39 11.51 2.96 -27.87
C PRO B 39 11.44 3.56 -29.27
N LYS B 40 11.72 2.76 -30.31
CA LYS B 40 11.80 3.19 -31.72
C LYS B 40 10.46 3.82 -32.15
N LEU B 41 9.33 3.31 -31.66
CA LEU B 41 7.99 3.66 -32.21
C LEU B 41 7.10 4.27 -31.13
N LEU B 42 7.68 5.03 -30.19
CA LEU B 42 6.90 5.64 -29.08
C LEU B 42 5.89 6.64 -29.66
N THR B 43 4.64 6.56 -29.20
CA THR B 43 3.51 7.35 -29.74
C THR B 43 3.02 8.38 -28.71
N THR B 44 2.97 8.01 -27.43
CA THR B 44 2.50 8.88 -26.33
C THR B 44 3.56 8.95 -25.24
N LEU B 45 3.91 10.16 -24.80
CA LEU B 45 4.85 10.37 -23.68
C LEU B 45 4.23 11.32 -22.68
N THR B 46 4.14 10.89 -21.42
CA THR B 46 3.67 11.72 -20.29
C THR B 46 4.81 11.91 -19.29
N PHE B 47 5.13 13.16 -18.99
CA PHE B 47 6.00 13.55 -17.86
C PHE B 47 5.12 13.89 -16.66
N GLU B 48 5.39 13.24 -15.53
CA GLU B 48 4.54 13.32 -14.32
C GLU B 48 5.01 14.47 -13.41
N TRP B 49 4.44 14.52 -12.19
CA TRP B 49 4.52 15.67 -11.26
C TRP B 49 5.99 16.09 -11.05
N TYR B 50 6.89 15.17 -10.72
CA TYR B 50 8.27 15.50 -10.23
C TYR B 50 9.27 15.78 -11.35
N PHE B 51 8.93 15.52 -12.62
CA PHE B 51 9.92 15.61 -13.72
C PHE B 51 10.32 17.06 -13.95
N ASP B 52 11.62 17.32 -13.95
CA ASP B 52 12.22 18.59 -14.44
C ASP B 52 13.66 18.31 -14.86
N GLN B 53 13.87 18.04 -16.14
CA GLN B 53 15.22 17.74 -16.69
C GLN B 53 15.39 18.49 -18.00
N PRO B 54 16.64 18.87 -18.36
CA PRO B 54 16.89 19.55 -19.64
C PRO B 54 16.63 18.57 -20.79
N ILE B 55 16.04 19.07 -21.87
CA ILE B 55 15.63 18.21 -23.02
C ILE B 55 16.28 18.71 -24.31
N GLU B 56 16.83 19.94 -24.31
CA GLU B 56 17.44 20.54 -25.53
C GLU B 56 18.48 19.58 -26.11
N ASN B 57 19.07 18.71 -25.29
CA ASN B 57 20.13 17.76 -25.70
C ASN B 57 19.56 16.35 -25.86
N VAL B 58 18.24 16.24 -26.07
CA VAL B 58 17.57 14.92 -26.18
C VAL B 58 16.82 14.87 -27.52
N LYS B 59 17.01 13.79 -28.27
CA LYS B 59 16.23 13.52 -29.51
C LYS B 59 15.17 12.48 -29.16
N LEU B 60 13.93 12.93 -28.93
CA LEU B 60 12.79 12.02 -28.74
C LEU B 60 12.42 11.41 -30.10
N PRO B 61 11.85 10.18 -30.11
CA PRO B 61 11.45 9.52 -31.34
C PRO B 61 10.51 10.37 -32.22
N ASP B 62 10.71 10.35 -33.54
CA ASP B 62 9.87 11.10 -34.51
C ASP B 62 8.44 10.56 -34.49
N SER B 63 8.26 9.34 -34.00
CA SER B 63 6.97 8.61 -33.89
C SER B 63 5.99 9.35 -32.97
N LEU B 64 6.49 10.25 -32.12
CA LEU B 64 5.72 10.78 -30.95
C LEU B 64 4.70 11.80 -31.43
N THR B 65 3.43 11.58 -31.10
CA THR B 65 2.31 12.46 -31.53
C THR B 65 1.79 13.28 -30.34
N THR B 66 1.76 12.69 -29.16
CA THR B 66 1.21 13.33 -27.94
C THR B 66 2.33 13.44 -26.88
N LEU B 67 2.65 14.66 -26.47
CA LEU B 67 3.75 14.96 -25.51
C LEU B 67 3.22 15.89 -24.43
N THR B 68 3.23 15.43 -23.19
CA THR B 68 2.73 16.19 -22.02
C THR B 68 3.85 16.47 -21.03
N PHE B 69 4.05 17.73 -20.64
CA PHE B 69 4.98 18.12 -19.55
C PHE B 69 4.20 18.32 -18.26
N GLY B 70 4.75 17.80 -17.17
CA GLY B 70 4.10 17.77 -15.85
C GLY B 70 4.21 19.09 -15.09
N TYR B 71 3.85 19.06 -13.81
CA TYR B 71 3.80 20.22 -12.89
C TYR B 71 5.18 20.87 -12.77
N SER B 72 6.20 20.10 -12.44
CA SER B 72 7.52 20.62 -12.00
C SER B 72 8.36 21.09 -13.19
N PHE B 73 8.09 20.62 -14.40
CA PHE B 73 9.00 20.84 -15.55
C PHE B 73 9.15 22.34 -15.82
N ASN B 74 10.39 22.81 -15.84
CA ASN B 74 10.76 24.18 -16.27
C ASN B 74 12.20 24.15 -16.78
N GLN B 75 12.38 24.12 -18.10
CA GLN B 75 13.69 24.09 -18.78
C GLN B 75 13.57 24.85 -20.09
N PRO B 76 14.68 25.40 -20.63
CA PRO B 76 14.64 26.04 -21.95
C PRO B 76 14.43 24.98 -23.05
N ILE B 77 13.71 25.36 -24.08
CA ILE B 77 13.34 24.43 -25.20
C ILE B 77 13.60 25.09 -26.57
N GLU B 78 14.10 26.33 -26.62
CA GLU B 78 14.18 27.12 -27.87
C GLU B 78 15.03 26.39 -28.93
N LYS B 79 15.80 25.38 -28.55
CA LYS B 79 16.70 24.65 -29.48
C LYS B 79 16.51 23.15 -29.29
N VAL B 80 15.28 22.72 -29.03
CA VAL B 80 14.89 21.28 -29.03
C VAL B 80 14.56 20.89 -30.47
N LYS B 81 15.12 19.78 -30.92
CA LYS B 81 14.73 19.15 -32.21
C LYS B 81 13.50 18.29 -31.93
N TRP B 82 12.31 18.84 -32.21
CA TRP B 82 11.02 18.18 -31.89
C TRP B 82 10.80 16.99 -32.81
N PRO B 83 10.02 15.98 -32.37
CA PRO B 83 9.60 14.90 -33.24
C PRO B 83 8.82 15.42 -34.46
N LYS B 84 9.07 14.86 -35.64
CA LYS B 84 8.52 15.37 -36.92
C LYS B 84 7.01 15.14 -36.98
N THR B 85 6.47 14.17 -36.25
CA THR B 85 5.03 13.80 -36.29
C THR B 85 4.31 14.28 -35.03
N LEU B 86 4.89 15.22 -34.29
CA LEU B 86 4.29 15.76 -33.04
C LEU B 86 3.07 16.62 -33.39
N ALA B 87 1.95 16.39 -32.70
CA ALA B 87 0.68 17.08 -32.98
C ALA B 87 0.07 17.68 -31.71
N PHE B 88 0.25 17.04 -30.55
CA PHE B 88 -0.39 17.46 -29.29
C PHE B 88 0.69 17.73 -28.22
N LEU B 89 0.81 18.98 -27.80
CA LEU B 89 1.85 19.41 -26.81
C LEU B 89 1.18 20.12 -25.64
N THR B 90 1.37 19.61 -24.44
CA THR B 90 0.82 20.20 -23.20
C THR B 90 1.96 20.65 -22.28
N PHE B 91 1.87 21.87 -21.75
CA PHE B 91 2.84 22.41 -20.77
C PHE B 91 2.18 22.51 -19.40
N GLY B 92 2.97 22.24 -18.36
CA GLY B 92 2.51 22.18 -16.97
C GLY B 92 2.56 23.53 -16.28
N TYR B 93 2.46 23.51 -14.95
CA TYR B 93 2.35 24.71 -14.09
C TYR B 93 3.62 25.55 -14.16
N LYS B 94 4.74 24.97 -13.76
CA LYS B 94 5.97 25.74 -13.44
C LYS B 94 6.69 26.20 -14.72
N PHE B 95 6.32 25.69 -15.89
CA PHE B 95 7.11 25.97 -17.12
C PHE B 95 6.97 27.46 -17.47
N ASN B 96 8.09 28.19 -17.46
CA ASN B 96 8.15 29.59 -17.91
C ASN B 96 9.54 29.88 -18.49
N LYS B 97 9.69 29.72 -19.80
CA LYS B 97 10.95 29.94 -20.56
C LYS B 97 10.61 30.52 -21.93
N PRO B 98 11.54 31.25 -22.59
CA PRO B 98 11.27 31.82 -23.91
C PRO B 98 11.12 30.71 -24.96
N ILE B 99 10.25 30.94 -25.93
CA ILE B 99 9.91 29.97 -27.01
C ILE B 99 9.92 30.69 -28.36
N GLU B 100 10.27 31.97 -28.39
CA GLU B 100 10.13 32.81 -29.60
C GLU B 100 11.13 32.32 -30.67
N LYS B 101 12.24 31.71 -30.25
CA LYS B 101 13.31 31.26 -31.19
C LYS B 101 13.20 29.75 -31.43
N VAL B 102 12.05 29.14 -31.14
CA VAL B 102 11.90 27.67 -31.31
C VAL B 102 11.48 27.39 -32.75
N LYS B 103 11.81 26.21 -33.24
CA LYS B 103 11.34 25.74 -34.56
C LYS B 103 10.32 24.63 -34.31
N TRP B 104 9.03 25.00 -34.24
CA TRP B 104 7.91 24.03 -34.09
C TRP B 104 7.92 23.08 -35.28
N PRO B 105 7.61 21.78 -35.07
CA PRO B 105 7.33 20.88 -36.19
C PRO B 105 6.00 21.28 -36.83
N ASP B 106 5.95 21.28 -38.16
CA ASP B 106 4.76 21.74 -38.92
C ASP B 106 3.58 20.77 -38.72
N SER B 107 3.78 19.64 -38.05
CA SER B 107 2.70 18.67 -37.73
C SER B 107 1.93 19.09 -36.47
N LEU B 108 2.38 20.13 -35.76
CA LEU B 108 1.73 20.55 -34.49
C LEU B 108 0.37 21.18 -34.79
N THR B 109 -0.68 20.73 -34.10
CA THR B 109 -2.05 21.26 -34.26
C THR B 109 -2.59 21.83 -32.95
N THR B 110 -2.21 21.25 -31.80
CA THR B 110 -2.83 21.58 -30.49
C THR B 110 -1.72 21.91 -29.47
N LEU B 111 -1.67 23.15 -28.99
CA LEU B 111 -0.74 23.59 -27.92
C LEU B 111 -1.56 24.09 -26.75
N ILE B 112 -1.48 23.38 -25.62
CA ILE B 112 -2.30 23.71 -24.42
C ILE B 112 -1.38 24.01 -23.25
N PHE B 113 -1.64 25.11 -22.56
CA PHE B 113 -0.98 25.48 -21.29
C PHE B 113 -1.90 25.09 -20.15
N GLU B 114 -1.34 24.46 -19.12
CA GLU B 114 -2.03 24.07 -17.87
C GLU B 114 -2.81 25.29 -17.34
N GLU B 115 -3.88 25.02 -16.59
CA GLU B 115 -4.85 26.06 -16.14
C GLU B 115 -4.09 27.19 -15.42
N ASN B 116 -3.19 26.82 -14.50
CA ASN B 116 -2.49 27.79 -13.62
C ASN B 116 -1.09 28.09 -14.16
N SER B 117 -0.85 27.88 -15.45
CA SER B 117 0.49 28.00 -16.08
C SER B 117 1.13 29.34 -15.69
N LEU B 118 2.36 29.29 -15.17
CA LEU B 118 3.17 30.50 -14.82
C LEU B 118 3.84 31.03 -16.10
N PHE B 119 3.46 30.55 -17.28
CA PHE B 119 4.07 30.99 -18.55
C PHE B 119 3.71 32.45 -18.82
N ASP B 120 4.72 33.31 -18.92
CA ASP B 120 4.56 34.72 -19.32
C ASP B 120 5.83 35.15 -20.06
N GLN B 121 5.81 35.05 -21.39
CA GLN B 121 6.97 35.37 -22.26
C GLN B 121 6.49 36.07 -23.52
N SER B 122 7.40 36.71 -24.23
CA SER B 122 7.09 37.40 -25.51
C SER B 122 6.99 36.36 -26.63
N ILE B 123 5.95 36.47 -27.44
CA ILE B 123 5.71 35.53 -28.58
C ILE B 123 5.46 36.34 -29.85
N GLU B 124 5.70 37.65 -29.81
CA GLU B 124 5.21 38.57 -30.86
C GLU B 124 5.97 38.33 -32.17
N LYS B 125 7.13 37.68 -32.13
CA LYS B 125 7.95 37.41 -33.34
C LYS B 125 8.21 35.91 -33.44
N ILE B 126 7.26 35.08 -33.00
CA ILE B 126 7.43 33.60 -33.03
C ILE B 126 7.06 33.10 -34.42
N LYS B 127 7.57 31.94 -34.79
CA LYS B 127 7.20 31.23 -36.05
C LYS B 127 6.29 30.06 -35.68
N TRP B 128 4.98 30.28 -35.76
CA TRP B 128 3.95 29.26 -35.41
C TRP B 128 3.96 28.15 -36.45
N SER B 129 3.67 26.92 -36.01
CA SER B 129 3.48 25.73 -36.88
C SER B 129 2.37 26.02 -37.90
N ASN B 130 2.55 25.61 -39.16
CA ASN B 130 1.59 25.93 -40.25
C ASN B 130 0.30 25.12 -40.06
N SER B 131 0.29 24.07 -39.24
CA SER B 131 -0.90 23.21 -39.00
C SER B 131 -1.50 23.52 -37.62
N LEU B 132 -1.02 24.54 -36.91
CA LEU B 132 -1.54 24.87 -35.55
C LEU B 132 -3.01 25.29 -35.66
N THR B 133 -3.87 24.69 -34.85
CA THR B 133 -5.34 24.81 -34.96
C THR B 133 -5.93 25.39 -33.67
N THR B 134 -5.53 24.85 -32.51
CA THR B 134 -6.07 25.27 -31.19
C THR B 134 -4.91 25.68 -30.28
N LEU B 135 -5.01 26.85 -29.67
CA LEU B 135 -3.99 27.37 -28.74
C LEU B 135 -4.69 27.84 -27.46
N ILE B 136 -4.31 27.26 -26.33
CA ILE B 136 -4.93 27.60 -25.02
C ILE B 136 -3.85 28.11 -24.08
N PHE B 137 -4.04 29.32 -23.53
CA PHE B 137 -3.10 29.96 -22.58
C PHE B 137 -3.58 29.71 -21.15
N GLY B 138 -2.66 29.86 -20.19
CA GLY B 138 -2.94 29.69 -18.76
C GLY B 138 -3.22 31.00 -18.05
N TRP B 139 -3.20 30.93 -16.72
CA TRP B 139 -3.58 32.04 -15.79
C TRP B 139 -2.68 33.25 -16.02
N ASN B 140 -1.36 33.07 -15.97
CA ASN B 140 -0.39 34.19 -15.76
C ASN B 140 0.13 34.76 -17.08
N PHE B 141 -0.38 34.36 -18.23
CA PHE B 141 0.11 34.89 -19.52
C PHE B 141 -0.41 36.32 -19.69
N ASN B 142 0.49 37.26 -19.93
CA ASN B 142 0.12 38.65 -20.30
C ASN B 142 1.28 39.29 -21.07
N GLN B 143 1.12 39.39 -22.39
CA GLN B 143 2.11 40.01 -23.30
C GLN B 143 1.35 40.55 -24.51
N PRO B 144 1.90 41.55 -25.25
CA PRO B 144 1.21 42.09 -26.41
C PRO B 144 1.22 41.08 -27.56
N ILE B 145 0.13 41.03 -28.33
CA ILE B 145 -0.05 40.03 -29.43
C ILE B 145 -0.46 40.76 -30.72
N GLU B 146 -0.32 42.08 -30.77
CA GLU B 146 -0.80 42.89 -31.92
C GLU B 146 0.02 42.57 -33.18
N ASN B 147 1.28 42.13 -33.03
CA ASN B 147 2.20 41.95 -34.19
C ASN B 147 2.61 40.48 -34.31
N VAL B 148 1.66 39.56 -34.11
CA VAL B 148 1.96 38.10 -34.18
C VAL B 148 1.55 37.58 -35.56
N GLU B 149 2.43 36.80 -36.18
CA GLU B 149 2.17 36.12 -37.48
C GLU B 149 1.35 34.87 -37.19
N TRP B 150 0.04 35.04 -36.98
CA TRP B 150 -0.90 33.92 -36.73
C TRP B 150 -0.97 33.03 -37.97
N PRO B 151 -0.86 31.70 -37.83
CA PRO B 151 -0.98 30.80 -38.98
C PRO B 151 -2.43 30.70 -39.46
N GLU B 152 -2.63 30.50 -40.76
CA GLU B 152 -3.99 30.48 -41.39
C GLU B 152 -4.74 29.21 -40.96
N SER B 153 -4.05 28.21 -40.40
CA SER B 153 -4.67 26.96 -39.89
C SER B 153 -5.41 27.20 -38.57
N LEU B 154 -5.19 28.33 -37.90
CA LEU B 154 -5.71 28.56 -36.52
C LEU B 154 -7.23 28.76 -36.56
N THR B 155 -7.95 28.02 -35.72
CA THR B 155 -9.43 28.11 -35.60
C THR B 155 -9.86 28.45 -34.17
N THR B 156 -9.04 28.15 -33.17
CA THR B 156 -9.43 28.30 -31.75
C THR B 156 -8.31 28.97 -30.94
N LEU B 157 -8.60 30.15 -30.40
CA LEU B 157 -7.70 30.86 -29.45
C LEU B 157 -8.44 31.07 -28.13
N VAL B 158 -7.95 30.46 -27.05
CA VAL B 158 -8.64 30.47 -25.74
C VAL B 158 -7.69 30.95 -24.64
N PHE B 159 -8.17 31.87 -23.82
CA PHE B 159 -7.52 32.27 -22.56
C PHE B 159 -8.32 31.62 -21.42
N ASN B 160 -7.61 31.26 -20.34
CA ASN B 160 -8.26 30.68 -19.13
C ASN B 160 -9.24 31.72 -18.57
N GLU B 161 -10.28 31.27 -17.88
CA GLU B 161 -11.32 32.17 -17.34
C GLU B 161 -10.74 33.01 -16.20
N ASP B 162 -9.56 32.67 -15.67
CA ASP B 162 -8.90 33.50 -14.63
C ASP B 162 -7.65 34.15 -15.22
N SER B 163 -7.57 34.26 -16.54
CA SER B 163 -6.41 34.85 -17.25
C SER B 163 -6.29 36.34 -16.89
N ILE B 164 -5.05 36.77 -16.59
CA ILE B 164 -4.74 38.19 -16.27
C ILE B 164 -4.37 38.93 -17.57
N PHE B 165 -4.53 38.29 -18.73
CA PHE B 165 -4.22 38.92 -20.05
C PHE B 165 -5.06 40.18 -20.20
N ASN B 166 -4.41 41.30 -20.50
CA ASN B 166 -5.05 42.63 -20.71
C ASN B 166 -4.15 43.45 -21.63
N GLN B 167 -4.45 43.45 -22.93
CA GLN B 167 -3.60 44.09 -23.96
C GLN B 167 -4.50 44.69 -25.01
N PRO B 168 -4.02 45.68 -25.80
CA PRO B 168 -4.80 46.18 -26.93
C PRO B 168 -4.81 45.13 -28.06
N ILE B 169 -5.95 45.00 -28.73
CA ILE B 169 -6.13 43.98 -29.81
C ILE B 169 -6.72 44.65 -31.05
N GLU B 170 -6.68 45.98 -31.13
CA GLU B 170 -7.34 46.72 -32.24
C GLU B 170 -6.52 46.55 -33.52
N ASN B 171 -5.21 46.34 -33.41
CA ASN B 171 -4.29 46.33 -34.57
C ASN B 171 -3.69 44.93 -34.72
N VAL B 172 -4.53 43.91 -34.56
CA VAL B 172 -4.10 42.48 -34.72
C VAL B 172 -4.69 41.93 -36.01
N LYS B 173 -3.98 41.02 -36.65
CA LYS B 173 -4.40 40.39 -37.92
C LYS B 173 -4.88 38.98 -37.61
N TRP B 174 -6.20 38.80 -37.48
CA TRP B 174 -6.82 37.47 -37.26
C TRP B 174 -6.76 36.67 -38.55
N PRO B 175 -6.42 35.36 -38.49
CA PRO B 175 -6.56 34.47 -39.65
C PRO B 175 -8.03 34.37 -40.06
N LYS B 176 -8.28 34.19 -41.36
CA LYS B 176 -9.64 34.33 -41.93
C LYS B 176 -10.49 33.11 -41.62
N LEU B 177 -9.92 32.00 -41.15
CA LEU B 177 -10.69 30.79 -40.78
C LEU B 177 -10.82 30.67 -39.26
N LEU B 178 -10.47 31.71 -38.50
CA LEU B 178 -10.62 31.69 -37.02
C LEU B 178 -12.11 31.69 -36.67
N LYS B 179 -12.53 30.78 -35.81
CA LYS B 179 -13.98 30.54 -35.52
C LYS B 179 -14.28 30.69 -34.03
N THR B 180 -13.29 30.58 -33.14
CA THR B 180 -13.52 30.66 -31.67
C THR B 180 -12.48 31.56 -31.00
N ILE B 181 -12.93 32.63 -30.34
CA ILE B 181 -12.09 33.55 -29.54
C ILE B 181 -12.67 33.67 -28.12
N ILE B 182 -11.94 33.20 -27.11
CA ILE B 182 -12.42 33.22 -25.71
C ILE B 182 -11.44 34.03 -24.87
N PHE B 183 -11.95 35.07 -24.21
CA PHE B 183 -11.15 35.97 -23.36
C PHE B 183 -11.39 35.64 -21.89
N GLY B 184 -10.42 36.00 -21.06
CA GLY B 184 -10.42 35.69 -19.62
C GLY B 184 -10.98 36.83 -18.79
N CYS B 185 -10.74 36.76 -17.49
CA CYS B 185 -11.30 37.63 -16.44
C CYS B 185 -10.87 39.09 -16.65
N HIS B 186 -9.57 39.36 -16.81
CA HIS B 186 -9.00 40.72 -16.63
C HIS B 186 -8.91 41.48 -17.96
N PHE B 187 -9.33 40.88 -19.09
CA PHE B 187 -9.23 41.57 -20.40
C PHE B 187 -10.22 42.74 -20.44
N ASN B 188 -9.70 43.95 -20.64
CA ASN B 188 -10.55 45.17 -20.81
C ASN B 188 -9.80 46.16 -21.71
N HIS B 189 -10.13 46.16 -22.99
CA HIS B 189 -9.51 47.03 -24.02
C HIS B 189 -10.53 47.30 -25.11
N PRO B 190 -10.44 48.45 -25.81
CA PRO B 190 -11.42 48.79 -26.84
C PRO B 190 -11.33 47.82 -28.02
N ILE B 191 -12.46 47.60 -28.68
CA ILE B 191 -12.57 46.70 -29.87
C ILE B 191 -13.28 47.44 -31.00
N GLU B 192 -13.42 48.75 -30.86
CA GLU B 192 -14.24 49.59 -31.79
C GLU B 192 -13.71 49.44 -33.21
N ASN B 193 -12.41 49.18 -33.39
CA ASN B 193 -11.80 49.09 -34.74
C ASN B 193 -11.00 47.79 -34.85
N VAL B 194 -11.52 46.70 -34.31
CA VAL B 194 -10.93 45.35 -34.51
C VAL B 194 -11.47 44.80 -35.82
N LYS B 195 -10.57 44.33 -36.68
CA LYS B 195 -10.95 43.61 -37.94
C LYS B 195 -11.24 42.15 -37.57
N TRP B 196 -12.50 41.83 -37.27
CA TRP B 196 -12.91 40.45 -36.89
C TRP B 196 -12.84 39.56 -38.12
N PRO B 197 -12.42 38.29 -37.98
CA PRO B 197 -12.47 37.34 -39.09
C PRO B 197 -13.91 36.98 -39.48
N GLY B 198 -14.20 36.98 -40.79
CA GLY B 198 -15.53 36.73 -41.38
C GLY B 198 -16.08 35.36 -41.01
N SER B 199 -15.22 34.44 -40.59
CA SER B 199 -15.59 33.03 -40.27
C SER B 199 -15.88 32.87 -38.77
N LEU B 200 -15.91 33.96 -38.00
CA LEU B 200 -16.06 33.86 -36.53
C LEU B 200 -17.48 33.38 -36.20
N THR B 201 -17.59 32.40 -35.29
CA THR B 201 -18.88 31.81 -34.87
C THR B 201 -19.13 32.04 -33.39
N THR B 202 -18.10 32.00 -32.54
CA THR B 202 -18.23 32.17 -31.07
C THR B 202 -17.24 33.22 -30.57
N LEU B 203 -17.74 34.25 -29.89
CA LEU B 203 -16.91 35.28 -29.22
C LEU B 203 -17.31 35.33 -27.74
N ILE B 204 -16.33 35.19 -26.86
CA ILE B 204 -16.58 35.14 -25.39
C ILE B 204 -15.72 36.21 -24.72
N PHE B 205 -16.35 37.05 -23.92
CA PHE B 205 -15.67 38.06 -23.07
C PHE B 205 -15.77 37.62 -21.61
N GLY B 206 -14.86 38.17 -20.80
CA GLY B 206 -14.69 37.81 -19.38
C GLY B 206 -15.36 38.80 -18.45
N ASP B 207 -14.94 38.79 -17.19
CA ASP B 207 -15.62 39.51 -16.09
C ASP B 207 -15.40 41.02 -16.23
N ASP B 208 -14.16 41.45 -16.41
CA ASP B 208 -13.80 42.90 -16.34
C ASP B 208 -14.15 43.62 -17.64
N PHE B 209 -14.55 42.91 -18.70
CA PHE B 209 -14.74 43.53 -20.04
C PHE B 209 -15.96 44.44 -20.03
N ASN B 210 -15.74 45.73 -20.31
CA ASN B 210 -16.83 46.74 -20.40
C ASN B 210 -16.44 47.79 -21.46
N GLN B 211 -16.82 47.55 -22.71
CA GLN B 211 -16.43 48.43 -23.84
C GLN B 211 -17.66 48.70 -24.69
N PRO B 212 -17.76 49.92 -25.27
CA PRO B 212 -18.93 50.29 -26.07
C PRO B 212 -18.99 49.52 -27.40
N PHE B 213 -20.21 49.18 -27.83
CA PHE B 213 -20.47 48.43 -29.08
C PHE B 213 -21.16 49.32 -30.12
N GLU B 214 -21.11 50.65 -29.95
CA GLU B 214 -21.80 51.61 -30.85
C GLU B 214 -21.11 51.63 -32.20
N ASN B 215 -19.78 51.66 -32.20
CA ASN B 215 -18.95 51.77 -33.43
C ASN B 215 -18.39 50.39 -33.77
N VAL B 216 -19.14 49.32 -33.49
CA VAL B 216 -18.67 47.92 -33.71
C VAL B 216 -19.65 47.23 -34.66
N ILE B 217 -19.11 46.49 -35.62
CA ILE B 217 -19.91 45.60 -36.51
C ILE B 217 -19.27 44.21 -36.44
N LEU B 218 -20.08 43.20 -36.16
CA LEU B 218 -19.61 41.79 -36.00
C LEU B 218 -19.97 41.00 -37.25
N PRO B 219 -19.21 39.94 -37.57
CA PRO B 219 -19.47 39.14 -38.77
C PRO B 219 -20.88 38.52 -38.75
N LYS B 220 -21.45 38.32 -39.94
CA LYS B 220 -22.78 37.70 -40.10
C LYS B 220 -22.70 36.20 -39.79
N SER B 221 -21.49 35.66 -39.61
CA SER B 221 -21.27 34.23 -39.27
C SER B 221 -21.39 34.01 -37.76
N LEU B 222 -21.45 35.07 -36.95
CA LEU B 222 -21.39 34.95 -35.47
C LEU B 222 -22.68 34.31 -34.97
N THR B 223 -22.55 33.29 -34.13
CA THR B 223 -23.69 32.49 -33.60
C THR B 223 -23.79 32.66 -32.08
N ASN B 224 -22.67 32.63 -31.37
CA ASN B 224 -22.65 32.60 -29.88
C ASN B 224 -21.85 33.79 -29.36
N LEU B 225 -22.45 34.55 -28.45
CA LEU B 225 -21.79 35.73 -27.82
C LEU B 225 -21.98 35.66 -26.31
N THR B 226 -20.91 35.91 -25.55
CA THR B 226 -20.93 35.82 -24.07
C THR B 226 -20.35 37.10 -23.46
N PHE B 227 -21.01 37.61 -22.44
CA PHE B 227 -20.58 38.79 -21.67
C PHE B 227 -20.51 38.44 -20.19
N GLY B 228 -19.77 39.25 -19.43
CA GLY B 228 -19.50 39.03 -18.00
C GLY B 228 -20.29 39.97 -17.10
N PRO B 229 -19.98 39.97 -15.79
CA PRO B 229 -20.64 40.84 -14.81
C PRO B 229 -20.46 42.35 -15.03
N ASN B 230 -19.25 42.80 -15.34
CA ASN B 230 -18.93 44.26 -15.38
C ASN B 230 -19.43 44.88 -16.69
N PHE B 231 -20.16 44.14 -17.53
CA PHE B 231 -20.60 44.64 -18.85
C PHE B 231 -21.98 45.30 -18.72
N ASN B 232 -22.05 46.60 -19.02
CA ASN B 232 -23.33 47.35 -19.00
C ASN B 232 -23.38 48.33 -20.18
N GLN B 233 -22.97 47.90 -21.38
CA GLN B 233 -22.98 48.78 -22.57
C GLN B 233 -24.17 48.42 -23.46
N PRO B 234 -24.77 49.40 -24.16
CA PRO B 234 -25.92 49.13 -25.03
C PRO B 234 -25.54 48.31 -26.27
N LEU B 235 -26.47 47.45 -26.68
CA LEU B 235 -26.30 46.55 -27.85
C LEU B 235 -27.43 46.81 -28.84
N ASN B 236 -27.13 47.42 -29.99
CA ASN B 236 -28.16 47.80 -30.99
C ASN B 236 -27.80 47.27 -32.37
N PHE B 237 -26.55 46.85 -32.60
CA PHE B 237 -26.04 46.52 -33.96
C PHE B 237 -25.37 45.15 -33.94
N LEU B 238 -26.01 44.17 -33.31
CA LEU B 238 -25.53 42.76 -33.40
C LEU B 238 -26.08 42.14 -34.68
N PRO B 239 -25.34 41.20 -35.31
CA PRO B 239 -25.79 40.56 -36.54
C PRO B 239 -27.11 39.79 -36.31
N GLU B 240 -27.99 39.80 -37.31
CA GLU B 240 -29.35 39.21 -37.19
C GLU B 240 -29.24 37.69 -37.03
N SER B 241 -28.21 37.10 -37.65
CA SER B 241 -27.97 35.64 -37.67
C SER B 241 -27.47 35.12 -36.31
N LEU B 242 -27.35 35.97 -35.28
CA LEU B 242 -26.96 35.53 -33.92
C LEU B 242 -28.05 34.63 -33.34
N LYS B 243 -27.65 33.59 -32.62
CA LYS B 243 -28.58 32.56 -32.09
C LYS B 243 -28.44 32.37 -30.57
N ASN B 244 -27.26 32.60 -30.00
CA ASN B 244 -27.04 32.49 -28.53
C ASN B 244 -26.35 33.75 -28.03
N ILE B 245 -26.94 34.45 -27.07
CA ILE B 245 -26.27 35.54 -26.32
C ILE B 245 -26.31 35.20 -24.83
N THR B 246 -25.34 35.71 -24.08
CA THR B 246 -25.21 35.44 -22.63
C THR B 246 -24.81 36.74 -21.93
N ILE B 247 -25.61 37.15 -20.93
CA ILE B 247 -25.37 38.40 -20.15
C ILE B 247 -25.54 38.08 -18.66
N THR B 248 -25.44 39.10 -17.82
CA THR B 248 -25.55 39.02 -16.35
C THR B 248 -26.67 39.94 -15.85
N THR B 249 -27.06 39.79 -14.58
CA THR B 249 -28.12 40.58 -13.94
C THR B 249 -27.61 41.98 -13.60
N ASN B 250 -26.30 42.23 -13.73
CA ASN B 250 -25.71 43.57 -13.52
C ASN B 250 -26.01 44.46 -14.72
N TYR B 251 -26.39 43.87 -15.87
CA TYR B 251 -26.80 44.63 -17.08
C TYR B 251 -28.05 45.45 -16.73
N GLN B 252 -28.10 46.71 -17.16
CA GLN B 252 -29.25 47.60 -16.84
C GLN B 252 -29.59 48.47 -18.05
N GLN B 253 -29.16 48.07 -19.25
CA GLN B 253 -29.54 48.75 -20.51
C GLN B 253 -30.75 48.01 -21.09
N ASN B 254 -31.53 48.70 -21.91
CA ASN B 254 -32.72 48.11 -22.58
C ASN B 254 -32.25 47.15 -23.68
N LEU B 255 -33.09 46.19 -24.04
CA LEU B 255 -32.74 45.14 -25.03
C LEU B 255 -33.79 45.11 -26.15
N TYR B 256 -34.47 46.23 -26.41
CA TYR B 256 -35.53 46.29 -27.45
C TYR B 256 -34.91 46.10 -28.85
N ASN B 257 -33.64 46.46 -29.02
CA ASN B 257 -32.95 46.43 -30.34
C ASN B 257 -32.16 45.13 -30.51
N LEU B 258 -32.34 44.14 -29.63
CA LEU B 258 -31.64 42.83 -29.76
C LEU B 258 -32.05 42.21 -31.09
N PRO B 259 -31.13 41.52 -31.78
CA PRO B 259 -31.47 40.86 -33.05
C PRO B 259 -32.50 39.75 -32.81
N SER B 260 -33.63 39.79 -33.53
CA SER B 260 -34.71 38.78 -33.45
C SER B 260 -34.15 37.44 -33.94
N SER B 261 -34.96 36.38 -33.90
CA SER B 261 -34.53 35.00 -34.26
C SER B 261 -33.34 34.58 -33.37
N LEU B 262 -33.43 34.88 -32.07
CA LEU B 262 -32.51 34.38 -31.02
C LEU B 262 -33.20 33.22 -30.30
N ASN B 263 -32.46 32.16 -29.98
CA ASN B 263 -33.05 30.92 -29.41
C ASN B 263 -32.75 30.86 -27.91
N CYS B 264 -31.57 31.31 -27.48
CA CYS B 264 -31.20 31.41 -26.04
C CYS B 264 -30.74 32.82 -25.71
N ILE B 265 -31.39 33.44 -24.73
CA ILE B 265 -30.84 34.63 -24.01
C ILE B 265 -30.55 34.17 -22.58
N LYS B 266 -29.31 33.81 -22.30
CA LYS B 266 -28.91 33.29 -20.97
C LYS B 266 -28.57 34.47 -20.06
N ILE B 267 -29.17 34.49 -18.86
CA ILE B 267 -28.90 35.54 -17.83
C ILE B 267 -28.28 34.83 -16.63
N ILE B 268 -27.05 35.22 -16.28
CA ILE B 268 -26.32 34.66 -15.12
C ILE B 268 -26.57 35.60 -13.93
N SER B 269 -27.31 35.13 -12.94
CA SER B 269 -27.59 35.90 -11.69
C SER B 269 -26.29 36.12 -10.92
N TYR B 270 -26.08 37.35 -10.44
CA TYR B 270 -24.96 37.71 -9.56
C TYR B 270 -25.49 38.40 -8.31
N LYS B 271 -24.73 38.34 -7.22
CA LYS B 271 -25.05 39.00 -5.94
C LYS B 271 -25.13 40.50 -6.20
N ARG B 272 -26.16 41.15 -5.66
CA ARG B 272 -26.43 42.59 -5.90
C ARG B 272 -25.52 43.44 -5.00
N THR B 273 -25.49 44.75 -5.22
CA THR B 273 -24.75 45.71 -4.37
C THR B 273 -25.71 46.26 -3.29
N TYR B 274 -25.28 47.27 -2.53
CA TYR B 274 -26.04 47.78 -1.36
C TYR B 274 -26.56 49.20 -1.59
N GLU B 275 -26.29 49.80 -2.75
CA GLU B 275 -26.48 51.26 -2.97
C GLU B 275 -27.97 51.60 -3.01
N HIS B 276 -28.73 50.83 -3.77
CA HIS B 276 -30.20 51.01 -3.95
C HIS B 276 -30.92 50.95 -2.60
N ILE B 277 -30.26 50.50 -1.53
CA ILE B 277 -30.89 50.41 -0.18
C ILE B 277 -30.34 51.50 0.74
N VAL B 278 -29.03 51.72 0.75
CA VAL B 278 -28.40 52.77 1.60
C VAL B 278 -28.95 54.13 1.17
N ASN B 279 -29.30 54.29 -0.11
CA ASN B 279 -29.74 55.60 -0.67
C ASN B 279 -31.17 55.93 -0.23
N VAL B 280 -31.92 54.96 0.30
CA VAL B 280 -33.34 55.20 0.73
C VAL B 280 -33.43 55.08 2.26
N LEU B 281 -32.30 55.24 2.96
CA LEU B 281 -32.26 55.35 4.44
C LEU B 281 -32.30 56.83 4.83
N PRO B 282 -32.74 57.17 6.08
CA PRO B 282 -32.40 58.45 6.67
C PRO B 282 -30.87 58.63 6.73
N GLU B 283 -30.39 59.87 6.58
CA GLU B 283 -28.94 60.16 6.46
C GLU B 283 -28.21 59.67 7.71
N HIS B 284 -28.68 60.04 8.90
CA HIS B 284 -27.98 59.73 10.18
C HIS B 284 -27.87 58.22 10.40
N LEU B 285 -28.66 57.40 9.69
CA LEU B 285 -28.59 55.92 9.83
C LEU B 285 -27.64 55.31 8.81
N LYS B 286 -27.31 56.02 7.73
CA LYS B 286 -26.47 55.44 6.63
C LYS B 286 -25.11 54.99 7.18
N LYS B 287 -24.65 55.58 8.27
CA LYS B 287 -23.31 55.30 8.85
C LYS B 287 -23.36 54.03 9.70
N LYS B 288 -24.55 53.49 10.02
CA LYS B 288 -24.70 52.34 10.94
C LYS B 288 -25.09 51.07 10.16
N VAL B 289 -24.63 50.96 8.91
CA VAL B 289 -25.00 49.84 8.00
C VAL B 289 -23.86 48.84 7.98
N ILE B 290 -24.17 47.55 8.00
CA ILE B 290 -23.16 46.47 7.86
C ILE B 290 -23.47 45.68 6.60
N LYS B 291 -22.55 45.69 5.64
CA LYS B 291 -22.77 45.10 4.29
C LYS B 291 -22.27 43.66 4.27
N ILE B 292 -23.18 42.69 4.27
CA ILE B 292 -22.80 41.25 4.32
C ILE B 292 -23.08 40.62 2.95
N GLY C 1 -10.44 6.83 41.53
CA GLY C 1 -11.71 6.08 41.24
C GLY C 1 -12.39 6.57 39.97
N SER C 2 -12.83 5.66 39.11
CA SER C 2 -13.48 5.97 37.82
C SER C 2 -14.97 6.21 38.05
N MET C 3 -15.48 7.36 37.62
CA MET C 3 -16.91 7.70 37.77
C MET C 3 -17.52 7.98 36.38
N THR C 4 -16.75 7.78 35.32
CA THR C 4 -17.18 7.99 33.93
C THR C 4 -17.01 6.67 33.17
N LEU C 5 -18.02 6.25 32.43
CA LEU C 5 -17.99 4.96 31.71
C LEU C 5 -18.57 5.11 30.30
N VAL C 6 -17.83 4.61 29.32
CA VAL C 6 -18.32 4.43 27.92
C VAL C 6 -18.42 2.93 27.67
N ILE C 7 -19.64 2.40 27.65
CA ILE C 7 -19.87 0.95 27.37
C ILE C 7 -19.75 0.72 25.86
N LYS C 8 -18.75 -0.06 25.45
CA LYS C 8 -18.49 -0.39 24.03
C LYS C 8 -18.87 -1.85 23.75
N THR C 9 -18.56 -2.76 24.68
CA THR C 9 -18.80 -4.21 24.51
C THR C 9 -19.56 -4.74 25.72
N ASN C 10 -20.16 -5.92 25.58
CA ASN C 10 -20.97 -6.56 26.65
C ASN C 10 -20.05 -6.89 27.84
N GLU C 11 -18.73 -6.97 27.63
CA GLU C 11 -17.78 -7.10 28.76
C GLU C 11 -17.77 -5.80 29.58
N ASP C 12 -17.91 -4.66 28.93
CA ASP C 12 -17.81 -3.32 29.57
C ASP C 12 -18.92 -3.15 30.59
N LEU C 13 -20.04 -3.86 30.47
CA LEU C 13 -21.15 -3.82 31.47
C LEU C 13 -20.61 -4.22 32.85
N ASN C 14 -19.51 -4.97 32.93
CA ASN C 14 -18.92 -5.40 34.22
C ASN C 14 -18.41 -4.17 34.98
N LYS C 15 -18.15 -3.07 34.26
CA LYS C 15 -17.61 -1.83 34.87
C LYS C 15 -18.74 -0.96 35.41
N LEU C 16 -20.01 -1.35 35.22
CA LEU C 16 -21.15 -0.59 35.80
C LEU C 16 -21.16 -0.79 37.31
N ASN C 17 -21.38 0.31 38.05
CA ASN C 17 -21.51 0.28 39.52
C ASN C 17 -22.05 1.64 39.97
N ASP C 18 -22.36 1.76 41.26
CA ASP C 18 -23.10 2.92 41.81
C ASP C 18 -22.19 4.16 41.85
N ASN C 19 -20.92 4.04 41.46
CA ASN C 19 -19.97 5.18 41.46
C ASN C 19 -19.95 5.88 40.09
N ILE C 20 -20.87 5.55 39.19
CA ILE C 20 -20.88 6.10 37.81
C ILE C 20 -21.88 7.24 37.77
N HIS C 21 -21.46 8.43 37.33
CA HIS C 21 -22.37 9.59 37.22
C HIS C 21 -22.47 10.02 35.76
N THR C 22 -21.51 9.66 34.93
CA THR C 22 -21.52 9.94 33.47
C THR C 22 -21.44 8.60 32.73
N LEU C 23 -22.40 8.35 31.85
CA LEU C 23 -22.52 7.03 31.17
C LEU C 23 -22.84 7.26 29.69
N THR C 24 -22.38 6.34 28.84
CA THR C 24 -22.61 6.37 27.38
C THR C 24 -22.87 4.95 26.90
N ILE C 25 -23.94 4.77 26.11
CA ILE C 25 -24.36 3.46 25.55
C ILE C 25 -24.64 3.65 24.06
N GLY C 26 -24.21 2.69 23.24
CA GLY C 26 -24.62 2.56 21.84
C GLY C 26 -23.63 3.12 20.85
N ALA C 27 -22.35 3.25 21.23
CA ALA C 27 -21.29 3.78 20.34
C ALA C 27 -21.02 2.79 19.19
N ASN C 28 -21.10 1.48 19.44
CA ASN C 28 -20.63 0.46 18.47
C ASN C 28 -21.77 -0.43 18.00
N PHE C 29 -22.82 -0.64 18.82
CA PHE C 29 -23.99 -1.45 18.40
C PHE C 29 -25.20 -1.16 19.30
N ASN C 30 -26.37 -1.57 18.81
CA ASN C 30 -27.68 -1.31 19.47
C ASN C 30 -27.73 -2.16 20.73
N GLN C 31 -27.11 -1.70 21.80
CA GLN C 31 -26.96 -2.52 23.03
C GLN C 31 -28.30 -2.63 23.74
N PRO C 32 -28.72 -3.85 24.16
CA PRO C 32 -29.92 -4.01 25.00
C PRO C 32 -29.67 -3.51 26.42
N ILE C 33 -30.68 -2.88 27.01
CA ILE C 33 -30.59 -2.20 28.34
C ILE C 33 -31.69 -2.75 29.26
N GLU C 34 -32.36 -3.80 28.83
CA GLU C 34 -33.58 -4.35 29.49
C GLU C 34 -33.23 -4.81 30.91
N HIS C 35 -32.07 -5.44 31.10
CA HIS C 35 -31.68 -6.05 32.40
C HIS C 35 -30.56 -5.26 33.08
N ILE C 36 -30.34 -3.99 32.71
CA ILE C 36 -29.29 -3.16 33.33
C ILE C 36 -29.81 -2.57 34.64
N LYS C 37 -29.01 -2.69 35.70
CA LYS C 37 -29.23 -1.95 36.96
C LYS C 37 -28.51 -0.61 36.83
N TRP C 38 -29.24 0.49 36.81
CA TRP C 38 -28.66 1.83 36.58
C TRP C 38 -27.99 2.32 37.86
N PRO C 39 -26.82 2.99 37.76
CA PRO C 39 -26.15 3.57 38.93
C PRO C 39 -27.05 4.55 39.67
N LYS C 40 -27.00 4.53 41.00
CA LYS C 40 -27.91 5.30 41.88
C LYS C 40 -27.48 6.78 41.90
N LEU C 41 -26.31 7.16 41.38
CA LEU C 41 -25.89 8.59 41.36
C LEU C 41 -25.81 9.13 39.92
N LEU C 42 -26.45 8.45 38.97
CA LEU C 42 -26.30 8.79 37.54
C LEU C 42 -26.88 10.19 37.31
N THR C 43 -26.09 11.08 36.72
CA THR C 43 -26.52 12.48 36.43
C THR C 43 -26.55 12.74 34.93
N THR C 44 -25.76 12.05 34.13
CA THR C 44 -25.59 12.31 32.68
C THR C 44 -25.62 10.97 31.94
N LEU C 45 -26.56 10.83 31.01
CA LEU C 45 -26.73 9.60 30.20
C LEU C 45 -26.81 9.98 28.74
N THR C 46 -25.84 9.52 27.95
CA THR C 46 -25.84 9.74 26.49
C THR C 46 -26.07 8.42 25.75
N PHE C 47 -27.07 8.39 24.87
CA PHE C 47 -27.30 7.27 23.93
C PHE C 47 -26.69 7.65 22.58
N GLU C 48 -25.83 6.79 22.06
CA GLU C 48 -25.00 7.10 20.87
C GLU C 48 -25.69 6.60 19.58
N TRP C 49 -24.95 6.64 18.47
CA TRP C 49 -25.44 6.48 17.08
C TRP C 49 -26.34 5.23 16.95
N TYR C 50 -25.94 4.08 17.50
CA TYR C 50 -26.57 2.78 17.18
C TYR C 50 -27.73 2.45 18.14
N PHE C 51 -27.93 3.21 19.21
CA PHE C 51 -28.89 2.81 20.27
C PHE C 51 -30.32 3.02 19.77
N ASP C 52 -31.09 1.95 19.79
CA ASP C 52 -32.54 1.98 19.50
C ASP C 52 -33.18 0.82 20.26
N GLN C 53 -33.61 1.08 21.50
CA GLN C 53 -34.26 0.06 22.34
C GLN C 53 -35.46 0.70 23.04
N PRO C 54 -36.52 -0.09 23.35
CA PRO C 54 -37.66 0.42 24.08
C PRO C 54 -37.25 0.91 25.48
N ILE C 55 -37.90 1.96 25.97
CA ILE C 55 -37.59 2.57 27.29
C ILE C 55 -38.87 2.78 28.11
N GLU C 56 -40.04 2.38 27.62
CA GLU C 56 -41.32 2.69 28.32
C GLU C 56 -41.41 1.89 29.62
N ASN C 57 -40.63 0.81 29.76
CA ASN C 57 -40.67 -0.04 30.98
C ASN C 57 -39.26 -0.10 31.60
N VAL C 58 -38.38 0.82 31.21
CA VAL C 58 -37.08 1.03 31.89
C VAL C 58 -37.25 2.23 32.82
N LYS C 59 -36.88 2.10 34.09
CA LYS C 59 -36.98 3.22 35.05
C LYS C 59 -35.59 3.81 35.28
N LEU C 60 -35.32 4.96 34.70
CA LEU C 60 -34.00 5.64 34.84
C LEU C 60 -33.91 6.33 36.20
N PRO C 61 -32.70 6.46 36.79
CA PRO C 61 -32.53 7.09 38.10
C PRO C 61 -33.07 8.53 38.17
N ASP C 62 -33.76 8.86 39.25
CA ASP C 62 -34.35 10.21 39.48
C ASP C 62 -33.26 11.27 39.46
N SER C 63 -32.02 10.91 39.81
CA SER C 63 -30.84 11.80 39.86
C SER C 63 -30.38 12.21 38.46
N LEU C 64 -30.93 11.62 37.39
CA LEU C 64 -30.49 11.85 36.00
C LEU C 64 -31.02 13.20 35.52
N THR C 65 -30.15 14.17 35.28
CA THR C 65 -30.56 15.56 34.95
C THR C 65 -30.34 15.82 33.46
N THR C 66 -29.37 15.15 32.85
CA THR C 66 -28.95 15.44 31.45
C THR C 66 -29.03 14.13 30.67
N LEU C 67 -29.91 14.08 29.68
CA LEU C 67 -30.28 12.84 28.96
C LEU C 67 -30.34 13.13 27.46
N THR C 68 -29.45 12.50 26.70
CA THR C 68 -29.40 12.62 25.23
C THR C 68 -29.80 11.30 24.55
N PHE C 69 -30.63 11.38 23.53
CA PHE C 69 -30.93 10.27 22.59
C PHE C 69 -30.17 10.50 21.29
N GLY C 70 -29.71 9.40 20.67
CA GLY C 70 -28.79 9.42 19.52
C GLY C 70 -29.52 9.38 18.19
N TYR C 71 -28.74 9.19 17.12
CA TYR C 71 -29.20 9.12 15.71
C TYR C 71 -30.36 8.12 15.56
N SER C 72 -30.16 6.86 15.99
CA SER C 72 -31.02 5.71 15.63
C SER C 72 -32.26 5.58 16.53
N PHE C 73 -32.37 6.33 17.63
CA PHE C 73 -33.41 6.08 18.65
C PHE C 73 -34.79 6.46 18.08
N ASN C 74 -35.69 5.50 17.99
CA ASN C 74 -37.09 5.74 17.59
C ASN C 74 -37.99 4.73 18.30
N GLN C 75 -38.49 5.10 19.47
CA GLN C 75 -39.32 4.23 20.34
C GLN C 75 -40.40 5.09 20.98
N PRO C 76 -41.55 4.49 21.35
CA PRO C 76 -42.61 5.24 22.03
C PRO C 76 -42.10 5.70 23.40
N ILE C 77 -42.51 6.90 23.85
CA ILE C 77 -42.03 7.47 25.15
C ILE C 77 -43.20 7.94 26.02
N GLU C 78 -44.45 7.77 25.56
CA GLU C 78 -45.60 8.41 26.25
C GLU C 78 -45.81 7.78 27.63
N LYS C 79 -45.37 6.53 27.82
CA LYS C 79 -45.57 5.81 29.11
C LYS C 79 -44.32 5.82 29.97
N VAL C 80 -43.26 6.51 29.54
CA VAL C 80 -42.00 6.56 30.33
C VAL C 80 -42.26 7.32 31.63
N LYS C 81 -41.78 6.77 32.74
CA LYS C 81 -41.69 7.52 34.03
C LYS C 81 -40.32 8.18 34.05
N TRP C 82 -40.28 9.46 33.72
CA TRP C 82 -39.00 10.20 33.58
C TRP C 82 -38.39 10.40 34.96
N PRO C 83 -37.05 10.58 35.02
CA PRO C 83 -36.40 11.00 36.26
C PRO C 83 -37.00 12.29 36.83
N LYS C 84 -37.29 12.30 38.13
CA LYS C 84 -37.90 13.46 38.83
C LYS C 84 -36.99 14.69 38.84
N THR C 85 -35.73 14.62 38.40
CA THR C 85 -34.83 15.80 38.36
C THR C 85 -34.32 16.07 36.94
N LEU C 86 -34.95 15.47 35.94
CA LEU C 86 -34.55 15.66 34.52
C LEU C 86 -34.80 17.12 34.13
N ALA C 87 -33.81 17.75 33.50
CA ALA C 87 -33.78 19.21 33.24
C ALA C 87 -33.42 19.46 31.78
N PHE C 88 -32.59 18.60 31.20
CA PHE C 88 -32.06 18.77 29.84
C PHE C 88 -32.31 17.47 29.06
N LEU C 89 -33.18 17.54 28.05
CA LEU C 89 -33.56 16.37 27.21
C LEU C 89 -33.30 16.71 25.73
N THR C 90 -32.49 15.89 25.07
CA THR C 90 -32.19 16.02 23.62
C THR C 90 -32.67 14.77 22.87
N PHE C 91 -33.29 14.98 21.71
CA PHE C 91 -33.73 13.91 20.79
C PHE C 91 -32.90 13.96 19.50
N GLY C 92 -32.74 12.79 18.89
CA GLY C 92 -31.88 12.59 17.71
C GLY C 92 -32.66 12.71 16.42
N TYR C 93 -32.07 12.20 15.36
CA TYR C 93 -32.57 12.35 13.96
C TYR C 93 -33.85 11.52 13.79
N LYS C 94 -33.80 10.24 14.12
CA LYS C 94 -34.85 9.25 13.76
C LYS C 94 -36.11 9.42 14.63
N PHE C 95 -36.03 10.04 15.80
CA PHE C 95 -37.13 9.95 16.80
C PHE C 95 -38.35 10.66 16.24
N ASN C 96 -39.43 9.91 16.03
CA ASN C 96 -40.73 10.44 15.53
C ASN C 96 -41.87 9.58 16.08
N LYS C 97 -42.41 9.96 17.23
CA LYS C 97 -43.46 9.20 17.95
C LYS C 97 -44.32 10.23 18.68
N PRO C 98 -45.61 9.92 18.97
CA PRO C 98 -46.49 10.89 19.61
C PRO C 98 -46.02 11.24 21.02
N ILE C 99 -46.24 12.48 21.46
CA ILE C 99 -45.82 12.94 22.81
C ILE C 99 -46.95 13.68 23.52
N GLU C 100 -48.14 13.77 22.93
CA GLU C 100 -49.27 14.53 23.53
C GLU C 100 -49.70 13.90 24.87
N LYS C 101 -49.38 12.64 25.14
CA LYS C 101 -49.77 11.97 26.41
C LYS C 101 -48.60 11.88 27.39
N VAL C 102 -47.52 12.60 27.16
CA VAL C 102 -46.27 12.41 27.96
C VAL C 102 -46.46 13.01 29.35
N LYS C 103 -45.89 12.38 30.38
CA LYS C 103 -45.87 12.91 31.76
C LYS C 103 -44.49 13.52 32.02
N TRP C 104 -44.28 14.74 31.55
CA TRP C 104 -42.99 15.46 31.75
C TRP C 104 -42.79 15.70 33.23
N PRO C 105 -41.54 15.54 33.75
CA PRO C 105 -41.21 16.03 35.08
C PRO C 105 -41.11 17.55 35.08
N ASP C 106 -41.74 18.19 36.07
CA ASP C 106 -41.85 19.67 36.18
C ASP C 106 -40.47 20.31 36.35
N SER C 107 -39.39 19.53 36.40
CA SER C 107 -37.98 20.02 36.45
C SER C 107 -37.44 20.28 35.03
N LEU C 108 -38.12 19.83 33.98
CA LEU C 108 -37.57 19.92 32.60
C LEU C 108 -37.59 21.38 32.15
N THR C 109 -36.46 21.90 31.71
CA THR C 109 -36.27 23.33 31.34
C THR C 109 -35.89 23.45 29.87
N THR C 110 -35.19 22.46 29.32
CA THR C 110 -34.52 22.60 28.01
C THR C 110 -34.90 21.36 27.19
N LEU C 111 -35.57 21.56 26.06
CA LEU C 111 -35.95 20.45 25.14
C LEU C 111 -35.44 20.80 23.74
N ILE C 112 -34.54 19.97 23.21
CA ILE C 112 -33.89 20.22 21.90
C ILE C 112 -34.07 18.99 21.03
N PHE C 113 -34.65 19.16 19.85
CA PHE C 113 -34.63 18.15 18.76
C PHE C 113 -33.41 18.43 17.88
N GLU C 114 -32.81 17.36 17.38
CA GLU C 114 -31.62 17.43 16.49
C GLU C 114 -31.98 18.26 15.25
N GLU C 115 -30.97 18.78 14.57
CA GLU C 115 -31.12 19.77 13.47
C GLU C 115 -32.04 19.18 12.41
N ASN C 116 -31.80 17.92 12.04
CA ASN C 116 -32.47 17.25 10.92
C ASN C 116 -33.58 16.36 11.45
N SER C 117 -34.06 16.59 12.68
CA SER C 117 -35.04 15.71 13.38
C SER C 117 -36.24 15.44 12.47
N LEU C 118 -36.66 14.18 12.40
CA LEU C 118 -37.83 13.72 11.61
C LEU C 118 -39.09 13.82 12.46
N PHE C 119 -39.06 14.56 13.56
CA PHE C 119 -40.19 14.61 14.51
C PHE C 119 -41.29 15.47 13.89
N ASP C 120 -42.44 14.85 13.60
CA ASP C 120 -43.61 15.56 13.05
C ASP C 120 -44.86 14.95 13.66
N GLN C 121 -45.22 15.41 14.86
CA GLN C 121 -46.36 14.88 15.63
C GLN C 121 -47.17 16.03 16.22
N SER C 122 -48.47 15.79 16.38
CA SER C 122 -49.42 16.75 17.01
C SER C 122 -48.91 17.12 18.42
N ILE C 123 -48.97 18.38 18.80
CA ILE C 123 -48.55 18.81 20.18
C ILE C 123 -49.60 19.69 20.85
N GLU C 124 -50.75 19.95 20.23
CA GLU C 124 -51.74 20.92 20.77
C GLU C 124 -52.34 20.38 22.08
N LYS C 125 -52.39 19.06 22.28
CA LYS C 125 -52.99 18.46 23.50
C LYS C 125 -51.93 18.32 24.61
N ILE C 126 -50.65 18.60 24.32
CA ILE C 126 -49.53 18.30 25.26
C ILE C 126 -49.64 19.20 26.48
N LYS C 127 -49.22 18.68 27.63
CA LYS C 127 -49.07 19.46 28.88
C LYS C 127 -47.58 19.57 29.18
N TRP C 128 -47.03 20.76 28.95
CA TRP C 128 -45.59 21.06 29.14
C TRP C 128 -45.28 21.08 30.63
N SER C 129 -44.00 20.97 30.96
CA SER C 129 -43.49 21.17 32.34
C SER C 129 -43.52 22.65 32.69
N ASN C 130 -43.87 22.98 33.94
CA ASN C 130 -43.97 24.37 34.43
C ASN C 130 -42.55 24.97 34.60
N SER C 131 -41.49 24.29 34.16
CA SER C 131 -40.12 24.87 34.20
C SER C 131 -39.53 24.95 32.80
N LEU C 132 -40.27 24.57 31.75
CA LEU C 132 -39.72 24.60 30.38
C LEU C 132 -39.47 26.05 29.98
N THR C 133 -38.25 26.38 29.59
CA THR C 133 -37.87 27.77 29.21
C THR C 133 -37.33 27.79 27.78
N THR C 134 -36.74 26.71 27.30
CA THR C 134 -36.03 26.68 25.98
C THR C 134 -36.50 25.46 25.19
N LEU C 135 -37.07 25.68 24.01
CA LEU C 135 -37.69 24.63 23.18
C LEU C 135 -37.23 24.80 21.73
N ILE C 136 -36.41 23.89 21.24
CA ILE C 136 -35.83 24.00 19.88
C ILE C 136 -36.35 22.85 19.00
N PHE C 137 -36.93 23.21 17.86
CA PHE C 137 -37.49 22.24 16.90
C PHE C 137 -36.47 21.97 15.80
N GLY C 138 -36.63 20.79 15.18
CA GLY C 138 -35.80 20.34 14.06
C GLY C 138 -36.37 20.78 12.73
N TRP C 139 -35.82 20.19 11.68
CA TRP C 139 -36.21 20.43 10.27
C TRP C 139 -37.70 20.14 10.04
N ASN C 140 -38.14 18.92 10.27
CA ASN C 140 -39.37 18.38 9.62
C ASN C 140 -40.61 18.58 10.48
N PHE C 141 -40.61 19.49 11.45
CA PHE C 141 -41.80 19.67 12.32
C PHE C 141 -42.74 20.67 11.65
N ASN C 142 -43.97 20.23 11.37
CA ASN C 142 -45.00 21.11 10.77
C ASN C 142 -46.39 20.65 11.22
N GLN C 143 -46.85 21.22 12.34
CA GLN C 143 -48.16 20.90 12.96
C GLN C 143 -48.70 22.18 13.60
N PRO C 144 -50.03 22.29 13.78
CA PRO C 144 -50.63 23.50 14.36
C PRO C 144 -50.16 23.73 15.80
N ILE C 145 -50.05 25.01 16.20
CA ILE C 145 -49.59 25.39 17.56
C ILE C 145 -50.54 26.43 18.16
N GLU C 146 -51.70 26.66 17.55
CA GLU C 146 -52.61 27.76 17.98
C GLU C 146 -53.28 27.44 19.32
N ASN C 147 -53.33 26.18 19.74
CA ASN C 147 -54.06 25.80 20.99
C ASN C 147 -53.12 25.02 21.91
N VAL C 148 -51.88 25.49 22.09
CA VAL C 148 -50.84 24.67 22.75
C VAL C 148 -50.87 24.88 24.27
N GLU C 149 -51.21 26.06 24.76
CA GLU C 149 -51.18 26.32 26.22
C GLU C 149 -49.73 26.19 26.69
N TRP C 150 -48.87 27.07 26.20
CA TRP C 150 -47.45 27.17 26.63
C TRP C 150 -47.43 27.53 28.12
N PRO C 151 -46.38 27.12 28.84
CA PRO C 151 -46.20 27.54 30.23
C PRO C 151 -45.55 28.94 30.35
N GLU C 152 -45.84 29.64 31.45
CA GLU C 152 -45.34 31.01 31.71
C GLU C 152 -43.82 31.01 31.88
N SER C 153 -43.20 29.85 32.08
CA SER C 153 -41.73 29.71 32.21
C SER C 153 -41.02 29.88 30.86
N LEU C 154 -41.72 29.74 29.73
CA LEU C 154 -41.07 29.67 28.40
C LEU C 154 -40.54 31.05 28.01
N THR C 155 -39.27 31.11 27.60
CA THR C 155 -38.58 32.37 27.24
C THR C 155 -38.01 32.27 25.82
N THR C 156 -37.75 31.07 25.31
CA THR C 156 -37.06 30.89 24.00
C THR C 156 -37.76 29.81 23.18
N LEU C 157 -38.25 30.18 21.99
CA LEU C 157 -38.88 29.24 21.02
C LEU C 157 -38.17 29.39 19.68
N VAL C 158 -37.44 28.37 19.26
CA VAL C 158 -36.62 28.39 18.02
C VAL C 158 -37.04 27.24 17.10
N PHE C 159 -37.26 27.56 15.84
CA PHE C 159 -37.36 26.60 14.72
C PHE C 159 -36.03 26.62 13.95
N ASN C 160 -35.60 25.47 13.46
CA ASN C 160 -34.34 25.35 12.68
C ASN C 160 -34.44 26.29 11.48
N GLU C 161 -33.34 26.75 10.93
CA GLU C 161 -33.36 27.71 9.80
C GLU C 161 -33.95 26.99 8.57
N ASP C 162 -33.87 25.66 8.49
CA ASP C 162 -34.39 24.91 7.33
C ASP C 162 -35.79 24.33 7.63
N SER C 163 -36.41 24.78 8.73
CA SER C 163 -37.76 24.31 9.18
C SER C 163 -38.77 24.43 8.04
N ILE C 164 -39.63 23.42 7.89
CA ILE C 164 -40.77 23.42 6.92
C ILE C 164 -42.05 23.80 7.67
N PHE C 165 -41.94 24.29 8.91
CA PHE C 165 -43.10 24.74 9.71
C PHE C 165 -43.78 25.92 9.02
N ASN C 166 -45.05 25.77 8.69
CA ASN C 166 -45.84 26.85 8.06
C ASN C 166 -47.30 26.69 8.48
N GLN C 167 -47.67 27.36 9.58
CA GLN C 167 -49.01 27.23 10.17
C GLN C 167 -49.51 28.60 10.56
N PRO C 168 -50.84 28.79 10.65
CA PRO C 168 -51.40 30.04 11.18
C PRO C 168 -51.03 30.21 12.65
N ILE C 169 -50.73 31.45 13.05
CA ILE C 169 -50.25 31.75 14.42
C ILE C 169 -51.03 32.91 15.01
N GLU C 170 -52.06 33.40 14.32
CA GLU C 170 -52.78 34.63 14.74
C GLU C 170 -53.53 34.38 16.05
N ASN C 171 -53.86 33.12 16.38
CA ASN C 171 -54.71 32.81 17.55
C ASN C 171 -53.88 32.15 18.65
N VAL C 172 -52.55 32.26 18.58
CA VAL C 172 -51.63 31.64 19.58
C VAL C 172 -51.67 32.47 20.85
N LYS C 173 -51.76 31.82 22.01
CA LYS C 173 -51.67 32.48 23.33
C LYS C 173 -50.20 32.42 23.78
N TRP C 174 -49.39 33.38 23.34
CA TRP C 174 -47.95 33.45 23.75
C TRP C 174 -47.89 33.70 25.25
N PRO C 175 -46.91 33.14 25.98
CA PRO C 175 -46.67 33.49 27.37
C PRO C 175 -46.12 34.92 27.55
N LYS C 176 -46.23 35.47 28.77
CA LYS C 176 -45.81 36.85 29.13
C LYS C 176 -44.30 37.04 28.94
N LEU C 177 -43.48 36.11 29.44
CA LEU C 177 -42.01 36.31 29.55
C LEU C 177 -41.27 35.70 28.35
N LEU C 178 -41.94 35.43 27.23
CA LEU C 178 -41.29 34.91 26.00
C LEU C 178 -40.43 36.04 25.41
N LYS C 179 -39.14 35.79 25.20
CA LYS C 179 -38.17 36.85 24.82
C LYS C 179 -37.59 36.61 23.42
N THR C 180 -37.64 35.38 22.92
CA THR C 180 -37.00 35.03 21.65
C THR C 180 -37.91 34.11 20.84
N ILE C 181 -38.31 34.55 19.65
CA ILE C 181 -39.06 33.71 18.68
C ILE C 181 -38.29 33.72 17.36
N ILE C 182 -37.78 32.57 16.96
CA ILE C 182 -37.04 32.43 15.68
C ILE C 182 -37.84 31.51 14.77
N PHE C 183 -38.09 31.95 13.54
CA PHE C 183 -38.81 31.15 12.53
C PHE C 183 -37.83 30.67 11.46
N GLY C 184 -38.19 29.54 10.85
CA GLY C 184 -37.40 28.90 9.79
C GLY C 184 -37.76 29.44 8.43
N CYS C 185 -37.23 28.82 7.38
CA CYS C 185 -37.25 29.36 6.00
C CYS C 185 -38.64 29.24 5.37
N HIS C 186 -39.52 28.34 5.81
CA HIS C 186 -40.80 28.03 5.10
C HIS C 186 -41.99 28.79 5.71
N PHE C 187 -41.83 29.43 6.87
CA PHE C 187 -42.97 30.05 7.58
C PHE C 187 -43.46 31.28 6.79
N ASN C 188 -44.73 31.29 6.39
CA ASN C 188 -45.36 32.44 5.71
C ASN C 188 -46.85 32.42 6.01
N HIS C 189 -47.26 33.06 7.10
CA HIS C 189 -48.68 33.23 7.50
C HIS C 189 -48.84 34.61 8.11
N PRO C 190 -50.06 35.19 8.02
CA PRO C 190 -50.32 36.53 8.52
C PRO C 190 -49.98 36.70 10.02
N ILE C 191 -49.59 37.91 10.40
CA ILE C 191 -49.17 38.24 11.79
C ILE C 191 -49.92 39.48 12.30
N GLU C 192 -50.90 39.98 11.55
CA GLU C 192 -51.60 41.24 11.88
C GLU C 192 -52.28 41.11 13.24
N ASN C 193 -52.89 39.96 13.52
CA ASN C 193 -53.77 39.78 14.71
C ASN C 193 -53.05 38.98 15.79
N VAL C 194 -51.74 38.83 15.68
CA VAL C 194 -50.93 38.14 16.73
C VAL C 194 -50.74 39.10 17.89
N LYS C 195 -51.10 38.67 19.10
CA LYS C 195 -50.77 39.43 20.32
C LYS C 195 -49.37 38.99 20.75
N TRP C 196 -48.35 39.75 20.34
CA TRP C 196 -46.94 39.49 20.73
C TRP C 196 -46.81 39.69 22.23
N PRO C 197 -45.97 38.87 22.90
CA PRO C 197 -45.69 39.08 24.32
C PRO C 197 -44.92 40.40 24.55
N GLY C 198 -45.28 41.10 25.62
CA GLY C 198 -44.75 42.43 25.97
C GLY C 198 -43.25 42.39 26.19
N SER C 199 -42.70 41.28 26.64
CA SER C 199 -41.26 41.17 26.99
C SER C 199 -40.45 40.58 25.83
N LEU C 200 -41.01 40.56 24.62
CA LEU C 200 -40.29 40.05 23.43
C LEU C 200 -39.14 40.98 23.08
N THR C 201 -37.94 40.45 22.90
CA THR C 201 -36.73 41.24 22.57
C THR C 201 -36.16 40.83 21.22
N THR C 202 -36.28 39.55 20.85
CA THR C 202 -35.77 39.03 19.56
C THR C 202 -36.91 38.37 18.78
N LEU C 203 -37.08 38.78 17.53
CA LEU C 203 -38.04 38.19 16.59
C LEU C 203 -37.33 38.01 15.25
N ILE C 204 -37.23 36.77 14.78
CA ILE C 204 -36.57 36.47 13.48
C ILE C 204 -37.59 35.80 12.53
N PHE C 205 -37.58 36.23 11.28
CA PHE C 205 -38.34 35.59 10.18
C PHE C 205 -37.35 34.97 9.21
N GLY C 206 -37.80 33.93 8.51
CA GLY C 206 -36.97 33.13 7.60
C GLY C 206 -37.09 33.63 6.16
N ASP C 207 -36.62 32.81 5.23
CA ASP C 207 -36.48 33.16 3.79
C ASP C 207 -37.85 33.51 3.20
N ASP C 208 -38.86 32.66 3.37
CA ASP C 208 -40.13 32.75 2.60
C ASP C 208 -41.10 33.74 3.22
N PHE C 209 -40.78 34.37 4.35
CA PHE C 209 -41.77 35.20 5.06
C PHE C 209 -41.94 36.54 4.32
N ASN C 210 -43.18 36.84 3.92
CA ASN C 210 -43.49 38.11 3.21
C ASN C 210 -44.94 38.49 3.51
N GLN C 211 -45.15 39.22 4.59
CA GLN C 211 -46.51 39.53 5.10
C GLN C 211 -46.59 41.00 5.47
N PRO C 212 -47.76 41.63 5.27
CA PRO C 212 -47.90 43.07 5.51
C PRO C 212 -47.74 43.44 6.99
N PHE C 213 -47.18 44.62 7.26
CA PHE C 213 -47.01 45.17 8.64
C PHE C 213 -48.00 46.30 8.90
N GLU C 214 -49.10 46.36 8.16
CA GLU C 214 -50.00 47.54 8.12
C GLU C 214 -50.65 47.78 9.48
N ASN C 215 -51.06 46.71 10.18
CA ASN C 215 -51.73 46.85 11.50
C ASN C 215 -50.98 46.01 12.54
N VAL C 216 -49.66 45.91 12.42
CA VAL C 216 -48.83 45.13 13.37
C VAL C 216 -48.22 46.07 14.40
N ILE C 217 -48.62 45.90 15.66
CA ILE C 217 -48.03 46.65 16.80
C ILE C 217 -47.01 45.73 17.48
N LEU C 218 -45.73 45.93 17.19
CA LEU C 218 -44.64 45.18 17.86
C LEU C 218 -44.45 45.76 19.26
N PRO C 219 -44.03 44.94 20.23
CA PRO C 219 -43.82 45.42 21.61
C PRO C 219 -42.68 46.45 21.68
N LYS C 220 -42.79 47.39 22.62
CA LYS C 220 -41.81 48.48 22.83
C LYS C 220 -40.49 47.89 23.36
N SER C 221 -40.47 46.61 23.74
CA SER C 221 -39.27 45.92 24.28
C SER C 221 -38.40 45.36 23.14
N LEU C 222 -38.93 45.27 21.92
CA LEU C 222 -38.23 44.60 20.80
C LEU C 222 -36.96 45.37 20.46
N THR C 223 -35.82 44.65 20.41
CA THR C 223 -34.50 45.25 20.10
C THR C 223 -33.87 44.57 18.88
N ASN C 224 -34.28 43.35 18.52
CA ASN C 224 -33.69 42.61 17.37
C ASN C 224 -34.80 42.12 16.45
N LEU C 225 -34.74 42.51 15.17
CA LEU C 225 -35.72 42.10 14.15
C LEU C 225 -34.94 41.66 12.90
N THR C 226 -35.29 40.49 12.37
CA THR C 226 -34.63 39.92 11.17
C THR C 226 -35.69 39.58 10.10
N PHE C 227 -35.38 39.89 8.84
CA PHE C 227 -36.21 39.53 7.67
C PHE C 227 -35.35 38.76 6.68
N GLY C 228 -36.02 38.00 5.81
CA GLY C 228 -35.37 37.13 4.82
C GLY C 228 -35.39 37.75 3.42
N PRO C 229 -34.89 36.99 2.43
CA PRO C 229 -34.82 37.44 1.05
C PRO C 229 -36.18 37.66 0.36
N ASN C 230 -37.27 37.04 0.84
CA ASN C 230 -38.59 37.21 0.17
C ASN C 230 -39.37 38.38 0.76
N PHE C 231 -38.89 38.99 1.83
CA PHE C 231 -39.65 40.07 2.51
C PHE C 231 -39.55 41.35 1.68
N ASN C 232 -40.68 41.89 1.25
CA ASN C 232 -40.73 43.14 0.45
C ASN C 232 -41.90 44.01 0.91
N GLN C 233 -42.05 44.19 2.23
CA GLN C 233 -43.20 44.96 2.77
C GLN C 233 -42.69 46.27 3.38
N PRO C 234 -43.52 47.33 3.41
CA PRO C 234 -43.14 48.59 4.03
C PRO C 234 -43.02 48.50 5.56
N LEU C 235 -41.92 49.02 6.09
CA LEU C 235 -41.67 49.08 7.55
C LEU C 235 -41.81 50.55 8.01
N ASN C 236 -43.04 50.97 8.29
CA ASN C 236 -43.36 52.38 8.58
C ASN C 236 -43.43 52.60 10.09
N PHE C 237 -43.87 51.62 10.87
CA PHE C 237 -44.19 51.83 12.30
C PHE C 237 -43.55 50.76 13.18
N LEU C 238 -42.24 50.53 13.01
CA LEU C 238 -41.46 49.70 13.97
C LEU C 238 -41.25 50.51 15.25
N PRO C 239 -41.12 49.84 16.41
CA PRO C 239 -40.92 50.55 17.68
C PRO C 239 -39.56 51.28 17.76
N GLU C 240 -39.52 52.36 18.56
CA GLU C 240 -38.35 53.27 18.69
C GLU C 240 -37.22 52.60 19.49
N SER C 241 -37.52 51.54 20.24
CA SER C 241 -36.52 50.77 21.04
C SER C 241 -35.70 49.81 20.17
N LEU C 242 -36.02 49.68 18.88
CA LEU C 242 -35.33 48.70 17.98
C LEU C 242 -33.88 49.13 17.79
N LYS C 243 -32.94 48.21 17.93
CA LYS C 243 -31.47 48.49 17.89
C LYS C 243 -30.84 47.80 16.68
N ASN C 244 -31.20 46.55 16.41
CA ASN C 244 -30.62 45.78 15.28
C ASN C 244 -31.74 45.37 14.33
N ILE C 245 -31.57 45.66 13.06
CA ILE C 245 -32.47 45.16 11.99
C ILE C 245 -31.61 44.51 10.91
N THR C 246 -32.17 43.50 10.27
CA THR C 246 -31.50 42.71 9.23
C THR C 246 -32.46 42.57 8.04
N ILE C 247 -32.01 42.99 6.86
CA ILE C 247 -32.78 42.87 5.59
C ILE C 247 -31.84 42.38 4.49
N THR C 248 -32.37 42.25 3.28
CA THR C 248 -31.65 41.71 2.12
C THR C 248 -31.68 42.73 0.98
N THR C 249 -30.83 42.53 -0.02
CA THR C 249 -30.75 43.36 -1.24
C THR C 249 -32.03 43.20 -2.07
N ASN C 250 -32.85 42.17 -1.83
CA ASN C 250 -34.13 41.96 -2.57
C ASN C 250 -35.20 42.91 -2.05
N TYR C 251 -34.92 43.67 -0.97
CA TYR C 251 -35.88 44.63 -0.38
C TYR C 251 -35.96 45.87 -1.29
N GLN C 252 -37.14 46.13 -1.86
CA GLN C 252 -37.29 47.19 -2.90
C GLN C 252 -38.12 48.37 -2.37
N GLN C 253 -38.36 48.46 -1.07
CA GLN C 253 -39.16 49.56 -0.48
C GLN C 253 -38.21 50.66 0.03
N ASN C 254 -38.78 51.83 0.33
CA ASN C 254 -38.05 52.95 0.97
C ASN C 254 -37.94 52.67 2.47
N LEU C 255 -36.94 53.24 3.12
CA LEU C 255 -36.68 53.00 4.56
C LEU C 255 -36.60 54.32 5.32
N TYR C 256 -37.28 55.36 4.84
CA TYR C 256 -37.18 56.73 5.42
C TYR C 256 -37.84 56.76 6.81
N ASN C 257 -38.74 55.82 7.11
CA ASN C 257 -39.54 55.83 8.36
C ASN C 257 -38.94 54.86 9.39
N LEU C 258 -37.79 54.25 9.11
CA LEU C 258 -37.12 53.34 10.06
C LEU C 258 -36.96 54.05 11.40
N PRO C 259 -37.02 53.32 12.53
CA PRO C 259 -36.90 53.94 13.85
C PRO C 259 -35.52 54.59 13.99
N SER C 260 -35.46 55.81 14.51
CA SER C 260 -34.19 56.43 14.96
C SER C 260 -33.64 55.57 16.08
N SER C 261 -32.40 55.78 16.49
CA SER C 261 -31.78 55.00 17.60
C SER C 261 -31.38 53.57 17.16
N LEU C 262 -31.59 53.20 15.90
CA LEU C 262 -30.99 51.94 15.37
C LEU C 262 -29.48 52.07 15.43
N ASN C 263 -28.78 50.99 15.78
CA ASN C 263 -27.30 50.99 15.88
C ASN C 263 -26.67 50.11 14.81
N CYS C 264 -27.45 49.23 14.21
CA CYS C 264 -26.94 48.27 13.21
C CYS C 264 -28.06 47.94 12.23
N ILE C 265 -27.81 48.18 10.95
CA ILE C 265 -28.71 47.77 9.85
C ILE C 265 -27.93 46.83 8.94
N LYS C 266 -28.07 45.53 9.19
CA LYS C 266 -27.43 44.48 8.36
C LYS C 266 -28.19 44.37 7.03
N ILE C 267 -27.48 44.53 5.92
CA ILE C 267 -28.02 44.23 4.56
C ILE C 267 -27.27 43.01 4.03
N ILE C 268 -27.98 41.89 3.89
CA ILE C 268 -27.40 40.63 3.36
C ILE C 268 -27.53 40.65 1.83
N SER C 269 -26.40 40.58 1.12
CA SER C 269 -26.35 40.53 -0.36
C SER C 269 -26.90 39.18 -0.83
N TYR C 270 -27.82 39.22 -1.79
CA TYR C 270 -28.41 38.02 -2.41
C TYR C 270 -28.27 38.10 -3.92
N LYS C 271 -28.29 36.94 -4.57
CA LYS C 271 -28.27 36.81 -6.05
C LYS C 271 -29.48 37.57 -6.59
N ARG C 272 -29.27 38.44 -7.57
CA ARG C 272 -30.33 39.36 -8.06
C ARG C 272 -31.36 38.57 -8.87
N THR C 273 -32.58 39.08 -8.90
CA THR C 273 -33.70 38.54 -9.72
C THR C 273 -33.51 38.90 -11.20
N TYR C 274 -34.48 38.58 -12.05
CA TYR C 274 -34.32 38.62 -13.54
C TYR C 274 -35.31 39.58 -14.19
N GLU C 275 -36.37 40.00 -13.51
CA GLU C 275 -37.50 40.71 -14.18
C GLU C 275 -36.99 41.99 -14.85
N HIS C 276 -36.01 42.67 -14.24
CA HIS C 276 -35.52 43.98 -14.75
C HIS C 276 -34.89 43.79 -16.13
N ILE C 277 -34.44 42.58 -16.46
CA ILE C 277 -33.80 42.29 -17.77
C ILE C 277 -34.88 41.86 -18.77
N VAL C 278 -35.76 40.92 -18.37
CA VAL C 278 -36.78 40.35 -19.29
C VAL C 278 -37.79 41.45 -19.65
N ASN C 279 -38.00 42.42 -18.77
CA ASN C 279 -39.00 43.51 -18.96
C ASN C 279 -38.56 44.47 -20.06
N VAL C 280 -37.29 44.44 -20.48
CA VAL C 280 -36.78 45.37 -21.54
C VAL C 280 -36.43 44.55 -22.77
N LEU C 281 -37.13 43.42 -22.96
CA LEU C 281 -36.94 42.54 -24.14
C LEU C 281 -38.12 42.65 -25.08
N PRO C 282 -37.92 42.46 -26.40
CA PRO C 282 -39.04 42.26 -27.33
C PRO C 282 -39.88 41.05 -26.90
N GLU C 283 -41.20 41.21 -26.91
CA GLU C 283 -42.16 40.22 -26.35
C GLU C 283 -41.87 38.83 -26.95
N HIS C 284 -41.57 38.77 -28.25
CA HIS C 284 -41.33 37.50 -28.98
C HIS C 284 -40.00 36.86 -28.53
N LEU C 285 -39.20 37.54 -27.72
CA LEU C 285 -37.92 36.98 -27.20
C LEU C 285 -38.01 36.60 -25.72
N LYS C 286 -39.01 37.08 -24.98
CA LYS C 286 -39.11 36.83 -23.52
C LYS C 286 -39.23 35.32 -23.24
N LYS C 287 -39.70 34.53 -24.19
CA LYS C 287 -39.87 33.07 -24.03
C LYS C 287 -38.50 32.38 -24.16
N LYS C 288 -37.55 33.01 -24.85
CA LYS C 288 -36.22 32.40 -25.17
C LYS C 288 -35.23 32.63 -24.02
N VAL C 289 -35.68 33.11 -22.88
CA VAL C 289 -34.78 33.49 -21.75
C VAL C 289 -34.46 32.23 -20.95
N ILE C 290 -33.19 32.08 -20.56
CA ILE C 290 -32.73 31.01 -19.64
C ILE C 290 -32.18 31.66 -18.38
N LYS C 291 -32.86 31.47 -17.26
CA LYS C 291 -32.46 32.06 -15.95
C LYS C 291 -31.45 31.12 -15.29
N ILE C 292 -30.25 31.63 -14.97
CA ILE C 292 -29.18 30.82 -14.32
C ILE C 292 -28.69 31.57 -13.08
N GLY D 1 -9.16 28.87 -13.97
CA GLY D 1 -10.32 27.95 -13.90
C GLY D 1 -9.99 26.57 -14.44
N SER D 2 -10.71 25.54 -13.98
CA SER D 2 -10.47 24.13 -14.36
C SER D 2 -11.00 23.88 -15.77
N MET D 3 -10.24 23.12 -16.55
CA MET D 3 -10.60 22.75 -17.94
C MET D 3 -10.44 21.25 -18.12
N THR D 4 -10.40 20.52 -17.00
CA THR D 4 -10.33 19.03 -17.02
C THR D 4 -11.41 18.49 -16.10
N LEU D 5 -12.01 17.36 -16.48
CA LEU D 5 -13.13 16.76 -15.71
C LEU D 5 -13.11 15.25 -15.86
N VAL D 6 -13.37 14.56 -14.74
CA VAL D 6 -13.59 13.10 -14.71
C VAL D 6 -14.99 12.88 -14.15
N ILE D 7 -15.95 12.58 -15.03
CA ILE D 7 -17.35 12.30 -14.63
C ILE D 7 -17.40 10.87 -14.10
N LYS D 8 -17.36 10.71 -12.79
CA LYS D 8 -17.41 9.39 -12.11
C LYS D 8 -18.80 9.18 -11.51
N THR D 9 -19.54 10.25 -11.19
CA THR D 9 -20.92 10.19 -10.65
C THR D 9 -21.85 11.05 -11.49
N ASN D 10 -23.10 11.21 -11.08
CA ASN D 10 -24.07 12.07 -11.81
C ASN D 10 -23.94 13.52 -11.35
N GLU D 11 -23.55 13.76 -10.09
CA GLU D 11 -23.35 15.14 -9.57
C GLU D 11 -22.23 15.81 -10.39
N ASP D 12 -21.28 15.01 -10.89
CA ASP D 12 -20.18 15.51 -11.76
C ASP D 12 -20.76 16.09 -13.06
N LEU D 13 -21.95 15.69 -13.49
CA LEU D 13 -22.60 16.28 -14.69
C LEU D 13 -22.82 17.77 -14.50
N ASN D 14 -22.95 18.24 -13.26
CA ASN D 14 -23.14 19.68 -12.97
C ASN D 14 -21.90 20.48 -13.41
N LYS D 15 -20.76 19.81 -13.63
CA LYS D 15 -19.48 20.49 -13.88
C LYS D 15 -19.21 20.64 -15.39
N LEU D 16 -19.99 19.98 -16.25
CA LEU D 16 -19.77 20.06 -17.72
C LEU D 16 -20.06 21.48 -18.21
N ASN D 17 -19.12 22.08 -18.92
CA ASN D 17 -19.28 23.41 -19.55
C ASN D 17 -18.39 23.47 -20.78
N ASP D 18 -18.48 24.58 -21.51
CA ASP D 18 -17.75 24.77 -22.79
C ASP D 18 -16.27 25.06 -22.53
N ASN D 19 -15.78 24.96 -21.29
CA ASN D 19 -14.33 25.18 -20.99
C ASN D 19 -13.60 23.84 -20.87
N ILE D 20 -14.30 22.72 -20.87
CA ILE D 20 -13.63 21.40 -20.63
C ILE D 20 -13.01 20.95 -21.96
N HIS D 21 -11.68 20.85 -22.02
CA HIS D 21 -10.96 20.37 -23.22
C HIS D 21 -10.45 18.95 -22.99
N THR D 22 -10.55 18.43 -21.76
CA THR D 22 -10.16 17.03 -21.45
C THR D 22 -11.25 16.41 -20.58
N LEU D 23 -11.82 15.29 -21.01
CA LEU D 23 -13.02 14.69 -20.37
C LEU D 23 -12.84 13.17 -20.20
N THR D 24 -13.47 12.63 -19.16
CA THR D 24 -13.49 11.19 -18.86
C THR D 24 -14.85 10.83 -18.29
N ILE D 25 -15.52 9.87 -18.92
CA ILE D 25 -16.81 9.32 -18.43
C ILE D 25 -16.52 8.04 -17.68
N GLY D 26 -16.88 8.02 -16.39
CA GLY D 26 -16.63 6.92 -15.45
C GLY D 26 -17.79 5.95 -15.40
N ALA D 27 -17.68 4.95 -14.53
CA ALA D 27 -18.64 3.83 -14.41
C ALA D 27 -20.03 4.34 -14.02
N ASN D 28 -20.15 4.96 -12.85
CA ASN D 28 -21.46 5.28 -12.21
C ASN D 28 -22.22 6.36 -13.00
N PHE D 29 -21.66 6.86 -14.10
CA PHE D 29 -22.36 7.77 -15.05
C PHE D 29 -23.58 7.05 -15.61
N ASN D 30 -24.79 7.59 -15.34
CA ASN D 30 -26.07 6.97 -15.74
C ASN D 30 -26.93 8.01 -16.46
N GLN D 31 -26.68 8.22 -17.75
CA GLN D 31 -27.45 9.18 -18.59
C GLN D 31 -27.51 8.66 -20.02
N PRO D 32 -28.53 9.06 -20.81
CA PRO D 32 -28.53 8.77 -22.24
C PRO D 32 -27.49 9.64 -22.97
N ILE D 33 -26.48 9.00 -23.57
CA ILE D 33 -25.32 9.72 -24.18
C ILE D 33 -25.83 10.63 -25.31
N GLU D 34 -26.89 10.24 -25.99
CA GLU D 34 -27.49 11.04 -27.09
C GLU D 34 -27.91 12.42 -26.56
N HIS D 35 -28.17 12.54 -25.25
CA HIS D 35 -28.67 13.79 -24.61
C HIS D 35 -27.59 14.39 -23.72
N ILE D 36 -26.34 14.33 -24.14
CA ILE D 36 -25.21 14.98 -23.41
C ILE D 36 -24.72 16.15 -24.26
N LYS D 37 -24.67 17.34 -23.66
CA LYS D 37 -24.13 18.55 -24.32
C LYS D 37 -22.60 18.49 -24.20
N TRP D 38 -21.94 18.17 -25.30
CA TRP D 38 -20.46 18.08 -25.37
C TRP D 38 -19.87 19.48 -25.40
N PRO D 39 -18.74 19.71 -24.71
CA PRO D 39 -18.09 21.02 -24.71
C PRO D 39 -17.55 21.41 -26.09
N LYS D 40 -17.68 22.70 -26.42
CA LYS D 40 -17.15 23.34 -27.66
C LYS D 40 -15.65 23.09 -27.79
N LEU D 41 -14.90 23.04 -26.69
CA LEU D 41 -13.42 22.98 -26.74
C LEU D 41 -12.92 21.54 -26.67
N LEU D 42 -13.80 20.54 -26.61
CA LEU D 42 -13.40 19.17 -26.22
C LEU D 42 -12.28 18.69 -27.16
N THR D 43 -11.18 18.26 -26.58
CA THR D 43 -9.93 17.95 -27.31
C THR D 43 -9.51 16.50 -27.06
N THR D 44 -9.71 16.00 -25.84
CA THR D 44 -9.36 14.61 -25.47
C THR D 44 -10.56 13.99 -24.75
N LEU D 45 -10.90 12.77 -25.11
CA LEU D 45 -12.05 12.04 -24.51
C LEU D 45 -11.64 10.61 -24.22
N THR D 46 -12.08 10.08 -23.08
CA THR D 46 -11.72 8.73 -22.62
C THR D 46 -12.93 8.14 -21.90
N PHE D 47 -13.34 6.94 -22.30
CA PHE D 47 -14.37 6.14 -21.59
C PHE D 47 -13.65 5.12 -20.72
N GLU D 48 -14.13 4.92 -19.50
CA GLU D 48 -13.40 4.11 -18.49
C GLU D 48 -13.86 2.65 -18.54
N TRP D 49 -13.39 1.86 -17.57
CA TRP D 49 -13.53 0.38 -17.48
C TRP D 49 -14.97 -0.08 -17.74
N TYR D 50 -15.99 0.65 -17.28
CA TYR D 50 -17.38 0.10 -17.20
C TYR D 50 -18.34 0.85 -18.12
N PHE D 51 -17.86 1.48 -19.20
CA PHE D 51 -18.74 2.21 -20.14
C PHE D 51 -19.10 1.28 -21.30
N ASP D 52 -20.40 1.16 -21.57
CA ASP D 52 -20.95 0.42 -22.73
C ASP D 52 -22.34 0.97 -23.05
N GLN D 53 -22.43 1.85 -24.05
CA GLN D 53 -23.69 2.47 -24.50
C GLN D 53 -23.61 2.72 -26.00
N PRO D 54 -24.74 2.67 -26.73
CA PRO D 54 -24.73 2.90 -28.17
C PRO D 54 -24.30 4.34 -28.49
N ILE D 55 -23.42 4.50 -29.47
CA ILE D 55 -22.86 5.83 -29.83
C ILE D 55 -23.07 6.12 -31.33
N GLU D 56 -23.86 5.32 -32.03
CA GLU D 56 -24.07 5.49 -33.50
C GLU D 56 -24.89 6.77 -33.75
N ASN D 57 -25.84 7.08 -32.88
CA ASN D 57 -26.74 8.26 -33.05
C ASN D 57 -26.21 9.40 -32.18
N VAL D 58 -24.93 9.35 -31.79
CA VAL D 58 -24.29 10.39 -30.95
C VAL D 58 -23.36 11.20 -31.84
N LYS D 59 -23.45 12.52 -31.77
CA LYS D 59 -22.59 13.42 -32.59
C LYS D 59 -21.56 14.06 -31.66
N LEU D 60 -20.33 13.58 -31.69
CA LEU D 60 -19.21 14.13 -30.90
C LEU D 60 -18.70 15.38 -31.61
N PRO D 61 -18.11 16.34 -30.85
CA PRO D 61 -17.65 17.60 -31.42
C PRO D 61 -16.48 17.40 -32.39
N ASP D 62 -16.44 18.21 -33.45
CA ASP D 62 -15.36 18.18 -34.46
C ASP D 62 -14.02 18.56 -33.82
N SER D 63 -14.05 19.14 -32.62
CA SER D 63 -12.85 19.63 -31.87
C SER D 63 -12.00 18.44 -31.42
N LEU D 64 -12.60 17.26 -31.27
CA LEU D 64 -11.98 16.09 -30.61
C LEU D 64 -10.85 15.55 -31.49
N THR D 65 -9.63 15.47 -30.95
CA THR D 65 -8.44 14.97 -31.68
C THR D 65 -8.05 13.60 -31.13
N THR D 66 -8.25 13.37 -29.83
CA THR D 66 -7.83 12.14 -29.16
C THR D 66 -9.05 11.49 -28.52
N LEU D 67 -9.30 10.24 -28.86
CA LEU D 67 -10.51 9.49 -28.40
C LEU D 67 -10.07 8.09 -27.98
N THR D 68 -10.49 7.66 -26.80
CA THR D 68 -10.11 6.36 -26.23
C THR D 68 -11.35 5.63 -25.69
N PHE D 69 -11.56 4.40 -26.14
CA PHE D 69 -12.64 3.51 -25.63
C PHE D 69 -12.05 2.56 -24.58
N GLY D 70 -12.88 2.19 -23.61
CA GLY D 70 -12.44 1.49 -22.38
C GLY D 70 -12.58 -0.01 -22.48
N TYR D 71 -12.46 -0.68 -21.32
CA TYR D 71 -12.43 -2.16 -21.19
C TYR D 71 -13.74 -2.75 -21.72
N SER D 72 -14.88 -2.20 -21.32
CA SER D 72 -16.22 -2.84 -21.49
C SER D 72 -16.94 -2.32 -22.73
N PHE D 73 -16.33 -1.44 -23.52
CA PHE D 73 -17.03 -0.86 -24.69
C PHE D 73 -17.11 -1.91 -25.79
N ASN D 74 -18.34 -2.23 -26.21
CA ASN D 74 -18.61 -3.13 -27.37
C ASN D 74 -19.95 -2.73 -27.98
N GLN D 75 -19.93 -1.86 -28.99
CA GLN D 75 -21.13 -1.36 -29.68
C GLN D 75 -20.80 -1.16 -31.15
N PRO D 76 -21.81 -1.23 -32.05
CA PRO D 76 -21.61 -0.91 -33.46
C PRO D 76 -21.14 0.54 -33.64
N ILE D 77 -20.20 0.75 -34.56
CA ILE D 77 -19.61 2.09 -34.83
C ILE D 77 -19.61 2.41 -36.32
N GLU D 78 -20.15 1.53 -37.18
CA GLU D 78 -20.08 1.74 -38.65
C GLU D 78 -20.93 2.96 -39.03
N LYS D 79 -21.96 3.28 -38.27
CA LYS D 79 -22.89 4.41 -38.60
C LYS D 79 -22.48 5.68 -37.85
N VAL D 80 -21.38 5.63 -37.09
CA VAL D 80 -20.94 6.79 -36.25
C VAL D 80 -20.51 7.93 -37.17
N LYS D 81 -20.89 9.16 -36.80
CA LYS D 81 -20.45 10.38 -37.50
C LYS D 81 -19.24 10.93 -36.73
N TRP D 82 -18.03 10.59 -37.18
CA TRP D 82 -16.78 10.88 -36.45
C TRP D 82 -16.48 12.37 -36.52
N PRO D 83 -15.76 12.92 -35.52
CA PRO D 83 -15.26 14.30 -35.60
C PRO D 83 -14.30 14.49 -36.79
N LYS D 84 -14.36 15.64 -37.43
CA LYS D 84 -13.63 15.93 -38.70
C LYS D 84 -12.15 16.20 -38.41
N THR D 85 -11.72 16.19 -37.15
CA THR D 85 -10.30 16.45 -36.79
C THR D 85 -9.74 15.34 -35.91
N LEU D 86 -10.44 14.21 -35.80
CA LEU D 86 -9.96 13.07 -34.98
C LEU D 86 -8.66 12.54 -35.61
N ALA D 87 -7.64 12.34 -34.78
CA ALA D 87 -6.28 11.92 -35.21
C ALA D 87 -5.83 10.66 -34.46
N PHE D 88 -6.23 10.48 -33.21
CA PHE D 88 -5.73 9.37 -32.36
C PHE D 88 -6.93 8.61 -31.83
N LEU D 89 -7.06 7.35 -32.22
CA LEU D 89 -8.22 6.50 -31.85
C LEU D 89 -7.70 5.22 -31.19
N THR D 90 -8.28 4.88 -30.03
CA THR D 90 -7.85 3.71 -29.24
C THR D 90 -9.08 2.91 -28.84
N PHE D 91 -9.05 1.60 -29.09
CA PHE D 91 -10.12 0.67 -28.70
C PHE D 91 -9.65 -0.16 -27.50
N GLY D 92 -10.62 -0.64 -26.72
CA GLY D 92 -10.38 -1.40 -25.48
C GLY D 92 -10.40 -2.90 -25.70
N TYR D 93 -10.67 -3.64 -24.63
CA TYR D 93 -10.54 -5.12 -24.56
C TYR D 93 -11.72 -5.78 -25.27
N LYS D 94 -12.96 -5.47 -24.87
CA LYS D 94 -14.16 -6.24 -25.28
C LYS D 94 -14.71 -5.78 -26.64
N PHE D 95 -14.06 -4.84 -27.33
CA PHE D 95 -14.63 -4.28 -28.59
C PHE D 95 -14.43 -5.31 -29.71
N ASN D 96 -15.53 -5.79 -30.29
CA ASN D 96 -15.48 -6.72 -31.44
C ASN D 96 -16.75 -6.52 -32.28
N LYS D 97 -16.69 -5.58 -33.23
CA LYS D 97 -17.83 -5.22 -34.11
C LYS D 97 -17.30 -4.94 -35.51
N PRO D 98 -18.13 -5.12 -36.56
CA PRO D 98 -17.70 -4.86 -37.93
C PRO D 98 -17.34 -3.39 -38.12
N ILE D 99 -16.29 -3.13 -38.90
CA ILE D 99 -15.80 -1.74 -39.14
C ILE D 99 -15.59 -1.52 -40.64
N GLU D 100 -15.98 -2.47 -41.49
CA GLU D 100 -15.71 -2.40 -42.95
C GLU D 100 -16.54 -1.29 -43.60
N LYS D 101 -17.54 -0.71 -42.91
CA LYS D 101 -18.37 0.40 -43.45
C LYS D 101 -18.25 1.61 -42.52
N VAL D 102 -17.03 1.99 -42.16
CA VAL D 102 -16.81 2.89 -40.99
C VAL D 102 -16.88 4.37 -41.38
N LYS D 103 -16.45 4.77 -42.58
CA LYS D 103 -16.33 6.20 -42.96
C LYS D 103 -15.37 6.91 -41.99
N TRP D 104 -14.09 6.55 -42.02
CA TRP D 104 -13.04 7.23 -41.22
C TRP D 104 -12.95 8.69 -41.63
N PRO D 105 -12.68 9.61 -40.69
CA PRO D 105 -12.27 10.97 -41.04
C PRO D 105 -10.83 10.94 -41.60
N ASP D 106 -10.55 11.80 -42.57
CA ASP D 106 -9.26 11.79 -43.29
C ASP D 106 -8.15 12.35 -42.38
N SER D 107 -8.46 12.77 -41.16
CA SER D 107 -7.46 13.33 -40.21
C SER D 107 -6.84 12.21 -39.36
N LEU D 108 -7.49 11.03 -39.31
CA LEU D 108 -7.01 9.92 -38.45
C LEU D 108 -5.62 9.47 -38.90
N THR D 109 -4.65 9.54 -38.00
CA THR D 109 -3.25 9.13 -38.26
C THR D 109 -2.91 7.87 -37.47
N THR D 110 -3.46 7.71 -36.28
CA THR D 110 -3.08 6.63 -35.34
C THR D 110 -4.34 5.83 -34.99
N LEU D 111 -4.24 4.50 -35.04
CA LEU D 111 -5.35 3.60 -34.62
C LEU D 111 -4.73 2.40 -33.89
N ILE D 112 -5.05 2.27 -32.61
CA ILE D 112 -4.42 1.24 -31.74
C ILE D 112 -5.53 0.42 -31.09
N PHE D 113 -5.41 -0.91 -31.19
CA PHE D 113 -6.25 -1.86 -30.44
C PHE D 113 -5.48 -2.28 -29.17
N GLU D 114 -6.18 -2.34 -28.04
CA GLU D 114 -5.59 -2.69 -26.72
C GLU D 114 -4.87 -4.03 -26.84
N GLU D 115 -3.87 -4.26 -25.99
CA GLU D 115 -2.95 -5.43 -26.03
C GLU D 115 -3.77 -6.71 -26.20
N ASN D 116 -4.78 -6.93 -25.36
CA ASN D 116 -5.57 -8.19 -25.35
C ASN D 116 -6.90 -7.96 -26.07
N SER D 117 -6.93 -7.18 -27.15
CA SER D 117 -8.19 -6.82 -27.85
C SER D 117 -8.86 -8.09 -28.40
N LEU D 118 -10.17 -8.22 -28.16
CA LEU D 118 -11.02 -9.30 -28.70
C LEU D 118 -11.36 -9.04 -30.17
N PHE D 119 -10.83 -7.96 -30.77
CA PHE D 119 -11.22 -7.55 -32.15
C PHE D 119 -10.83 -8.65 -33.13
N ASP D 120 -11.82 -9.22 -33.80
CA ASP D 120 -11.61 -10.26 -34.84
C ASP D 120 -12.70 -10.10 -35.89
N GLN D 121 -12.44 -9.26 -36.90
CA GLN D 121 -13.44 -8.86 -37.90
C GLN D 121 -12.76 -8.65 -39.24
N SER D 122 -13.51 -8.72 -40.32
CA SER D 122 -13.00 -8.51 -41.69
C SER D 122 -12.59 -7.04 -41.86
N ILE D 123 -11.52 -6.80 -42.59
CA ILE D 123 -10.98 -5.43 -42.84
C ILE D 123 -10.71 -5.21 -44.33
N GLU D 124 -10.76 -6.27 -45.14
CA GLU D 124 -10.33 -6.21 -46.57
C GLU D 124 -11.22 -5.23 -47.34
N LYS D 125 -12.48 -5.08 -46.97
CA LYS D 125 -13.41 -4.17 -47.68
C LYS D 125 -13.24 -2.73 -47.19
N ILE D 126 -12.46 -2.51 -46.12
CA ILE D 126 -12.45 -1.20 -45.41
C ILE D 126 -11.84 -0.14 -46.32
N LYS D 127 -12.22 1.11 -46.12
CA LYS D 127 -11.53 2.27 -46.71
C LYS D 127 -10.79 2.99 -45.57
N TRP D 128 -9.46 2.99 -45.67
CA TRP D 128 -8.59 3.65 -44.67
C TRP D 128 -8.56 5.16 -44.90
N SER D 129 -8.21 5.88 -43.84
CA SER D 129 -7.92 7.34 -43.84
C SER D 129 -6.66 7.61 -44.67
N ASN D 130 -6.69 8.66 -45.48
CA ASN D 130 -5.56 9.04 -46.35
C ASN D 130 -4.38 9.57 -45.49
N SER D 131 -4.58 9.78 -44.19
CA SER D 131 -3.51 10.26 -43.27
C SER D 131 -3.07 9.17 -42.29
N LEU D 132 -3.64 7.96 -42.38
CA LEU D 132 -3.29 6.88 -41.43
C LEU D 132 -1.80 6.55 -41.57
N THR D 133 -1.06 6.59 -40.46
CA THR D 133 0.42 6.41 -40.43
C THR D 133 0.80 5.19 -39.60
N THR D 134 0.18 5.03 -38.43
CA THR D 134 0.51 3.94 -37.49
C THR D 134 -0.74 3.10 -37.25
N LEU D 135 -0.62 1.77 -37.39
CA LEU D 135 -1.73 0.84 -37.06
C LEU D 135 -1.20 -0.31 -36.24
N ILE D 136 -1.81 -0.57 -35.08
CA ILE D 136 -1.34 -1.59 -34.11
C ILE D 136 -2.51 -2.49 -33.76
N PHE D 137 -2.39 -3.78 -34.07
CA PHE D 137 -3.44 -4.80 -33.84
C PHE D 137 -3.27 -5.40 -32.45
N GLY D 138 -4.28 -6.16 -32.01
CA GLY D 138 -4.31 -6.79 -30.69
C GLY D 138 -4.02 -8.28 -30.75
N TRP D 139 -4.33 -8.97 -29.66
CA TRP D 139 -4.04 -10.42 -29.43
C TRP D 139 -4.83 -11.27 -30.44
N ASN D 140 -6.16 -11.16 -30.42
CA ASN D 140 -7.09 -12.17 -31.00
C ASN D 140 -7.43 -11.87 -32.45
N PHE D 141 -6.75 -10.90 -33.10
CA PHE D 141 -7.05 -10.57 -34.52
C PHE D 141 -6.39 -11.63 -35.42
N ASN D 142 -7.19 -12.22 -36.32
CA ASN D 142 -6.69 -13.17 -37.34
C ASN D 142 -7.68 -13.22 -38.51
N GLN D 143 -7.40 -12.45 -39.56
CA GLN D 143 -8.27 -12.33 -40.76
C GLN D 143 -7.37 -12.06 -41.96
N PRO D 144 -7.78 -12.48 -43.18
CA PRO D 144 -7.00 -12.22 -44.38
C PRO D 144 -6.83 -10.72 -44.65
N ILE D 145 -5.67 -10.32 -45.18
CA ILE D 145 -5.30 -8.89 -45.42
C ILE D 145 -4.74 -8.71 -46.85
N GLU D 146 -4.76 -9.76 -47.66
CA GLU D 146 -4.13 -9.74 -49.00
C GLU D 146 -4.89 -8.78 -49.92
N ASN D 147 -6.16 -8.50 -49.65
CA ASN D 147 -7.00 -7.66 -50.55
C ASN D 147 -7.18 -6.25 -49.97
N VAL D 148 -6.58 -5.97 -48.81
CA VAL D 148 -6.72 -4.65 -48.12
C VAL D 148 -6.05 -3.59 -49.01
N GLU D 149 -6.72 -2.44 -49.17
CA GLU D 149 -6.15 -1.28 -49.90
C GLU D 149 -5.52 -0.36 -48.85
N TRP D 150 -4.19 -0.44 -48.68
CA TRP D 150 -3.46 0.42 -47.72
C TRP D 150 -3.27 1.81 -48.32
N PRO D 151 -3.41 2.87 -47.51
CA PRO D 151 -3.07 4.23 -47.96
C PRO D 151 -1.55 4.42 -48.02
N GLU D 152 -1.11 5.34 -48.88
CA GLU D 152 0.33 5.66 -49.10
C GLU D 152 0.92 6.30 -47.84
N SER D 153 0.09 6.78 -46.93
CA SER D 153 0.53 7.48 -45.69
C SER D 153 1.05 6.49 -44.64
N LEU D 154 0.64 5.22 -44.72
CA LEU D 154 0.98 4.20 -43.68
C LEU D 154 2.49 3.94 -43.69
N THR D 155 3.16 4.16 -42.56
CA THR D 155 4.61 3.92 -42.40
C THR D 155 4.86 2.81 -41.37
N THR D 156 3.89 2.50 -40.53
CA THR D 156 4.08 1.52 -39.42
C THR D 156 2.91 0.55 -39.33
N LEU D 157 3.19 -0.75 -39.36
CA LEU D 157 2.19 -1.83 -39.15
C LEU D 157 2.73 -2.75 -38.06
N VAL D 158 1.92 -3.02 -37.03
CA VAL D 158 2.37 -3.80 -35.86
C VAL D 158 1.27 -4.78 -35.44
N PHE D 159 1.67 -6.02 -35.19
CA PHE D 159 0.84 -7.04 -34.49
C PHE D 159 1.41 -7.25 -33.10
N ASN D 160 0.53 -7.50 -32.13
CA ASN D 160 0.93 -7.76 -30.72
C ASN D 160 1.93 -8.92 -30.70
N GLU D 161 2.83 -8.94 -29.73
CA GLU D 161 3.89 -9.99 -29.64
C GLU D 161 3.23 -11.34 -29.37
N ASP D 162 1.99 -11.37 -28.87
CA ASP D 162 1.24 -12.64 -28.63
C ASP D 162 0.10 -12.77 -29.63
N SER D 163 0.22 -12.17 -30.82
CA SER D 163 -0.86 -12.18 -31.84
C SER D 163 -1.03 -13.59 -32.42
N ILE D 164 -2.28 -14.02 -32.57
CA ILE D 164 -2.62 -15.33 -33.19
C ILE D 164 -2.87 -15.14 -34.69
N PHE D 165 -2.48 -13.99 -35.25
CA PHE D 165 -2.58 -13.73 -36.70
C PHE D 165 -1.75 -14.76 -37.45
N ASN D 166 -2.37 -15.43 -38.43
CA ASN D 166 -1.68 -16.37 -39.35
C ASN D 166 -2.47 -16.44 -40.65
N GLN D 167 -2.07 -15.65 -41.63
CA GLN D 167 -2.78 -15.55 -42.94
C GLN D 167 -1.74 -15.38 -44.04
N PRO D 168 -2.02 -15.84 -45.28
CA PRO D 168 -1.09 -15.64 -46.38
C PRO D 168 -0.91 -14.13 -46.67
N ILE D 169 0.30 -13.72 -47.03
CA ILE D 169 0.62 -12.28 -47.30
C ILE D 169 1.38 -12.13 -48.63
N GLU D 170 1.58 -13.21 -49.39
CA GLU D 170 2.41 -13.16 -50.62
C GLU D 170 1.78 -12.24 -51.67
N ASN D 171 0.49 -11.92 -51.53
CA ASN D 171 -0.26 -11.16 -52.57
C ASN D 171 -0.73 -9.82 -52.02
N VAL D 172 -0.07 -9.30 -50.99
CA VAL D 172 -0.41 -7.97 -50.38
C VAL D 172 0.24 -6.89 -51.23
N LYS D 173 -0.43 -5.74 -51.36
CA LYS D 173 0.17 -4.56 -52.02
C LYS D 173 0.53 -3.54 -50.94
N TRP D 174 1.77 -3.62 -50.43
CA TRP D 174 2.31 -2.66 -49.43
C TRP D 174 2.46 -1.28 -50.08
N PRO D 175 2.20 -0.19 -49.33
CA PRO D 175 2.49 1.15 -49.82
C PRO D 175 4.00 1.39 -49.92
N LYS D 176 4.39 2.43 -50.66
CA LYS D 176 5.82 2.66 -51.01
C LYS D 176 6.57 3.28 -49.82
N LEU D 177 5.87 3.94 -48.88
CA LEU D 177 6.53 4.63 -47.74
C LEU D 177 6.41 3.80 -46.45
N LEU D 178 5.93 2.56 -46.54
CA LEU D 178 5.88 1.66 -45.35
C LEU D 178 7.32 1.41 -44.87
N LYS D 179 7.59 1.65 -43.60
CA LYS D 179 8.96 1.59 -43.03
C LYS D 179 9.10 0.45 -42.02
N THR D 180 8.04 0.11 -41.28
CA THR D 180 8.13 -0.87 -40.18
C THR D 180 6.99 -1.89 -40.30
N ILE D 181 7.35 -3.17 -40.31
CA ILE D 181 6.38 -4.31 -40.25
C ILE D 181 6.82 -5.23 -39.10
N ILE D 182 5.89 -5.56 -38.20
CA ILE D 182 6.19 -6.42 -37.03
C ILE D 182 5.10 -7.48 -36.94
N PHE D 183 5.47 -8.75 -37.08
CA PHE D 183 4.53 -9.88 -36.97
C PHE D 183 4.53 -10.43 -35.55
N GLY D 184 3.42 -11.04 -35.15
CA GLY D 184 3.22 -11.61 -33.81
C GLY D 184 3.67 -13.05 -33.73
N CYS D 185 3.35 -13.72 -32.62
CA CYS D 185 3.85 -15.08 -32.26
C CYS D 185 3.45 -16.11 -33.34
N HIS D 186 2.18 -16.17 -33.74
CA HIS D 186 1.64 -17.33 -34.51
C HIS D 186 1.79 -17.16 -36.02
N PHE D 187 2.38 -16.07 -36.52
CA PHE D 187 2.48 -15.87 -37.99
C PHE D 187 3.49 -16.85 -38.56
N ASN D 188 3.03 -17.77 -39.42
CA ASN D 188 3.89 -18.76 -40.11
C ASN D 188 3.26 -19.09 -41.47
N HIS D 189 3.65 -18.33 -42.49
CA HIS D 189 3.14 -18.47 -43.89
C HIS D 189 4.25 -18.04 -44.84
N PRO D 190 4.36 -18.67 -46.02
CA PRO D 190 5.48 -18.39 -46.93
C PRO D 190 5.55 -16.91 -47.31
N ILE D 191 6.77 -16.43 -47.59
CA ILE D 191 7.02 -15.01 -47.95
C ILE D 191 7.91 -14.93 -49.19
N GLU D 192 8.06 -16.04 -49.93
CA GLU D 192 8.92 -16.12 -51.15
C GLU D 192 8.54 -14.99 -52.12
N ASN D 193 7.24 -14.83 -52.41
CA ASN D 193 6.77 -14.00 -53.54
C ASN D 193 6.41 -12.58 -53.07
N VAL D 194 6.57 -12.27 -51.78
CA VAL D 194 6.18 -10.93 -51.26
C VAL D 194 7.09 -9.87 -51.89
N LYS D 195 6.51 -8.80 -52.43
CA LYS D 195 7.30 -7.65 -52.91
C LYS D 195 7.33 -6.61 -51.80
N TRP D 196 8.43 -6.54 -51.06
CA TRP D 196 8.58 -5.60 -49.93
C TRP D 196 8.79 -4.19 -50.48
N PRO D 197 8.23 -3.16 -49.83
CA PRO D 197 8.44 -1.78 -50.26
C PRO D 197 9.90 -1.36 -50.14
N GLY D 198 10.35 -0.50 -51.06
CA GLY D 198 11.75 -0.03 -51.15
C GLY D 198 12.18 0.73 -49.91
N SER D 199 11.25 1.38 -49.21
CA SER D 199 11.53 2.25 -48.05
C SER D 199 11.54 1.47 -46.73
N LEU D 200 11.40 0.14 -46.79
CA LEU D 200 11.32 -0.68 -45.55
C LEU D 200 12.68 -0.68 -44.85
N THR D 201 12.71 -0.29 -43.58
CA THR D 201 13.95 -0.22 -42.76
C THR D 201 13.93 -1.28 -41.66
N THR D 202 12.75 -1.67 -41.17
CA THR D 202 12.61 -2.64 -40.05
C THR D 202 11.63 -3.74 -40.46
N LEU D 203 12.03 -5.00 -40.28
CA LEU D 203 11.14 -6.17 -40.48
C LEU D 203 11.38 -7.16 -39.35
N ILE D 204 10.33 -7.52 -38.63
CA ILE D 204 10.41 -8.45 -37.46
C ILE D 204 9.45 -9.63 -37.67
N PHE D 205 9.90 -10.83 -37.31
CA PHE D 205 9.09 -12.08 -37.36
C PHE D 205 8.88 -12.59 -35.94
N GLY D 206 7.81 -13.35 -35.74
CA GLY D 206 7.39 -13.84 -34.42
C GLY D 206 8.04 -15.17 -34.08
N ASP D 207 7.57 -15.78 -32.98
CA ASP D 207 8.14 -17.03 -32.42
C ASP D 207 7.99 -18.19 -33.43
N ASP D 208 6.80 -18.37 -34.01
CA ASP D 208 6.46 -19.61 -34.75
C ASP D 208 6.87 -19.52 -36.23
N PHE D 209 7.47 -18.42 -36.68
CA PHE D 209 7.79 -18.22 -38.12
C PHE D 209 9.00 -19.07 -38.51
N ASN D 210 8.82 -19.99 -39.46
CA ASN D 210 9.90 -20.90 -39.94
C ASN D 210 9.81 -21.05 -41.46
N GLN D 211 9.66 -19.96 -42.20
CA GLN D 211 9.52 -20.11 -43.68
C GLN D 211 10.86 -19.86 -44.35
N PRO D 212 11.16 -20.58 -45.45
CA PRO D 212 12.45 -20.47 -46.14
C PRO D 212 12.70 -19.11 -46.82
N PHE D 213 13.97 -18.69 -46.84
CA PHE D 213 14.42 -17.39 -47.40
C PHE D 213 15.23 -17.59 -48.68
N GLU D 214 15.51 -18.83 -49.07
CA GLU D 214 16.53 -19.12 -50.10
C GLU D 214 16.12 -18.50 -51.45
N ASN D 215 14.83 -18.17 -51.64
CA ASN D 215 14.35 -17.54 -52.89
C ASN D 215 13.62 -16.23 -52.59
N VAL D 216 14.08 -15.45 -51.61
CA VAL D 216 13.42 -14.14 -51.28
C VAL D 216 14.37 -13.00 -51.64
N ILE D 217 13.82 -11.80 -51.76
CA ILE D 217 14.60 -10.54 -51.97
C ILE D 217 14.18 -9.55 -50.89
N LEU D 218 15.10 -8.72 -50.42
CA LEU D 218 14.81 -7.73 -49.36
C LEU D 218 15.10 -6.34 -49.90
N PRO D 219 14.38 -5.32 -49.39
CA PRO D 219 14.63 -3.93 -49.77
C PRO D 219 16.10 -3.54 -49.54
N LYS D 220 16.64 -2.73 -50.44
CA LYS D 220 18.07 -2.31 -50.41
C LYS D 220 18.27 -1.18 -49.38
N SER D 221 17.20 -0.75 -48.70
CA SER D 221 17.29 0.25 -47.61
C SER D 221 17.04 -0.42 -46.25
N LEU D 222 16.93 -1.76 -46.22
CA LEU D 222 16.62 -2.49 -44.96
C LEU D 222 17.83 -2.38 -44.02
N THR D 223 17.58 -2.12 -42.74
CA THR D 223 18.64 -1.90 -41.72
C THR D 223 18.49 -2.88 -40.55
N ASN D 224 17.33 -3.52 -40.39
CA ASN D 224 17.07 -4.36 -39.19
C ASN D 224 16.24 -5.59 -39.57
N LEU D 225 16.59 -6.74 -39.00
CA LEU D 225 15.84 -8.01 -39.17
C LEU D 225 15.81 -8.76 -37.83
N THR D 226 14.79 -9.60 -37.64
CA THR D 226 14.59 -10.34 -36.37
C THR D 226 13.86 -11.64 -36.65
N PHE D 227 14.26 -12.71 -35.99
CA PHE D 227 13.65 -14.05 -36.11
C PHE D 227 13.30 -14.60 -34.72
N GLY D 228 12.44 -15.61 -34.69
CA GLY D 228 11.95 -16.26 -33.47
C GLY D 228 12.64 -17.59 -33.19
N PRO D 229 12.33 -18.26 -32.06
CA PRO D 229 12.94 -19.53 -31.69
C PRO D 229 12.74 -20.65 -32.72
N ASN D 230 11.54 -20.76 -33.30
CA ASN D 230 11.19 -21.88 -34.23
C ASN D 230 11.92 -21.73 -35.57
N PHE D 231 12.56 -20.58 -35.83
CA PHE D 231 13.20 -20.30 -37.14
C PHE D 231 14.54 -21.05 -37.26
N ASN D 232 14.63 -22.02 -38.17
CA ASN D 232 15.89 -22.76 -38.46
C ASN D 232 16.03 -22.94 -39.98
N GLN D 233 15.77 -21.89 -40.76
CA GLN D 233 15.90 -21.93 -42.24
C GLN D 233 17.21 -21.26 -42.65
N PRO D 234 17.99 -21.87 -43.58
CA PRO D 234 19.23 -21.27 -44.05
C PRO D 234 18.97 -19.92 -44.73
N LEU D 235 19.80 -18.91 -44.44
CA LEU D 235 19.58 -17.54 -44.97
C LEU D 235 20.89 -17.01 -45.57
N ASN D 236 20.81 -16.54 -46.81
CA ASN D 236 21.90 -15.90 -47.59
C ASN D 236 21.25 -14.83 -48.47
N PHE D 237 22.03 -14.13 -49.30
CA PHE D 237 21.52 -13.02 -50.14
C PHE D 237 20.85 -11.98 -49.23
N LEU D 238 21.63 -11.39 -48.34
CA LEU D 238 21.18 -10.24 -47.53
C LEU D 238 21.74 -8.98 -48.18
N PRO D 239 20.98 -7.87 -48.15
CA PRO D 239 21.46 -6.60 -48.71
C PRO D 239 22.62 -6.03 -47.87
N GLU D 240 23.49 -5.26 -48.52
CA GLU D 240 24.68 -4.65 -47.85
C GLU D 240 24.24 -3.46 -46.97
N SER D 241 22.96 -3.08 -46.98
CA SER D 241 22.43 -2.00 -46.09
C SER D 241 22.06 -2.57 -44.73
N LEU D 242 21.80 -3.88 -44.66
CA LEU D 242 21.39 -4.55 -43.39
C LEU D 242 22.53 -4.47 -42.39
N LYS D 243 22.22 -4.03 -41.17
CA LYS D 243 23.22 -3.85 -40.08
C LYS D 243 22.90 -4.81 -38.92
N ASN D 244 21.71 -4.70 -38.35
CA ASN D 244 21.32 -5.46 -37.12
C ASN D 244 20.47 -6.66 -37.52
N ILE D 245 20.75 -7.81 -36.94
CA ILE D 245 20.00 -9.06 -37.20
C ILE D 245 19.92 -9.86 -35.89
N THR D 246 18.77 -10.45 -35.63
CA THR D 246 18.49 -11.11 -34.33
C THR D 246 18.00 -12.54 -34.58
N ILE D 247 18.71 -13.53 -34.04
CA ILE D 247 18.35 -14.98 -34.15
C ILE D 247 18.43 -15.59 -32.74
N THR D 248 17.97 -16.83 -32.62
CA THR D 248 17.87 -17.54 -31.32
C THR D 248 18.83 -18.73 -31.32
N THR D 249 19.19 -19.21 -30.13
CA THR D 249 20.18 -20.30 -29.94
C THR D 249 19.64 -21.60 -30.55
N ASN D 250 18.38 -21.63 -30.96
CA ASN D 250 17.75 -22.83 -31.59
C ASN D 250 18.10 -22.90 -33.07
N TYR D 251 18.81 -21.91 -33.62
CA TYR D 251 19.25 -21.93 -35.04
C TYR D 251 20.37 -22.95 -35.19
N GLN D 252 20.27 -23.84 -36.17
CA GLN D 252 21.25 -24.93 -36.39
C GLN D 252 21.65 -24.95 -37.87
N GLN D 253 21.86 -23.77 -38.46
CA GLN D 253 22.38 -23.66 -39.85
C GLN D 253 23.70 -22.90 -39.81
N ASN D 254 24.55 -23.12 -40.81
CA ASN D 254 25.85 -22.42 -40.93
C ASN D 254 25.60 -20.94 -41.25
N LEU D 255 26.48 -20.06 -40.81
CA LEU D 255 26.40 -18.60 -41.08
C LEU D 255 27.70 -18.12 -41.75
N TYR D 256 28.49 -19.02 -42.35
CA TYR D 256 29.83 -18.71 -42.90
C TYR D 256 29.74 -17.66 -44.02
N ASN D 257 28.64 -17.65 -44.78
CA ASN D 257 28.53 -16.85 -46.03
C ASN D 257 27.71 -15.57 -45.77
N LEU D 258 27.65 -15.08 -44.53
CA LEU D 258 26.97 -13.78 -44.24
C LEU D 258 27.77 -12.66 -44.89
N PRO D 259 27.13 -11.51 -45.20
CA PRO D 259 27.86 -10.37 -45.77
C PRO D 259 28.79 -9.71 -44.74
N SER D 260 29.45 -8.61 -45.12
CA SER D 260 30.55 -8.01 -44.32
C SER D 260 30.23 -6.55 -43.96
N SER D 261 29.00 -6.26 -43.52
CA SER D 261 28.60 -4.89 -43.12
C SER D 261 27.73 -4.87 -41.85
N LEU D 262 27.55 -6.02 -41.19
CA LEU D 262 26.60 -6.14 -40.05
C LEU D 262 27.22 -5.50 -38.80
N ASN D 263 26.41 -5.11 -37.82
CA ASN D 263 26.86 -4.31 -36.66
C ASN D 263 26.42 -4.91 -35.32
N CYS D 264 25.18 -5.40 -35.20
CA CYS D 264 24.62 -5.93 -33.94
C CYS D 264 23.96 -7.28 -34.20
N ILE D 265 24.73 -8.37 -34.19
CA ILE D 265 24.22 -9.74 -34.46
C ILE D 265 23.75 -10.35 -33.13
N LYS D 266 22.49 -10.11 -32.77
CA LYS D 266 21.95 -10.45 -31.43
C LYS D 266 21.54 -11.92 -31.41
N ILE D 267 21.89 -12.62 -30.34
CA ILE D 267 21.50 -14.05 -30.11
C ILE D 267 20.73 -14.12 -28.78
N ILE D 268 19.57 -14.77 -28.78
CA ILE D 268 18.74 -14.92 -27.56
C ILE D 268 18.83 -16.38 -27.11
N SER D 269 19.42 -16.61 -25.93
CA SER D 269 19.52 -17.94 -25.31
C SER D 269 18.10 -18.45 -25.02
N TYR D 270 17.86 -19.74 -25.25
CA TYR D 270 16.54 -20.37 -25.05
C TYR D 270 16.71 -21.77 -24.47
N LYS D 271 15.74 -22.19 -23.66
CA LYS D 271 15.64 -23.58 -23.14
C LYS D 271 15.75 -24.54 -24.32
N ARG D 272 16.63 -25.54 -24.23
CA ARG D 272 16.89 -26.49 -25.33
C ARG D 272 15.76 -27.52 -25.37
N THR D 273 15.56 -28.14 -26.54
CA THR D 273 14.58 -29.23 -26.75
C THR D 273 15.19 -30.55 -26.25
N TYR D 274 14.55 -31.68 -26.52
CA TYR D 274 14.86 -32.97 -25.85
C TYR D 274 15.35 -34.05 -26.83
N GLU D 275 14.86 -34.08 -28.07
CA GLU D 275 15.00 -35.27 -28.97
C GLU D 275 16.46 -35.72 -29.05
N HIS D 276 17.41 -34.78 -28.99
CA HIS D 276 18.87 -35.06 -29.09
C HIS D 276 19.30 -36.01 -27.96
N ILE D 277 18.44 -36.20 -26.96
CA ILE D 277 18.66 -37.20 -25.87
C ILE D 277 17.64 -38.33 -26.00
N VAL D 278 16.38 -38.00 -26.27
CA VAL D 278 15.25 -38.98 -26.33
C VAL D 278 15.58 -40.09 -27.35
N ASN D 279 16.16 -39.72 -28.50
CA ASN D 279 16.41 -40.65 -29.63
C ASN D 279 17.72 -41.42 -29.41
N VAL D 280 18.49 -41.09 -28.38
CA VAL D 280 19.85 -41.69 -28.17
C VAL D 280 19.79 -42.51 -26.87
N LEU D 281 18.65 -43.15 -26.62
CA LEU D 281 18.46 -44.07 -25.47
C LEU D 281 17.61 -45.25 -25.91
N PRO D 282 17.66 -46.40 -25.20
CA PRO D 282 16.88 -47.58 -25.56
C PRO D 282 15.41 -47.28 -25.85
N GLU D 283 14.92 -47.71 -27.01
CA GLU D 283 13.57 -47.36 -27.51
C GLU D 283 12.50 -47.93 -26.57
N HIS D 284 12.85 -48.94 -25.76
CA HIS D 284 11.93 -49.49 -24.73
C HIS D 284 12.05 -48.65 -23.44
N LEU D 285 12.82 -47.57 -23.46
CA LEU D 285 12.91 -46.61 -22.31
C LEU D 285 12.39 -45.22 -22.72
N LYS D 286 12.08 -45.01 -23.99
CA LYS D 286 11.47 -43.72 -24.45
C LYS D 286 10.05 -43.61 -23.89
N LYS D 287 9.48 -44.74 -23.46
CA LYS D 287 8.09 -44.82 -22.91
C LYS D 287 8.03 -44.13 -21.55
N LYS D 288 9.17 -43.83 -20.93
CA LYS D 288 9.23 -43.44 -19.49
C LYS D 288 10.01 -42.14 -19.31
N VAL D 289 9.91 -41.22 -20.26
CA VAL D 289 10.64 -39.92 -20.20
C VAL D 289 9.69 -38.89 -19.58
N ILE D 290 10.26 -37.95 -18.83
CA ILE D 290 9.52 -36.78 -18.27
C ILE D 290 10.26 -35.52 -18.70
N LYS D 291 9.60 -34.65 -19.47
CA LYS D 291 10.24 -33.46 -20.08
C LYS D 291 9.84 -32.21 -19.29
N ILE D 292 10.80 -31.58 -18.61
CA ILE D 292 10.57 -30.35 -17.80
C ILE D 292 11.51 -29.25 -18.29
N GLY E 1 19.10 -21.13 -1.89
CA GLY E 1 17.77 -21.71 -2.27
C GLY E 1 16.94 -22.05 -1.05
N SER E 2 15.64 -21.75 -1.09
CA SER E 2 14.72 -21.79 0.09
C SER E 2 14.28 -23.22 0.39
N MET E 3 14.18 -23.55 1.68
CA MET E 3 13.78 -24.90 2.15
C MET E 3 12.59 -24.81 3.12
N THR E 4 12.10 -23.61 3.43
CA THR E 4 10.88 -23.42 4.26
C THR E 4 9.79 -22.81 3.38
N LEU E 5 8.53 -23.13 3.66
CA LEU E 5 7.41 -22.69 2.80
C LEU E 5 6.12 -22.57 3.60
N VAL E 6 5.37 -21.50 3.38
CA VAL E 6 4.01 -21.27 3.94
C VAL E 6 3.05 -21.07 2.78
N ILE E 7 2.30 -22.11 2.42
CA ILE E 7 1.40 -22.06 1.23
C ILE E 7 0.09 -21.39 1.64
N LYS E 8 0.01 -20.07 1.44
CA LYS E 8 -1.18 -19.24 1.75
C LYS E 8 -2.21 -19.41 0.62
N THR E 9 -1.78 -19.20 -0.62
CA THR E 9 -2.66 -19.24 -1.82
C THR E 9 -2.66 -20.66 -2.39
N ASN E 10 -3.55 -20.93 -3.35
CA ASN E 10 -3.52 -22.20 -4.12
C ASN E 10 -2.37 -22.14 -5.13
N GLU E 11 -1.89 -20.94 -5.45
CA GLU E 11 -0.74 -20.71 -6.38
C GLU E 11 0.51 -21.38 -5.80
N ASP E 12 0.64 -21.41 -4.47
CA ASP E 12 1.91 -21.78 -3.77
C ASP E 12 2.15 -23.29 -3.84
N LEU E 13 1.18 -24.09 -4.29
CA LEU E 13 1.34 -25.57 -4.42
C LEU E 13 2.39 -25.90 -5.49
N ASN E 14 2.56 -25.04 -6.49
CA ASN E 14 3.62 -25.21 -7.52
C ASN E 14 4.99 -24.95 -6.89
N LYS E 15 5.04 -24.33 -5.71
CA LYS E 15 6.31 -23.91 -5.06
C LYS E 15 6.89 -25.04 -4.20
N LEU E 16 6.11 -26.07 -3.87
CA LEU E 16 6.62 -27.17 -3.00
C LEU E 16 7.42 -28.15 -3.85
N ASN E 17 8.52 -28.65 -3.29
CA ASN E 17 9.43 -29.61 -3.96
C ASN E 17 10.03 -30.49 -2.86
N ASP E 18 11.05 -31.28 -3.18
CA ASP E 18 11.64 -32.25 -2.23
C ASP E 18 12.69 -31.56 -1.34
N ASN E 19 12.98 -30.27 -1.56
CA ASN E 19 13.94 -29.51 -0.73
C ASN E 19 13.22 -28.85 0.45
N ILE E 20 11.89 -28.92 0.49
CA ILE E 20 11.09 -28.27 1.59
C ILE E 20 11.09 -29.20 2.80
N HIS E 21 11.73 -28.80 3.91
CA HIS E 21 11.75 -29.58 5.17
C HIS E 21 10.76 -29.00 6.18
N THR E 22 10.35 -27.74 6.02
CA THR E 22 9.35 -27.08 6.89
C THR E 22 8.15 -26.65 6.03
N LEU E 23 6.94 -27.08 6.38
CA LEU E 23 5.72 -26.78 5.61
C LEU E 23 4.60 -26.32 6.54
N THR E 24 3.86 -25.29 6.12
CA THR E 24 2.67 -24.77 6.85
C THR E 24 1.48 -24.70 5.89
N ILE E 25 0.31 -25.15 6.33
CA ILE E 25 -0.92 -25.25 5.50
C ILE E 25 -2.10 -24.74 6.33
N GLY E 26 -3.04 -24.05 5.67
CA GLY E 26 -4.36 -23.70 6.21
C GLY E 26 -4.39 -22.32 6.83
N ALA E 27 -3.48 -21.43 6.45
CA ALA E 27 -3.40 -20.04 6.98
C ALA E 27 -4.73 -19.31 6.74
N ASN E 28 -5.25 -19.34 5.50
CA ASN E 28 -6.36 -18.45 5.09
C ASN E 28 -7.65 -19.22 4.78
N PHE E 29 -7.56 -20.51 4.47
CA PHE E 29 -8.77 -21.34 4.17
C PHE E 29 -8.44 -22.82 4.29
N ASN E 30 -9.50 -23.63 4.38
CA ASN E 30 -9.43 -25.10 4.53
C ASN E 30 -8.96 -25.70 3.20
N GLN E 31 -7.64 -25.66 2.98
CA GLN E 31 -7.01 -26.15 1.73
C GLN E 31 -7.16 -27.67 1.66
N PRO E 32 -7.80 -28.22 0.60
CA PRO E 32 -7.84 -29.68 0.40
C PRO E 32 -6.47 -30.23 -0.01
N ILE E 33 -6.14 -31.45 0.43
CA ILE E 33 -4.76 -32.01 0.29
C ILE E 33 -4.79 -33.44 -0.24
N GLU E 34 -5.95 -34.00 -0.57
CA GLU E 34 -6.08 -35.45 -0.88
C GLU E 34 -5.15 -35.83 -2.04
N HIS E 35 -4.86 -34.91 -2.96
CA HIS E 35 -4.06 -35.19 -4.18
C HIS E 35 -2.82 -34.30 -4.21
N ILE E 36 -2.08 -34.24 -3.10
CA ILE E 36 -0.79 -33.50 -3.04
C ILE E 36 0.35 -34.50 -2.86
N LYS E 37 1.49 -34.22 -3.49
CA LYS E 37 2.72 -35.06 -3.38
C LYS E 37 3.64 -34.40 -2.36
N TRP E 38 3.77 -35.00 -1.18
CA TRP E 38 4.51 -34.40 -0.04
C TRP E 38 6.01 -34.45 -0.33
N PRO E 39 6.78 -33.44 0.15
CA PRO E 39 8.24 -33.48 0.03
C PRO E 39 8.83 -34.70 0.76
N LYS E 40 9.81 -35.35 0.13
CA LYS E 40 10.37 -36.65 0.61
C LYS E 40 11.11 -36.44 1.93
N LEU E 41 11.61 -35.23 2.22
CA LEU E 41 12.47 -34.99 3.42
C LEU E 41 11.80 -34.00 4.36
N LEU E 42 10.47 -34.01 4.41
CA LEU E 42 9.68 -33.13 5.30
C LEU E 42 9.97 -33.50 6.75
N THR E 43 10.32 -32.52 7.57
CA THR E 43 10.68 -32.74 9.00
C THR E 43 9.61 -32.14 9.90
N THR E 44 9.03 -30.99 9.52
CA THR E 44 8.00 -30.29 10.32
C THR E 44 6.81 -29.93 9.44
N LEU E 45 5.60 -30.20 9.91
CA LEU E 45 4.35 -29.89 9.18
C LEU E 45 3.36 -29.26 10.16
N THR E 46 2.90 -28.06 9.87
CA THR E 46 1.97 -27.30 10.74
C THR E 46 0.67 -27.03 9.98
N PHE E 47 -0.45 -27.46 10.53
CA PHE E 47 -1.81 -27.18 10.00
C PHE E 47 -2.38 -26.01 10.77
N GLU E 48 -2.71 -24.93 10.06
CA GLU E 48 -3.13 -23.64 10.65
C GLU E 48 -4.64 -23.67 10.92
N TRP E 49 -5.19 -22.51 11.28
CA TRP E 49 -6.57 -22.32 11.82
C TRP E 49 -7.61 -23.09 10.99
N TYR E 50 -7.72 -22.81 9.69
CA TYR E 50 -8.91 -23.20 8.89
C TYR E 50 -8.86 -24.67 8.47
N PHE E 51 -7.70 -25.33 8.56
CA PHE E 51 -7.50 -26.68 7.98
C PHE E 51 -8.40 -27.70 8.68
N ASP E 52 -9.22 -28.41 7.91
CA ASP E 52 -10.02 -29.57 8.37
C ASP E 52 -10.32 -30.45 7.15
N GLN E 53 -9.49 -31.48 6.95
CA GLN E 53 -9.66 -32.45 5.85
C GLN E 53 -9.31 -33.84 6.39
N PRO E 54 -9.93 -34.92 5.87
CA PRO E 54 -9.58 -36.27 6.30
C PRO E 54 -8.12 -36.59 5.97
N ILE E 55 -7.51 -37.46 6.77
CA ILE E 55 -6.07 -37.82 6.63
C ILE E 55 -5.91 -39.33 6.72
N GLU E 56 -6.96 -40.07 7.07
CA GLU E 56 -6.89 -41.54 7.29
C GLU E 56 -6.36 -42.25 6.03
N ASN E 57 -6.42 -41.61 4.86
CA ASN E 57 -5.93 -42.23 3.60
C ASN E 57 -4.94 -41.29 2.93
N VAL E 58 -4.11 -40.61 3.73
CA VAL E 58 -3.01 -39.75 3.20
C VAL E 58 -1.70 -40.28 3.78
N LYS E 59 -0.74 -40.61 2.91
CA LYS E 59 0.56 -41.17 3.34
C LYS E 59 1.52 -40.00 3.59
N LEU E 60 1.74 -39.64 4.85
CA LEU E 60 2.73 -38.60 5.16
C LEU E 60 4.13 -39.21 5.14
N PRO E 61 5.15 -38.43 4.72
CA PRO E 61 6.54 -38.90 4.70
C PRO E 61 6.97 -39.40 6.09
N ASP E 62 7.71 -40.51 6.11
CA ASP E 62 8.22 -41.11 7.37
C ASP E 62 9.26 -40.18 8.00
N SER E 63 9.75 -39.17 7.27
CA SER E 63 10.75 -38.19 7.74
C SER E 63 10.14 -37.24 8.78
N LEU E 64 8.80 -37.16 8.83
CA LEU E 64 8.09 -36.15 9.64
C LEU E 64 8.29 -36.46 11.12
N THR E 65 9.05 -35.62 11.82
CA THR E 65 9.31 -35.78 13.28
C THR E 65 8.29 -34.97 14.05
N THR E 66 7.80 -33.87 13.48
CA THR E 66 6.94 -32.89 14.18
C THR E 66 5.67 -32.64 13.35
N LEU E 67 4.51 -32.82 13.97
CA LEU E 67 3.20 -32.60 13.33
C LEU E 67 2.31 -31.82 14.28
N THR E 68 1.75 -30.72 13.82
CA THR E 68 0.83 -29.86 14.60
C THR E 68 -0.49 -29.71 13.84
N PHE E 69 -1.61 -30.02 14.50
CA PHE E 69 -2.98 -29.81 13.97
C PHE E 69 -3.56 -28.53 14.57
N GLY E 70 -4.43 -27.87 13.82
CA GLY E 70 -4.89 -26.49 14.10
C GLY E 70 -6.26 -26.45 14.75
N TYR E 71 -6.81 -25.24 14.86
CA TYR E 71 -8.12 -24.92 15.48
C TYR E 71 -9.22 -25.85 14.94
N SER E 72 -9.40 -25.89 13.62
CA SER E 72 -10.63 -26.40 12.96
C SER E 72 -10.57 -27.94 12.80
N PHE E 73 -9.40 -28.56 12.92
CA PHE E 73 -9.22 -29.99 12.55
C PHE E 73 -10.06 -30.87 13.47
N ASN E 74 -10.94 -31.69 12.89
CA ASN E 74 -11.68 -32.75 13.60
C ASN E 74 -12.05 -33.86 12.60
N GLN E 75 -11.22 -34.89 12.53
CA GLN E 75 -11.41 -36.05 11.63
C GLN E 75 -11.00 -37.31 12.39
N PRO E 76 -11.55 -38.50 12.04
CA PRO E 76 -11.11 -39.74 12.67
C PRO E 76 -9.65 -40.02 12.26
N ILE E 77 -8.87 -40.63 13.14
CA ILE E 77 -7.42 -40.84 12.90
C ILE E 77 -7.04 -42.29 13.20
N GLU E 78 -8.01 -43.13 13.55
CA GLU E 78 -7.74 -44.54 13.93
C GLU E 78 -7.17 -45.33 12.75
N LYS E 79 -7.33 -44.86 11.50
CA LYS E 79 -6.89 -45.64 10.30
C LYS E 79 -5.55 -45.13 9.77
N VAL E 80 -4.96 -44.10 10.38
CA VAL E 80 -3.82 -43.36 9.74
C VAL E 80 -2.56 -44.22 9.81
N LYS E 81 -1.80 -44.22 8.72
CA LYS E 81 -0.41 -44.75 8.68
C LYS E 81 0.51 -43.59 9.07
N TRP E 82 0.83 -43.51 10.35
CA TRP E 82 1.66 -42.43 10.91
C TRP E 82 3.08 -42.59 10.40
N PRO E 83 3.81 -41.48 10.20
CA PRO E 83 5.24 -41.55 9.86
C PRO E 83 6.04 -42.34 10.91
N LYS E 84 7.07 -43.03 10.45
CA LYS E 84 7.86 -43.95 11.30
C LYS E 84 8.70 -43.17 12.30
N THR E 85 9.07 -41.92 12.01
CA THR E 85 9.99 -41.13 12.85
C THR E 85 9.24 -40.02 13.59
N LEU E 86 7.91 -40.08 13.63
CA LEU E 86 7.10 -39.04 14.32
C LEU E 86 7.38 -39.13 15.83
N ALA E 87 7.82 -38.02 16.43
CA ALA E 87 8.19 -37.96 17.86
C ALA E 87 7.32 -36.93 18.60
N PHE E 88 6.79 -35.92 17.91
CA PHE E 88 6.07 -34.79 18.54
C PHE E 88 4.75 -34.55 17.80
N LEU E 89 3.64 -34.67 18.53
CA LEU E 89 2.28 -34.53 17.95
C LEU E 89 1.47 -33.59 18.84
N THR E 90 0.94 -32.51 18.24
CA THR E 90 0.06 -31.55 18.94
C THR E 90 -1.31 -31.55 18.24
N PHE E 91 -2.37 -31.58 19.03
CA PHE E 91 -3.76 -31.55 18.53
C PHE E 91 -4.41 -30.21 18.89
N GLY E 92 -5.33 -29.77 18.03
CA GLY E 92 -5.94 -28.43 18.10
C GLY E 92 -7.13 -28.41 19.03
N TYR E 93 -7.94 -27.34 18.92
CA TYR E 93 -9.08 -27.07 19.84
C TYR E 93 -10.28 -27.98 19.50
N LYS E 94 -10.62 -28.14 18.23
CA LYS E 94 -11.91 -28.77 17.85
C LYS E 94 -11.79 -30.29 17.66
N PHE E 95 -10.60 -30.87 17.78
CA PHE E 95 -10.41 -32.33 17.52
C PHE E 95 -11.00 -33.12 18.69
N ASN E 96 -12.02 -33.93 18.43
CA ASN E 96 -12.59 -34.88 19.42
C ASN E 96 -13.13 -36.10 18.68
N LYS E 97 -12.26 -37.10 18.50
CA LYS E 97 -12.60 -38.34 17.74
C LYS E 97 -11.95 -39.51 18.45
N PRO E 98 -12.55 -40.72 18.38
CA PRO E 98 -12.00 -41.89 19.04
C PRO E 98 -10.59 -42.21 18.54
N ILE E 99 -9.67 -42.49 19.46
CA ILE E 99 -8.26 -42.83 19.15
C ILE E 99 -7.94 -44.17 19.79
N GLU E 100 -8.95 -44.81 20.35
CA GLU E 100 -8.79 -46.01 21.20
C GLU E 100 -8.26 -47.18 20.36
N LYS E 101 -8.36 -47.12 19.03
CA LYS E 101 -7.88 -48.19 18.12
C LYS E 101 -6.73 -47.69 17.25
N VAL E 102 -6.11 -46.56 17.59
CA VAL E 102 -5.03 -45.94 16.74
C VAL E 102 -3.76 -46.75 16.88
N LYS E 103 -2.94 -46.78 15.82
CA LYS E 103 -1.63 -47.49 15.82
C LYS E 103 -0.53 -46.44 15.81
N TRP E 104 -0.09 -46.03 17.01
CA TRP E 104 1.00 -45.04 17.17
C TRP E 104 2.30 -45.64 16.64
N PRO E 105 3.18 -44.82 16.04
CA PRO E 105 4.57 -45.22 15.82
C PRO E 105 5.30 -45.30 17.17
N ASP E 106 6.20 -46.27 17.32
CA ASP E 106 6.93 -46.47 18.59
C ASP E 106 7.95 -45.35 18.80
N SER E 107 7.99 -44.33 17.93
CA SER E 107 8.97 -43.22 18.03
C SER E 107 8.34 -41.97 18.68
N LEU E 108 7.03 -42.00 18.97
CA LEU E 108 6.31 -40.84 19.55
C LEU E 108 6.73 -40.68 21.02
N THR E 109 7.23 -39.50 21.37
CA THR E 109 7.72 -39.18 22.74
C THR E 109 6.82 -38.14 23.41
N THR E 110 6.25 -37.20 22.66
CA THR E 110 5.45 -36.08 23.20
C THR E 110 4.10 -35.98 22.49
N LEU E 111 3.01 -36.04 23.24
CA LEU E 111 1.63 -35.83 22.72
C LEU E 111 0.96 -34.72 23.54
N ILE E 112 0.62 -33.61 22.89
CA ILE E 112 0.05 -32.42 23.57
C ILE E 112 -1.31 -32.11 22.94
N PHE E 113 -2.31 -31.88 23.78
CA PHE E 113 -3.65 -31.38 23.36
C PHE E 113 -3.71 -29.87 23.65
N GLU E 114 -4.44 -29.13 22.81
CA GLU E 114 -4.62 -27.67 22.96
C GLU E 114 -5.25 -27.40 24.33
N GLU E 115 -5.05 -26.20 24.85
CA GLU E 115 -5.44 -25.80 26.23
C GLU E 115 -6.93 -26.08 26.43
N ASN E 116 -7.78 -25.73 25.46
CA ASN E 116 -9.26 -25.81 25.58
C ASN E 116 -9.81 -26.95 24.73
N SER E 117 -8.99 -27.97 24.44
CA SER E 117 -9.33 -29.07 23.51
C SER E 117 -10.68 -29.70 23.92
N LEU E 118 -11.57 -29.93 22.95
CA LEU E 118 -12.88 -30.60 23.12
C LEU E 118 -12.66 -32.10 23.38
N PHE E 119 -11.42 -32.60 23.36
CA PHE E 119 -11.15 -34.06 23.36
C PHE E 119 -11.72 -34.68 24.64
N ASP E 120 -12.71 -35.56 24.47
CA ASP E 120 -13.33 -36.35 25.56
C ASP E 120 -13.76 -37.69 24.97
N GLN E 121 -12.86 -38.67 24.98
CA GLN E 121 -13.12 -40.05 24.47
C GLN E 121 -12.43 -41.04 25.41
N SER E 122 -12.93 -42.27 25.47
CA SER E 122 -12.35 -43.34 26.31
C SER E 122 -10.96 -43.69 25.75
N ILE E 123 -10.02 -43.99 26.64
CA ILE E 123 -8.63 -44.36 26.27
C ILE E 123 -8.19 -45.63 27.01
N GLU E 124 -9.08 -46.30 27.75
CA GLU E 124 -8.71 -47.47 28.59
C GLU E 124 -8.26 -48.65 27.72
N LYS E 125 -8.53 -48.63 26.41
CA LYS E 125 -8.19 -49.77 25.52
C LYS E 125 -7.05 -49.39 24.57
N ILE E 126 -6.34 -48.30 24.84
CA ILE E 126 -5.34 -47.77 23.87
C ILE E 126 -4.00 -48.52 24.05
N LYS E 127 -3.22 -48.59 22.98
CA LYS E 127 -1.82 -49.08 23.01
C LYS E 127 -0.90 -47.86 22.82
N TRP E 128 -0.33 -47.36 23.90
CA TRP E 128 0.59 -46.19 23.87
C TRP E 128 1.89 -46.59 23.18
N SER E 129 2.52 -45.61 22.53
CA SER E 129 3.91 -45.73 21.99
C SER E 129 4.87 -46.04 23.14
N ASN E 130 5.82 -46.95 22.91
CA ASN E 130 6.77 -47.41 23.94
C ASN E 130 7.81 -46.33 24.22
N SER E 131 7.81 -45.23 23.46
CA SER E 131 8.75 -44.09 23.66
C SER E 131 8.04 -42.87 24.26
N LEU E 132 6.74 -42.98 24.57
CA LEU E 132 5.95 -41.83 25.08
C LEU E 132 6.49 -41.41 26.46
N THR E 133 6.91 -40.15 26.61
CA THR E 133 7.44 -39.61 27.89
C THR E 133 6.53 -38.49 28.40
N THR E 134 5.97 -37.65 27.53
CA THR E 134 5.15 -36.49 27.95
C THR E 134 3.75 -36.58 27.32
N LEU E 135 2.72 -36.49 28.14
CA LEU E 135 1.31 -36.50 27.70
C LEU E 135 0.54 -35.39 28.41
N ILE E 136 0.06 -34.41 27.65
CA ILE E 136 -0.65 -33.22 28.22
C ILE E 136 -2.08 -33.23 27.70
N PHE E 137 -3.04 -33.19 28.61
CA PHE E 137 -4.50 -33.17 28.27
C PHE E 137 -4.99 -31.74 28.28
N GLY E 138 -6.25 -31.57 27.86
CA GLY E 138 -6.91 -30.25 27.73
C GLY E 138 -8.01 -30.06 28.74
N TRP E 139 -8.89 -29.12 28.43
CA TRP E 139 -9.96 -28.64 29.34
C TRP E 139 -11.00 -29.75 29.55
N ASN E 140 -11.53 -30.32 28.46
CA ASN E 140 -12.83 -31.02 28.49
C ASN E 140 -12.66 -32.53 28.71
N PHE E 141 -11.44 -33.04 28.77
CA PHE E 141 -11.22 -34.50 28.93
C PHE E 141 -11.66 -34.94 30.32
N ASN E 142 -12.58 -35.91 30.39
CA ASN E 142 -13.01 -36.55 31.65
C ASN E 142 -13.45 -37.99 31.36
N GLN E 143 -12.53 -38.93 31.50
CA GLN E 143 -12.76 -40.38 31.25
C GLN E 143 -11.97 -41.16 32.28
N PRO E 144 -12.43 -42.37 32.67
CA PRO E 144 -11.70 -43.18 33.65
C PRO E 144 -10.35 -43.65 33.08
N ILE E 145 -9.38 -43.86 33.96
CA ILE E 145 -7.99 -44.25 33.56
C ILE E 145 -7.52 -45.43 34.41
N GLU E 146 -8.38 -45.99 35.26
CA GLU E 146 -7.99 -47.08 36.21
C GLU E 146 -7.53 -48.34 35.45
N ASN E 147 -7.90 -48.48 34.17
CA ASN E 147 -7.55 -49.69 33.38
C ASN E 147 -6.79 -49.27 32.13
N VAL E 148 -5.81 -48.38 32.26
CA VAL E 148 -4.96 -47.97 31.09
C VAL E 148 -3.57 -48.58 31.29
N GLU E 149 -3.00 -49.14 30.23
CA GLU E 149 -1.63 -49.69 30.28
C GLU E 149 -0.65 -48.58 29.91
N TRP E 150 -0.26 -47.77 30.90
CA TRP E 150 0.74 -46.69 30.71
C TRP E 150 2.07 -47.32 30.33
N PRO E 151 2.78 -46.77 29.33
CA PRO E 151 4.10 -47.28 28.95
C PRO E 151 5.14 -46.89 30.00
N GLU E 152 6.15 -47.72 30.14
CA GLU E 152 7.21 -47.58 31.16
C GLU E 152 8.07 -46.36 30.83
N SER E 153 7.95 -45.80 29.62
CA SER E 153 8.72 -44.61 29.17
C SER E 153 8.11 -43.31 29.71
N LEU E 154 6.88 -43.37 30.25
CA LEU E 154 6.12 -42.14 30.64
C LEU E 154 6.76 -41.52 31.89
N THR E 155 7.15 -40.25 31.77
CA THR E 155 7.80 -39.48 32.87
C THR E 155 6.92 -38.30 33.31
N THR E 156 6.11 -37.74 32.41
CA THR E 156 5.31 -36.53 32.71
C THR E 156 3.86 -36.75 32.26
N LEU E 157 2.91 -36.58 33.18
CA LEU E 157 1.45 -36.62 32.87
C LEU E 157 0.81 -35.35 33.42
N VAL E 158 0.24 -34.54 32.55
CA VAL E 158 -0.26 -33.18 32.92
C VAL E 158 -1.68 -33.00 32.40
N PHE E 159 -2.57 -32.56 33.28
CA PHE E 159 -3.91 -32.03 32.95
C PHE E 159 -3.86 -30.51 32.99
N ASN E 160 -4.65 -29.87 32.12
CA ASN E 160 -4.79 -28.39 32.13
C ASN E 160 -5.32 -27.96 33.49
N GLU E 161 -4.89 -26.81 33.98
CA GLU E 161 -5.29 -26.30 35.33
C GLU E 161 -6.82 -26.13 35.38
N ASP E 162 -7.51 -26.07 34.25
CA ASP E 162 -8.99 -25.91 34.20
C ASP E 162 -9.66 -27.21 33.76
N SER E 163 -8.98 -28.35 33.91
CA SER E 163 -9.50 -29.68 33.49
C SER E 163 -10.74 -30.02 34.31
N ILE E 164 -11.73 -30.64 33.67
CA ILE E 164 -12.99 -31.10 34.31
C ILE E 164 -12.83 -32.56 34.69
N PHE E 165 -11.60 -33.09 34.62
CA PHE E 165 -11.30 -34.50 34.95
C PHE E 165 -11.56 -34.74 36.44
N ASN E 166 -12.46 -35.66 36.74
CA ASN E 166 -12.74 -36.12 38.12
C ASN E 166 -13.15 -37.59 38.09
N GLN E 167 -12.19 -38.49 38.21
CA GLN E 167 -12.41 -39.95 38.18
C GLN E 167 -11.64 -40.59 39.33
N PRO E 168 -12.08 -41.76 39.84
CA PRO E 168 -11.29 -42.49 40.83
C PRO E 168 -10.00 -43.02 40.21
N ILE E 169 -8.91 -43.01 40.97
CA ILE E 169 -7.56 -43.41 40.46
C ILE E 169 -6.91 -44.40 41.42
N GLU E 170 -7.66 -44.95 42.37
CA GLU E 170 -7.11 -45.85 43.43
C GLU E 170 -6.62 -47.15 42.78
N ASN E 171 -7.17 -47.56 41.64
CA ASN E 171 -6.83 -48.85 40.98
C ASN E 171 -5.95 -48.61 39.75
N VAL E 172 -5.33 -47.43 39.64
CA VAL E 172 -4.42 -47.09 38.52
C VAL E 172 -3.07 -47.75 38.79
N LYS E 173 -2.44 -48.28 37.75
CA LYS E 173 -1.07 -48.84 37.84
C LYS E 173 -0.13 -47.90 37.10
N TRP E 174 0.59 -47.05 37.83
CA TRP E 174 1.54 -46.06 37.25
C TRP E 174 2.81 -46.78 36.83
N PRO E 175 3.52 -46.27 35.80
CA PRO E 175 4.86 -46.76 35.48
C PRO E 175 5.87 -46.39 36.58
N LYS E 176 7.02 -47.06 36.58
CA LYS E 176 8.04 -46.93 37.67
C LYS E 176 8.97 -45.74 37.40
N LEU E 177 8.79 -45.00 36.29
CA LEU E 177 9.68 -43.87 35.95
C LEU E 177 8.92 -42.54 35.97
N LEU E 178 7.62 -42.55 36.26
CA LEU E 178 6.76 -41.34 36.25
C LEU E 178 7.28 -40.35 37.29
N LYS E 179 7.75 -39.19 36.84
CA LYS E 179 8.38 -38.16 37.72
C LYS E 179 7.33 -37.13 38.14
N THR E 180 6.43 -36.74 37.23
CA THR E 180 5.54 -35.58 37.42
C THR E 180 4.09 -35.99 37.15
N ILE E 181 3.20 -35.73 38.10
CA ILE E 181 1.73 -35.83 37.93
C ILE E 181 1.12 -34.50 38.31
N ILE E 182 0.36 -33.90 37.40
CA ILE E 182 -0.32 -32.60 37.67
C ILE E 182 -1.80 -32.78 37.36
N PHE E 183 -2.65 -32.63 38.38
CA PHE E 183 -4.12 -32.68 38.25
C PHE E 183 -4.66 -31.25 38.12
N GLY E 184 -5.89 -31.14 37.63
CA GLY E 184 -6.53 -29.86 37.29
C GLY E 184 -7.53 -29.43 38.34
N CYS E 185 -8.39 -28.48 37.97
CA CYS E 185 -9.35 -27.79 38.86
C CYS E 185 -10.32 -28.79 39.50
N HIS E 186 -10.87 -29.73 38.73
CA HIS E 186 -12.08 -30.48 39.15
C HIS E 186 -11.74 -31.79 39.85
N PHE E 187 -10.50 -32.27 39.80
CA PHE E 187 -10.14 -33.59 40.39
C PHE E 187 -10.25 -33.51 41.92
N ASN E 188 -11.14 -34.30 42.49
CA ASN E 188 -11.30 -34.46 43.95
C ASN E 188 -11.82 -35.87 44.23
N HIS E 189 -10.90 -36.81 44.46
CA HIS E 189 -11.21 -38.24 44.67
C HIS E 189 -10.28 -38.79 45.75
N PRO E 190 -10.67 -39.87 46.47
CA PRO E 190 -9.83 -40.47 47.50
C PRO E 190 -8.52 -41.02 46.90
N ILE E 191 -7.41 -40.86 47.61
CA ILE E 191 -6.06 -41.30 47.13
C ILE E 191 -5.35 -42.16 48.18
N GLU E 192 -6.07 -42.64 49.19
CA GLU E 192 -5.48 -43.45 50.27
C GLU E 192 -4.97 -44.78 49.70
N ASN E 193 -5.66 -45.37 48.72
CA ASN E 193 -5.31 -46.71 48.18
C ASN E 193 -4.57 -46.57 46.85
N VAL E 194 -3.74 -45.53 46.70
CA VAL E 194 -2.92 -45.34 45.47
C VAL E 194 -1.47 -45.68 45.83
N LYS E 195 -0.82 -46.53 45.03
CA LYS E 195 0.64 -46.79 45.14
C LYS E 195 1.35 -45.92 44.09
N TRP E 196 1.85 -44.76 44.53
CA TRP E 196 2.57 -43.81 43.66
C TRP E 196 3.87 -44.47 43.20
N PRO E 197 4.36 -44.15 41.98
CA PRO E 197 5.65 -44.65 41.53
C PRO E 197 6.79 -44.13 42.41
N GLY E 198 7.71 -45.02 42.80
CA GLY E 198 8.87 -44.73 43.66
C GLY E 198 9.75 -43.63 43.08
N SER E 199 9.63 -43.33 41.80
CA SER E 199 10.44 -42.30 41.10
C SER E 199 9.71 -40.93 41.10
N LEU E 200 8.57 -40.83 41.79
CA LEU E 200 7.76 -39.58 41.77
C LEU E 200 8.51 -38.48 42.51
N THR E 201 8.67 -37.33 41.86
CA THR E 201 9.41 -36.17 42.42
C THR E 201 8.47 -34.96 42.53
N THR E 202 7.54 -34.78 41.61
CA THR E 202 6.62 -33.61 41.56
C THR E 202 5.17 -34.09 41.53
N LEU E 203 4.38 -33.71 42.52
CA LEU E 203 2.93 -34.03 42.59
C LEU E 203 2.16 -32.74 42.83
N ILE E 204 1.23 -32.41 41.93
CA ILE E 204 0.46 -31.13 41.98
C ILE E 204 -1.03 -31.44 41.95
N PHE E 205 -1.77 -30.91 42.90
CA PHE E 205 -3.25 -31.02 42.99
C PHE E 205 -3.87 -29.66 42.65
N GLY E 206 -5.16 -29.65 42.31
CA GLY E 206 -5.88 -28.48 41.79
C GLY E 206 -6.85 -27.89 42.80
N ASP E 207 -7.79 -27.08 42.32
CA ASP E 207 -8.69 -26.27 43.19
C ASP E 207 -9.56 -27.19 44.06
N ASP E 208 -10.38 -28.03 43.45
CA ASP E 208 -11.45 -28.78 44.15
C ASP E 208 -10.86 -29.87 45.06
N PHE E 209 -9.60 -30.26 44.86
CA PHE E 209 -9.03 -31.43 45.57
C PHE E 209 -8.95 -31.14 47.08
N ASN E 210 -9.67 -31.93 47.88
CA ASN E 210 -9.68 -31.84 49.36
C ASN E 210 -9.98 -33.23 49.93
N GLN E 211 -8.94 -33.97 50.29
CA GLN E 211 -9.05 -35.39 50.73
C GLN E 211 -8.13 -35.62 51.92
N PRO E 212 -8.42 -36.63 52.78
CA PRO E 212 -7.62 -36.87 53.98
C PRO E 212 -6.24 -37.49 53.67
N PHE E 213 -5.26 -37.18 54.50
CA PHE E 213 -3.85 -37.67 54.35
C PHE E 213 -3.41 -38.43 55.61
N GLU E 214 -4.30 -39.13 56.30
CA GLU E 214 -3.92 -39.90 57.51
C GLU E 214 -3.48 -41.31 57.11
N ASN E 215 -4.07 -41.89 56.07
CA ASN E 215 -3.73 -43.26 55.60
C ASN E 215 -3.07 -43.17 54.22
N VAL E 216 -2.28 -42.12 53.99
CA VAL E 216 -1.55 -41.95 52.70
C VAL E 216 -0.07 -42.11 52.97
N ILE E 217 0.66 -42.68 52.03
CA ILE E 217 2.14 -42.76 52.09
C ILE E 217 2.70 -42.37 50.72
N LEU E 218 3.64 -41.44 50.72
CA LEU E 218 4.24 -40.90 49.48
C LEU E 218 5.65 -41.43 49.32
N PRO E 219 6.15 -41.55 48.07
CA PRO E 219 7.49 -42.07 47.82
C PRO E 219 8.57 -41.23 48.52
N LYS E 220 9.69 -41.87 48.85
CA LYS E 220 10.86 -41.21 49.49
C LYS E 220 11.51 -40.23 48.50
N SER E 221 11.12 -40.25 47.23
CA SER E 221 11.73 -39.40 46.17
C SER E 221 10.98 -38.08 46.01
N LEU E 222 9.84 -37.91 46.68
CA LEU E 222 8.95 -36.74 46.47
C LEU E 222 9.65 -35.49 47.00
N THR E 223 9.78 -34.45 46.17
CA THR E 223 10.48 -33.19 46.51
C THR E 223 9.58 -31.97 46.30
N ASN E 224 8.64 -32.01 45.36
CA ASN E 224 7.74 -30.86 45.05
C ASN E 224 6.29 -31.30 45.22
N LEU E 225 5.53 -30.62 46.07
CA LEU E 225 4.11 -30.95 46.34
C LEU E 225 3.31 -29.65 46.49
N THR E 226 2.32 -29.44 45.64
CA THR E 226 1.48 -28.22 45.68
C THR E 226 0.03 -28.60 45.96
N PHE E 227 -0.74 -27.68 46.52
CA PHE E 227 -2.16 -27.87 46.90
C PHE E 227 -3.01 -26.71 46.38
N GLY E 228 -4.33 -26.86 46.47
CA GLY E 228 -5.30 -25.91 45.90
C GLY E 228 -6.09 -25.16 46.97
N PRO E 229 -6.91 -24.17 46.58
CA PRO E 229 -7.68 -23.36 47.50
C PRO E 229 -8.61 -24.15 48.45
N ASN E 230 -9.09 -25.32 48.05
CA ASN E 230 -10.13 -26.05 48.82
C ASN E 230 -9.50 -27.08 49.75
N PHE E 231 -8.19 -27.32 49.67
CA PHE E 231 -7.53 -28.36 50.50
C PHE E 231 -7.42 -27.84 51.94
N ASN E 232 -8.15 -28.48 52.86
CA ASN E 232 -8.15 -28.14 54.31
C ASN E 232 -8.08 -29.43 55.13
N GLN E 233 -7.13 -30.31 54.82
CA GLN E 233 -6.97 -31.60 55.54
C GLN E 233 -5.59 -31.66 56.19
N PRO E 234 -5.46 -32.30 57.38
CA PRO E 234 -4.21 -32.29 58.14
C PRO E 234 -3.06 -33.01 57.43
N LEU E 235 -1.83 -32.58 57.69
CA LEU E 235 -0.60 -33.12 57.06
C LEU E 235 0.37 -33.58 58.14
N ASN E 236 0.38 -34.87 58.44
CA ASN E 236 1.21 -35.44 59.54
C ASN E 236 2.28 -36.39 58.98
N PHE E 237 1.97 -37.15 57.94
CA PHE E 237 2.81 -38.31 57.48
C PHE E 237 3.42 -38.01 56.13
N LEU E 238 3.86 -36.76 55.91
CA LEU E 238 4.57 -36.39 54.65
C LEU E 238 5.99 -36.96 54.70
N PRO E 239 6.52 -37.42 53.55
CA PRO E 239 7.89 -37.95 53.50
C PRO E 239 8.93 -36.88 53.90
N GLU E 240 9.93 -37.29 54.69
CA GLU E 240 10.95 -36.39 55.27
C GLU E 240 11.90 -35.87 54.18
N SER E 241 11.83 -36.42 52.97
CA SER E 241 12.66 -35.98 51.82
C SER E 241 11.95 -34.88 51.01
N LEU E 242 10.79 -34.41 51.47
CA LEU E 242 10.06 -33.31 50.78
C LEU E 242 10.89 -32.04 50.86
N LYS E 243 10.89 -31.25 49.78
CA LYS E 243 11.75 -30.05 49.66
C LYS E 243 10.89 -28.78 49.52
N ASN E 244 9.88 -28.78 48.66
CA ASN E 244 9.01 -27.60 48.44
C ASN E 244 7.55 -28.00 48.63
N ILE E 245 6.81 -27.27 49.45
CA ILE E 245 5.34 -27.44 49.57
C ILE E 245 4.65 -26.11 49.22
N THR E 246 3.42 -26.21 48.73
CA THR E 246 2.57 -25.04 48.37
C THR E 246 1.17 -25.27 48.92
N ILE E 247 0.65 -24.28 49.66
CA ILE E 247 -0.72 -24.32 50.25
C ILE E 247 -1.34 -22.93 50.11
N THR E 248 -2.58 -22.79 50.57
CA THR E 248 -3.40 -21.56 50.41
C THR E 248 -3.81 -21.04 51.78
N THR E 249 -4.28 -19.80 51.82
CA THR E 249 -4.70 -19.11 53.05
C THR E 249 -6.02 -19.69 53.55
N ASN E 250 -6.70 -20.54 52.79
CA ASN E 250 -7.94 -21.21 53.25
C ASN E 250 -7.60 -22.38 54.17
N TYR E 251 -6.30 -22.67 54.38
CA TYR E 251 -5.84 -23.81 55.20
C TYR E 251 -5.87 -23.42 56.68
N GLN E 252 -6.75 -24.07 57.45
CA GLN E 252 -7.03 -23.75 58.87
C GLN E 252 -6.75 -25.00 59.70
N GLN E 253 -5.61 -25.66 59.47
CA GLN E 253 -5.22 -26.87 60.23
C GLN E 253 -3.82 -26.67 60.79
N ASN E 254 -3.49 -27.42 61.84
CA ASN E 254 -2.19 -27.29 62.56
C ASN E 254 -1.10 -27.95 61.72
N LEU E 255 0.07 -27.32 61.64
CA LEU E 255 1.20 -27.80 60.81
C LEU E 255 2.43 -28.04 61.68
N TYR E 256 2.27 -28.70 62.83
CA TYR E 256 3.38 -28.95 63.78
C TYR E 256 4.14 -30.21 63.35
N ASN E 257 3.48 -31.13 62.65
CA ASN E 257 4.07 -32.44 62.27
C ASN E 257 4.49 -32.41 60.80
N LEU E 258 4.99 -31.28 60.30
CA LEU E 258 5.52 -31.21 58.91
C LEU E 258 7.00 -31.59 58.91
N PRO E 259 7.48 -32.24 57.83
CA PRO E 259 8.90 -32.57 57.72
C PRO E 259 9.81 -31.34 57.78
N SER E 260 11.00 -31.49 58.37
CA SER E 260 12.10 -30.51 58.32
C SER E 260 12.68 -30.45 56.90
N SER E 261 13.75 -29.66 56.70
CA SER E 261 14.58 -29.62 55.46
C SER E 261 13.84 -28.96 54.28
N LEU E 262 12.56 -28.64 54.44
CA LEU E 262 11.74 -27.99 53.39
C LEU E 262 12.41 -26.66 53.02
N ASN E 263 13.04 -26.57 51.86
CA ASN E 263 13.82 -25.39 51.40
C ASN E 263 12.92 -24.24 50.88
N CYS E 264 11.61 -24.47 50.66
CA CYS E 264 10.59 -23.43 50.31
C CYS E 264 9.16 -23.82 50.80
N ILE E 265 8.44 -22.97 51.55
CA ILE E 265 6.98 -23.17 51.83
C ILE E 265 6.22 -22.01 51.21
N LYS E 266 5.59 -22.24 50.06
CA LYS E 266 4.80 -21.19 49.36
C LYS E 266 3.36 -21.20 49.88
N ILE E 267 2.90 -20.08 50.40
CA ILE E 267 1.47 -19.86 50.73
C ILE E 267 0.88 -18.94 49.67
N ILE E 268 -0.22 -19.36 49.06
CA ILE E 268 -0.92 -18.54 48.03
C ILE E 268 -2.06 -17.82 48.74
N SER E 269 -2.00 -16.49 48.74
CA SER E 269 -3.06 -15.64 49.34
C SER E 269 -4.28 -15.68 48.43
N TYR E 270 -5.39 -16.23 48.91
CA TYR E 270 -6.68 -16.28 48.17
C TYR E 270 -7.70 -15.38 48.86
N LYS E 271 -8.69 -14.94 48.09
CA LYS E 271 -9.89 -14.25 48.61
C LYS E 271 -10.55 -15.15 49.65
N ARG E 272 -10.81 -14.62 50.84
CA ARG E 272 -11.27 -15.43 51.99
C ARG E 272 -12.68 -15.96 51.71
N THR E 273 -13.02 -17.06 52.37
CA THR E 273 -14.36 -17.70 52.33
C THR E 273 -15.34 -16.89 53.19
N TYR E 274 -16.56 -17.40 53.37
CA TYR E 274 -17.68 -16.61 53.97
C TYR E 274 -18.23 -17.26 55.26
N GLU E 275 -17.88 -18.50 55.59
CA GLU E 275 -18.52 -19.24 56.72
C GLU E 275 -18.38 -18.45 58.03
N HIS E 276 -17.24 -17.80 58.25
CA HIS E 276 -16.94 -17.10 59.53
C HIS E 276 -17.87 -15.89 59.73
N ILE E 277 -18.52 -15.41 58.67
CA ILE E 277 -19.52 -14.31 58.77
C ILE E 277 -20.93 -14.91 58.87
N VAL E 278 -21.23 -15.93 58.06
CA VAL E 278 -22.60 -16.50 57.98
C VAL E 278 -22.92 -17.23 59.29
N ASN E 279 -21.91 -17.78 59.96
CA ASN E 279 -22.12 -18.58 61.21
C ASN E 279 -22.50 -17.66 62.36
N VAL E 280 -22.03 -16.40 62.35
CA VAL E 280 -22.24 -15.45 63.48
C VAL E 280 -23.41 -14.53 63.13
N LEU E 281 -24.24 -14.92 62.18
CA LEU E 281 -25.44 -14.15 61.75
C LEU E 281 -26.68 -14.72 62.42
N PRO E 282 -27.73 -13.92 62.64
CA PRO E 282 -29.04 -14.46 63.01
C PRO E 282 -29.53 -15.49 61.99
N GLU E 283 -30.15 -16.56 62.49
CA GLU E 283 -30.59 -17.72 61.65
C GLU E 283 -31.53 -17.25 60.54
N HIS E 284 -32.52 -16.42 60.87
CA HIS E 284 -33.56 -16.00 59.90
C HIS E 284 -32.95 -15.08 58.83
N LEU E 285 -31.69 -14.65 58.97
CA LEU E 285 -31.06 -13.72 58.00
C LEU E 285 -29.99 -14.41 57.14
N LYS E 286 -29.60 -15.64 57.47
CA LYS E 286 -28.53 -16.35 56.71
C LYS E 286 -29.00 -16.62 55.26
N LYS E 287 -30.31 -16.62 55.03
CA LYS E 287 -30.88 -16.81 53.68
C LYS E 287 -30.80 -15.50 52.87
N LYS E 288 -30.44 -14.38 53.50
CA LYS E 288 -30.49 -13.03 52.85
C LYS E 288 -29.08 -12.55 52.52
N VAL E 289 -28.13 -13.46 52.30
CA VAL E 289 -26.69 -13.11 52.12
C VAL E 289 -26.34 -13.07 50.63
N ILE E 290 -25.54 -12.10 50.22
CA ILE E 290 -25.01 -11.99 48.82
C ILE E 290 -23.48 -11.96 48.92
N LYS E 291 -22.82 -12.97 48.36
CA LYS E 291 -21.36 -13.18 48.56
C LYS E 291 -20.60 -12.57 47.38
N ILE E 292 -19.97 -11.41 47.60
CA ILE E 292 -19.11 -10.73 46.59
C ILE E 292 -17.71 -10.60 47.19
N GLY F 1 -6.89 -22.67 31.12
CA GLY F 1 -5.47 -22.43 31.46
C GLY F 1 -4.62 -22.32 30.21
N SER F 2 -3.68 -21.37 30.17
CA SER F 2 -2.85 -21.04 28.99
C SER F 2 -1.44 -21.62 29.17
N MET F 3 -1.00 -22.44 28.22
CA MET F 3 0.30 -23.16 28.28
C MET F 3 1.21 -22.71 27.13
N THR F 4 0.72 -21.82 26.26
CA THR F 4 1.53 -21.18 25.20
C THR F 4 1.71 -19.72 25.58
N LEU F 5 2.92 -19.19 25.40
CA LEU F 5 3.27 -17.81 25.80
C LEU F 5 4.26 -17.22 24.78
N VAL F 6 3.91 -16.10 24.18
CA VAL F 6 4.84 -15.31 23.32
C VAL F 6 5.21 -14.04 24.09
N ILE F 7 6.46 -13.92 24.50
CA ILE F 7 6.96 -12.74 25.25
C ILE F 7 7.29 -11.63 24.26
N LYS F 8 6.53 -10.53 24.31
CA LYS F 8 6.74 -9.34 23.47
C LYS F 8 7.27 -8.19 24.33
N THR F 9 6.57 -7.88 25.42
CA THR F 9 6.95 -6.81 26.39
C THR F 9 7.31 -7.44 27.73
N ASN F 10 8.10 -6.74 28.55
CA ASN F 10 8.48 -7.20 29.91
C ASN F 10 7.20 -7.39 30.75
N GLU F 11 6.12 -6.70 30.40
CA GLU F 11 4.78 -6.92 31.00
C GLU F 11 4.41 -8.39 30.85
N ASP F 12 4.85 -9.04 29.77
CA ASP F 12 4.53 -10.46 29.50
C ASP F 12 5.41 -11.38 30.35
N LEU F 13 6.56 -10.91 30.84
CA LEU F 13 7.56 -11.79 31.54
C LEU F 13 6.99 -12.27 32.88
N ASN F 14 6.14 -11.48 33.53
CA ASN F 14 5.47 -11.90 34.80
C ASN F 14 4.41 -12.95 34.46
N LYS F 15 4.21 -13.28 33.18
CA LYS F 15 3.30 -14.38 32.76
C LYS F 15 4.01 -15.74 32.76
N LEU F 16 5.32 -15.78 33.03
CA LEU F 16 6.07 -17.05 33.13
C LEU F 16 5.59 -17.82 34.37
N ASN F 17 5.21 -19.08 34.18
CA ASN F 17 4.91 -20.04 35.26
C ASN F 17 5.39 -21.41 34.82
N ASP F 18 5.12 -22.44 35.61
CA ASP F 18 5.55 -23.83 35.31
C ASP F 18 4.50 -24.50 34.43
N ASN F 19 3.46 -23.78 34.01
CA ASN F 19 2.39 -24.34 33.15
C ASN F 19 2.69 -24.11 31.66
N ILE F 20 3.72 -23.33 31.34
CA ILE F 20 4.08 -23.03 29.93
C ILE F 20 4.91 -24.18 29.36
N HIS F 21 4.52 -24.71 28.21
CA HIS F 21 5.30 -25.76 27.49
C HIS F 21 5.77 -25.22 26.13
N THR F 22 5.10 -24.21 25.58
CA THR F 22 5.51 -23.56 24.31
C THR F 22 5.83 -22.10 24.57
N LEU F 23 7.10 -21.71 24.43
CA LEU F 23 7.57 -20.35 24.75
C LEU F 23 8.29 -19.74 23.54
N THR F 24 7.87 -18.56 23.11
CA THR F 24 8.54 -17.77 22.05
C THR F 24 9.14 -16.50 22.66
N ILE F 25 10.43 -16.26 22.42
CA ILE F 25 11.17 -15.08 22.93
C ILE F 25 11.92 -14.45 21.76
N GLY F 26 11.83 -13.12 21.63
CA GLY F 26 12.74 -12.36 20.74
C GLY F 26 12.02 -11.51 19.70
N ALA F 27 10.70 -11.61 19.58
CA ALA F 27 9.92 -10.78 18.64
C ALA F 27 9.96 -9.32 19.13
N ASN F 28 10.36 -8.38 18.25
CA ASN F 28 10.29 -6.92 18.45
C ASN F 28 11.31 -6.39 19.48
N PHE F 29 12.15 -7.23 20.09
CA PHE F 29 13.08 -6.76 21.14
C PHE F 29 14.14 -7.83 21.46
N ASN F 30 15.31 -7.42 21.93
CA ASN F 30 16.36 -8.34 22.42
C ASN F 30 16.16 -8.52 23.93
N GLN F 31 15.49 -9.59 24.33
CA GLN F 31 15.14 -9.83 25.76
C GLN F 31 16.37 -10.35 26.50
N PRO F 32 16.73 -9.78 27.68
CA PRO F 32 17.68 -10.42 28.58
C PRO F 32 17.10 -11.71 29.19
N ILE F 33 17.88 -12.80 29.21
CA ILE F 33 17.37 -14.15 29.59
C ILE F 33 18.19 -14.77 30.73
N GLU F 34 19.32 -14.15 31.11
CA GLU F 34 20.33 -14.77 32.00
C GLU F 34 19.81 -14.83 33.44
N HIS F 35 18.73 -14.10 33.76
CA HIS F 35 18.13 -14.07 35.11
C HIS F 35 16.66 -14.51 35.02
N ILE F 36 16.36 -15.56 34.24
CA ILE F 36 14.97 -16.10 34.12
C ILE F 36 14.90 -17.44 34.84
N LYS F 37 13.78 -17.73 35.50
CA LYS F 37 13.48 -19.07 36.06
C LYS F 37 12.63 -19.81 35.04
N TRP F 38 13.23 -20.74 34.29
CA TRP F 38 12.58 -21.41 33.12
C TRP F 38 11.43 -22.28 33.61
N PRO F 39 10.37 -22.44 32.80
CA PRO F 39 9.28 -23.36 33.13
C PRO F 39 9.81 -24.80 33.21
N LYS F 40 9.48 -25.50 34.29
CA LYS F 40 10.05 -26.84 34.60
C LYS F 40 9.50 -27.88 33.62
N LEU F 41 8.45 -27.54 32.85
CA LEU F 41 7.88 -28.48 31.84
C LEU F 41 7.99 -27.89 30.44
N LEU F 42 8.99 -27.04 30.18
CA LEU F 42 9.16 -26.41 28.86
C LEU F 42 9.44 -27.52 27.83
N THR F 43 8.72 -27.49 26.71
CA THR F 43 8.82 -28.54 25.67
C THR F 43 9.38 -27.95 24.38
N THR F 44 8.90 -26.78 23.98
CA THR F 44 9.34 -26.10 22.73
C THR F 44 9.78 -24.67 23.07
N LEU F 45 10.93 -24.26 22.53
CA LEU F 45 11.50 -22.90 22.72
C LEU F 45 11.91 -22.33 21.36
N THR F 46 11.35 -21.17 21.01
CA THR F 46 11.64 -20.49 19.72
C THR F 46 12.21 -19.10 20.00
N PHE F 47 13.50 -18.92 19.76
CA PHE F 47 14.18 -17.60 19.80
C PHE F 47 13.97 -16.89 18.46
N GLU F 48 13.33 -15.71 18.49
CA GLU F 48 12.90 -14.98 17.27
C GLU F 48 14.05 -14.14 16.70
N TRP F 49 13.74 -13.23 15.77
CA TRP F 49 14.70 -12.41 15.00
C TRP F 49 15.68 -11.69 15.94
N TYR F 50 15.18 -10.90 16.87
CA TYR F 50 15.98 -9.87 17.59
C TYR F 50 16.76 -10.48 18.77
N PHE F 51 16.88 -11.81 18.87
CA PHE F 51 17.55 -12.43 20.04
C PHE F 51 19.03 -12.65 19.74
N ASP F 52 19.89 -12.23 20.66
CA ASP F 52 21.34 -12.56 20.65
C ASP F 52 21.90 -12.31 22.04
N GLN F 53 22.16 -13.38 22.80
CA GLN F 53 22.70 -13.29 24.18
C GLN F 53 23.35 -14.62 24.55
N PRO F 54 24.40 -14.61 25.39
CA PRO F 54 25.10 -15.84 25.75
C PRO F 54 24.19 -16.86 26.44
N ILE F 55 24.51 -18.14 26.33
CA ILE F 55 23.67 -19.23 26.89
C ILE F 55 24.52 -20.22 27.67
N GLU F 56 25.85 -20.17 27.57
CA GLU F 56 26.75 -21.12 28.27
C GLU F 56 26.51 -21.04 29.78
N ASN F 57 26.13 -19.88 30.29
CA ASN F 57 25.88 -19.62 31.74
C ASN F 57 24.42 -19.98 32.08
N VAL F 58 23.71 -20.66 31.19
CA VAL F 58 22.26 -20.96 31.37
C VAL F 58 22.07 -22.48 31.41
N LYS F 59 21.22 -22.95 32.30
CA LYS F 59 20.78 -24.36 32.33
C LYS F 59 19.33 -24.42 31.84
N LEU F 60 19.14 -24.72 30.56
CA LEU F 60 17.78 -24.88 29.98
C LEU F 60 17.18 -26.17 30.50
N PRO F 61 15.84 -26.23 30.65
CA PRO F 61 15.17 -27.40 31.23
C PRO F 61 15.42 -28.69 30.43
N ASP F 62 15.52 -29.81 31.13
CA ASP F 62 15.76 -31.15 30.51
C ASP F 62 14.53 -31.58 29.70
N SER F 63 13.35 -31.04 30.00
CA SER F 63 12.09 -31.41 29.30
C SER F 63 12.11 -30.88 27.86
N LEU F 64 13.01 -29.94 27.55
CA LEU F 64 13.01 -29.24 26.24
C LEU F 64 13.46 -30.22 25.16
N THR F 65 12.64 -30.42 24.14
CA THR F 65 12.96 -31.32 22.99
C THR F 65 13.21 -30.49 21.73
N THR F 66 12.47 -29.41 21.52
CA THR F 66 12.53 -28.62 20.28
C THR F 66 13.07 -27.21 20.59
N LEU F 67 14.24 -26.90 20.04
CA LEU F 67 14.91 -25.59 20.25
C LEU F 67 15.22 -24.97 18.90
N THR F 68 14.93 -23.67 18.75
CA THR F 68 15.18 -22.92 17.51
C THR F 68 15.84 -21.59 17.84
N PHE F 69 16.96 -21.30 17.19
CA PHE F 69 17.68 -20.01 17.26
C PHE F 69 17.33 -19.18 16.03
N GLY F 70 17.22 -17.87 16.20
CA GLY F 70 16.62 -16.94 15.22
C GLY F 70 17.65 -16.28 14.34
N TYR F 71 17.26 -15.18 13.69
CA TYR F 71 18.05 -14.44 12.67
C TYR F 71 19.40 -13.99 13.25
N SER F 72 19.44 -13.53 14.51
CA SER F 72 20.56 -12.73 15.04
C SER F 72 21.50 -13.58 15.91
N PHE F 73 21.09 -14.75 16.36
CA PHE F 73 21.84 -15.48 17.42
C PHE F 73 23.24 -15.83 16.93
N ASN F 74 24.27 -15.35 17.64
CA ASN F 74 25.67 -15.77 17.42
C ASN F 74 26.42 -15.64 18.76
N GLN F 75 26.55 -16.73 19.50
CA GLN F 75 27.27 -16.78 20.79
C GLN F 75 27.98 -18.12 20.90
N PRO F 76 29.11 -18.20 21.63
CA PRO F 76 29.79 -19.49 21.85
C PRO F 76 28.86 -20.44 22.62
N ILE F 77 28.63 -21.63 22.07
CA ILE F 77 27.68 -22.63 22.61
C ILE F 77 28.45 -23.89 23.06
N GLU F 78 29.78 -23.79 23.13
CA GLU F 78 30.67 -24.97 23.26
C GLU F 78 30.41 -25.65 24.60
N LYS F 79 30.46 -24.91 25.70
CA LYS F 79 30.39 -25.50 27.07
C LYS F 79 28.97 -25.37 27.62
N VAL F 80 27.95 -25.50 26.76
CA VAL F 80 26.52 -25.49 27.18
C VAL F 80 26.16 -26.87 27.75
N LYS F 81 25.51 -26.88 28.91
CA LYS F 81 24.81 -28.07 29.46
C LYS F 81 23.51 -28.23 28.67
N TRP F 82 23.56 -28.87 27.50
CA TRP F 82 22.36 -29.07 26.65
C TRP F 82 21.32 -29.86 27.43
N PRO F 83 20.01 -29.64 27.17
CA PRO F 83 18.96 -30.43 27.81
C PRO F 83 19.09 -31.93 27.50
N LYS F 84 18.71 -32.78 28.46
CA LYS F 84 18.95 -34.25 28.38
C LYS F 84 18.01 -34.90 27.37
N THR F 85 16.90 -34.26 26.98
CA THR F 85 15.93 -34.86 26.03
C THR F 85 15.81 -34.00 24.76
N LEU F 86 16.78 -33.11 24.51
CA LEU F 86 16.76 -32.27 23.28
C LEU F 86 16.82 -33.17 22.04
N ALA F 87 15.88 -33.00 21.12
CA ALA F 87 15.74 -33.84 19.90
C ALA F 87 15.91 -32.99 18.64
N PHE F 88 15.26 -31.83 18.58
CA PHE F 88 15.27 -30.95 17.39
C PHE F 88 16.04 -29.67 17.74
N LEU F 89 17.10 -29.39 17.00
CA LEU F 89 17.92 -28.16 17.18
C LEU F 89 18.08 -27.46 15.84
N THR F 90 17.71 -26.18 15.79
CA THR F 90 17.81 -25.35 14.56
C THR F 90 18.69 -24.12 14.85
N PHE F 91 19.42 -23.67 13.84
CA PHE F 91 20.28 -22.47 13.91
C PHE F 91 19.87 -21.48 12.82
N GLY F 92 20.25 -20.22 13.02
CA GLY F 92 19.78 -19.08 12.21
C GLY F 92 20.81 -18.59 11.22
N TYR F 93 20.50 -17.48 10.57
CA TYR F 93 21.29 -16.87 9.47
C TYR F 93 22.70 -16.55 9.96
N LYS F 94 22.84 -15.88 11.11
CA LYS F 94 24.13 -15.25 11.50
C LYS F 94 25.01 -16.27 12.25
N PHE F 95 24.44 -17.25 12.95
CA PHE F 95 25.22 -18.10 13.89
C PHE F 95 26.47 -18.65 13.21
N ASN F 96 27.64 -18.40 13.81
CA ASN F 96 28.92 -19.01 13.37
C ASN F 96 29.90 -18.99 14.55
N LYS F 97 30.16 -20.16 15.14
CA LYS F 97 31.11 -20.34 16.26
C LYS F 97 31.51 -21.81 16.34
N PRO F 98 32.75 -22.13 16.80
CA PRO F 98 33.23 -23.50 16.85
C PRO F 98 32.30 -24.45 17.63
N ILE F 99 32.17 -25.69 17.14
CA ILE F 99 31.26 -26.72 17.70
C ILE F 99 32.03 -28.03 17.88
N GLU F 100 33.35 -28.03 17.76
CA GLU F 100 34.19 -29.21 18.09
C GLU F 100 34.27 -29.38 19.61
N LYS F 101 33.78 -28.41 20.38
CA LYS F 101 33.86 -28.39 21.86
C LYS F 101 32.45 -28.57 22.45
N VAL F 102 31.50 -29.10 21.68
CA VAL F 102 30.05 -28.80 21.84
C VAL F 102 29.39 -29.66 22.92
N LYS F 103 29.83 -30.91 23.13
CA LYS F 103 29.23 -31.82 24.15
C LYS F 103 27.74 -32.05 23.82
N TRP F 104 27.43 -32.57 22.64
CA TRP F 104 26.03 -32.85 22.20
C TRP F 104 25.36 -33.79 23.19
N PRO F 105 24.03 -33.66 23.39
CA PRO F 105 23.24 -34.70 24.07
C PRO F 105 22.88 -35.84 23.13
N ASP F 106 22.70 -37.04 23.68
CA ASP F 106 22.51 -38.27 22.87
C ASP F 106 21.07 -38.40 22.38
N SER F 107 20.15 -37.53 22.80
CA SER F 107 18.74 -37.56 22.37
C SER F 107 18.56 -36.85 21.02
N LEU F 108 19.56 -36.06 20.61
CA LEU F 108 19.48 -35.21 19.39
C LEU F 108 19.37 -36.09 18.15
N THR F 109 18.31 -35.92 17.36
CA THR F 109 18.05 -36.73 16.14
C THR F 109 18.23 -35.87 14.89
N THR F 110 17.72 -34.63 14.90
CA THR F 110 17.70 -33.76 13.69
C THR F 110 18.38 -32.43 14.01
N LEU F 111 19.33 -32.02 13.17
CA LEU F 111 20.06 -30.73 13.31
C LEU F 111 20.00 -29.99 11.96
N ILE F 112 19.40 -28.81 11.97
CA ILE F 112 19.14 -28.02 10.73
C ILE F 112 19.79 -26.64 10.87
N PHE F 113 20.47 -26.20 9.82
CA PHE F 113 20.99 -24.82 9.68
C PHE F 113 20.10 -24.05 8.71
N GLU F 114 19.97 -22.74 8.94
CA GLU F 114 19.18 -21.83 8.09
C GLU F 114 19.74 -21.91 6.67
N GLU F 115 18.88 -21.70 5.68
CA GLU F 115 19.23 -21.84 4.24
C GLU F 115 20.48 -20.99 3.96
N ASN F 116 20.49 -19.72 4.39
CA ASN F 116 21.59 -18.76 4.11
C ASN F 116 22.49 -18.64 5.34
N SER F 117 22.68 -19.73 6.09
CA SER F 117 23.48 -19.71 7.34
C SER F 117 24.92 -19.29 7.03
N LEU F 118 25.51 -18.47 7.91
CA LEU F 118 26.93 -18.03 7.80
C LEU F 118 27.84 -18.97 8.58
N PHE F 119 27.33 -20.11 9.05
CA PHE F 119 28.15 -21.09 9.81
C PHE F 119 29.20 -21.69 8.88
N ASP F 120 30.47 -21.55 9.25
CA ASP F 120 31.61 -22.20 8.57
C ASP F 120 32.72 -22.44 9.61
N GLN F 121 32.75 -23.63 10.18
CA GLN F 121 33.76 -24.02 11.20
C GLN F 121 34.21 -25.44 10.95
N SER F 122 35.46 -25.74 11.29
CA SER F 122 36.02 -27.12 11.21
C SER F 122 35.17 -28.01 12.11
N ILE F 123 34.82 -29.20 11.64
CA ILE F 123 33.91 -30.12 12.39
C ILE F 123 34.56 -31.50 12.52
N GLU F 124 35.69 -31.72 11.85
CA GLU F 124 36.38 -33.03 11.84
C GLU F 124 36.69 -33.50 13.26
N LYS F 125 36.64 -32.63 14.27
CA LYS F 125 37.09 -32.96 15.65
C LYS F 125 35.86 -33.13 16.56
N ILE F 126 34.67 -33.30 15.99
CA ILE F 126 33.38 -33.32 16.75
C ILE F 126 33.08 -34.75 17.20
N LYS F 127 32.31 -34.87 18.28
CA LYS F 127 31.70 -36.14 18.73
C LYS F 127 30.19 -36.01 18.56
N TRP F 128 29.65 -36.55 17.45
CA TRP F 128 28.22 -36.44 17.09
C TRP F 128 27.37 -37.17 18.13
N SER F 129 26.09 -36.77 18.23
CA SER F 129 25.05 -37.49 18.98
C SER F 129 24.93 -38.92 18.45
N ASN F 130 24.71 -39.89 19.32
CA ASN F 130 24.56 -41.32 18.91
C ASN F 130 23.17 -41.54 18.29
N SER F 131 22.24 -40.59 18.44
CA SER F 131 20.88 -40.69 17.86
C SER F 131 20.72 -39.78 16.65
N LEU F 132 21.77 -39.06 16.26
CA LEU F 132 21.67 -38.06 15.16
C LEU F 132 21.25 -38.78 13.87
N THR F 133 20.11 -38.37 13.31
CA THR F 133 19.50 -38.99 12.11
C THR F 133 19.59 -38.04 10.92
N THR F 134 19.21 -36.77 11.08
CA THR F 134 19.12 -35.78 9.98
C THR F 134 20.06 -34.61 10.25
N LEU F 135 20.96 -34.31 9.32
CA LEU F 135 21.85 -33.14 9.38
C LEU F 135 21.74 -32.36 8.08
N ILE F 136 21.34 -31.09 8.17
CA ILE F 136 21.16 -30.21 6.99
C ILE F 136 22.09 -29.00 7.14
N PHE F 137 22.89 -28.74 6.10
CA PHE F 137 23.89 -27.64 6.11
C PHE F 137 23.34 -26.45 5.33
N GLY F 138 23.89 -25.28 5.63
CA GLY F 138 23.47 -23.99 5.05
C GLY F 138 24.26 -23.63 3.81
N TRP F 139 24.14 -22.37 3.39
CA TRP F 139 24.77 -21.80 2.18
C TRP F 139 26.29 -21.83 2.32
N ASN F 140 26.82 -21.15 3.35
CA ASN F 140 28.24 -20.72 3.40
C ASN F 140 29.09 -21.71 4.19
N PHE F 141 28.75 -23.00 4.21
CA PHE F 141 29.59 -24.01 4.90
C PHE F 141 30.55 -24.65 3.88
N ASN F 142 31.84 -24.67 4.20
CA ASN F 142 32.89 -25.31 3.36
C ASN F 142 34.08 -25.67 4.23
N GLN F 143 34.20 -26.94 4.62
CA GLN F 143 35.29 -27.46 5.48
C GLN F 143 35.48 -28.94 5.18
N PRO F 144 36.71 -29.47 5.32
CA PRO F 144 36.98 -30.87 5.02
C PRO F 144 36.22 -31.81 5.97
N ILE F 145 35.79 -32.96 5.45
CA ILE F 145 34.94 -33.93 6.20
C ILE F 145 35.54 -35.33 6.10
N GLU F 146 36.73 -35.48 5.51
CA GLU F 146 37.38 -36.80 5.32
C GLU F 146 37.64 -37.45 6.69
N ASN F 147 38.11 -36.67 7.67
CA ASN F 147 38.41 -37.18 9.04
C ASN F 147 37.22 -36.86 9.95
N VAL F 148 36.05 -37.46 9.69
CA VAL F 148 34.83 -37.23 10.52
C VAL F 148 34.31 -38.58 11.00
N GLU F 149 34.01 -38.66 12.31
CA GLU F 149 33.48 -39.90 12.94
C GLU F 149 31.95 -39.82 12.86
N TRP F 150 31.40 -40.13 11.69
CA TRP F 150 29.93 -40.10 11.44
C TRP F 150 29.24 -41.16 12.29
N PRO F 151 28.15 -40.83 13.00
CA PRO F 151 27.44 -41.79 13.83
C PRO F 151 26.65 -42.77 12.94
N GLU F 152 26.53 -44.02 13.39
CA GLU F 152 25.87 -45.11 12.62
C GLU F 152 24.37 -44.84 12.49
N SER F 153 23.82 -43.90 13.27
CA SER F 153 22.39 -43.55 13.26
C SER F 153 22.06 -42.57 12.11
N LEU F 154 23.08 -41.99 11.46
CA LEU F 154 22.85 -40.99 10.38
C LEU F 154 22.09 -41.64 9.23
N THR F 155 21.02 -41.00 8.77
CA THR F 155 20.13 -41.48 7.68
C THR F 155 20.14 -40.48 6.52
N THR F 156 20.15 -39.18 6.81
CA THR F 156 19.98 -38.11 5.80
C THR F 156 21.09 -37.07 5.96
N LEU F 157 21.82 -36.80 4.88
CA LEU F 157 22.83 -35.71 4.84
C LEU F 157 22.51 -34.81 3.65
N VAL F 158 22.23 -33.54 3.91
CA VAL F 158 21.77 -32.59 2.86
C VAL F 158 22.63 -31.33 2.90
N PHE F 159 22.99 -30.84 1.72
CA PHE F 159 23.56 -29.49 1.51
C PHE F 159 22.51 -28.66 0.77
N ASN F 160 22.39 -27.39 1.15
CA ASN F 160 21.48 -26.42 0.47
C ASN F 160 21.86 -26.38 -1.01
N GLU F 161 20.86 -26.31 -1.89
CA GLU F 161 21.06 -26.35 -3.37
C GLU F 161 22.15 -25.35 -3.78
N ASP F 162 22.24 -24.19 -3.13
CA ASP F 162 23.24 -23.14 -3.50
C ASP F 162 24.43 -23.18 -2.52
N SER F 163 24.84 -24.37 -2.07
CA SER F 163 25.93 -24.51 -1.07
C SER F 163 27.28 -24.16 -1.70
N ILE F 164 28.26 -23.83 -0.87
CA ILE F 164 29.63 -23.43 -1.28
C ILE F 164 30.57 -24.63 -1.08
N PHE F 165 30.04 -25.75 -0.61
CA PHE F 165 30.86 -26.93 -0.21
C PHE F 165 31.53 -27.54 -1.46
N ASN F 166 32.84 -27.73 -1.38
CA ASN F 166 33.64 -28.46 -2.40
C ASN F 166 34.91 -28.99 -1.75
N GLN F 167 34.92 -30.28 -1.41
CA GLN F 167 36.02 -30.91 -0.64
C GLN F 167 36.24 -32.32 -1.16
N PRO F 168 37.45 -32.90 -1.00
CA PRO F 168 37.68 -34.30 -1.34
C PRO F 168 36.91 -35.21 -0.36
N ILE F 169 36.17 -36.18 -0.89
CA ILE F 169 35.27 -37.04 -0.08
C ILE F 169 35.60 -38.52 -0.31
N GLU F 170 36.65 -38.83 -1.06
CA GLU F 170 37.01 -40.24 -1.39
C GLU F 170 37.42 -40.97 -0.10
N ASN F 171 38.08 -40.29 0.83
CA ASN F 171 38.50 -40.88 2.13
C ASN F 171 37.48 -40.51 3.20
N VAL F 172 36.24 -40.98 3.07
CA VAL F 172 35.16 -40.70 4.05
C VAL F 172 34.57 -42.02 4.54
N LYS F 173 34.42 -42.15 5.85
CA LYS F 173 33.82 -43.35 6.50
C LYS F 173 32.31 -43.11 6.61
N TRP F 174 31.55 -43.48 5.57
CA TRP F 174 30.07 -43.32 5.54
C TRP F 174 29.44 -44.33 6.48
N PRO F 175 28.44 -43.93 7.30
CA PRO F 175 27.66 -44.90 8.08
C PRO F 175 26.92 -45.88 7.16
N LYS F 176 26.51 -47.02 7.70
CA LYS F 176 26.01 -48.16 6.88
C LYS F 176 24.50 -48.05 6.66
N LEU F 177 23.78 -47.28 7.48
CA LEU F 177 22.30 -47.19 7.39
C LEU F 177 21.89 -45.90 6.68
N LEU F 178 22.84 -45.19 6.08
CA LEU F 178 22.54 -43.89 5.39
C LEU F 178 21.76 -44.16 4.10
N LYS F 179 20.71 -43.37 3.85
CA LYS F 179 19.79 -43.58 2.71
C LYS F 179 19.89 -42.43 1.70
N THR F 180 20.24 -41.21 2.14
CA THR F 180 20.11 -39.98 1.32
C THR F 180 21.35 -39.11 1.42
N ILE F 181 21.97 -38.79 0.29
CA ILE F 181 23.04 -37.76 0.20
C ILE F 181 22.66 -36.75 -0.89
N ILE F 182 22.53 -35.48 -0.51
CA ILE F 182 22.19 -34.38 -1.44
C ILE F 182 23.31 -33.35 -1.41
N PHE F 183 23.90 -33.08 -2.57
CA PHE F 183 25.10 -32.21 -2.70
C PHE F 183 24.69 -30.84 -3.24
N GLY F 184 25.56 -29.85 -3.00
CA GLY F 184 25.31 -28.44 -3.33
C GLY F 184 25.81 -28.07 -4.71
N CYS F 185 25.56 -26.82 -5.10
CA CYS F 185 25.89 -26.25 -6.44
C CYS F 185 27.39 -26.39 -6.73
N HIS F 186 28.26 -26.25 -5.74
CA HIS F 186 29.72 -26.04 -5.96
C HIS F 186 30.52 -27.35 -5.84
N PHE F 187 29.91 -28.48 -5.51
CA PHE F 187 30.64 -29.75 -5.27
C PHE F 187 31.14 -30.30 -6.61
N ASN F 188 32.46 -30.42 -6.76
CA ASN F 188 33.13 -31.04 -7.93
C ASN F 188 34.46 -31.67 -7.49
N HIS F 189 34.46 -32.97 -7.23
CA HIS F 189 35.66 -33.73 -6.80
C HIS F 189 35.53 -35.18 -7.29
N PRO F 190 36.66 -35.87 -7.57
CA PRO F 190 36.62 -37.26 -8.01
C PRO F 190 35.92 -38.14 -6.97
N ILE F 191 35.09 -39.08 -7.43
CA ILE F 191 34.27 -39.95 -6.52
C ILE F 191 34.47 -41.41 -6.90
N GLU F 192 35.35 -41.72 -7.85
CA GLU F 192 35.56 -43.12 -8.30
C GLU F 192 36.27 -43.92 -7.21
N ASN F 193 36.91 -43.26 -6.23
CA ASN F 193 37.61 -43.97 -5.12
C ASN F 193 36.83 -43.82 -3.81
N VAL F 194 35.52 -43.69 -3.85
CA VAL F 194 34.72 -43.53 -2.60
C VAL F 194 33.99 -44.84 -2.32
N LYS F 195 33.70 -45.08 -1.04
CA LYS F 195 33.04 -46.32 -0.56
C LYS F 195 31.60 -45.96 -0.20
N TRP F 196 30.72 -45.97 -1.20
CA TRP F 196 29.28 -45.65 -1.02
C TRP F 196 28.66 -46.68 -0.07
N PRO F 197 27.87 -46.23 0.94
CA PRO F 197 27.23 -47.17 1.87
C PRO F 197 26.16 -48.04 1.22
N GLY F 198 26.08 -49.30 1.65
CA GLY F 198 25.27 -50.37 1.02
C GLY F 198 23.77 -50.11 1.08
N SER F 199 23.31 -49.18 1.91
CA SER F 199 21.87 -48.91 2.13
C SER F 199 21.44 -47.66 1.35
N LEU F 200 22.33 -47.06 0.55
CA LEU F 200 22.04 -45.78 -0.14
C LEU F 200 20.83 -45.95 -1.06
N THR F 201 19.83 -45.08 -0.91
CA THR F 201 18.57 -45.13 -1.69
C THR F 201 18.52 -43.95 -2.66
N THR F 202 18.92 -42.75 -2.23
CA THR F 202 18.84 -41.52 -3.05
C THR F 202 20.17 -40.78 -3.01
N LEU F 203 20.73 -40.45 -4.19
CA LEU F 203 21.98 -39.68 -4.32
C LEU F 203 21.77 -38.55 -5.32
N ILE F 204 22.04 -37.32 -4.91
CA ILE F 204 21.76 -36.10 -5.73
C ILE F 204 23.02 -35.25 -5.80
N PHE F 205 23.41 -34.85 -7.02
CA PHE F 205 24.61 -34.02 -7.28
C PHE F 205 24.19 -32.63 -7.72
N GLY F 206 25.12 -31.67 -7.59
CA GLY F 206 24.88 -30.24 -7.82
C GLY F 206 25.18 -29.82 -9.24
N ASP F 207 25.31 -28.51 -9.45
CA ASP F 207 25.47 -27.90 -10.80
C ASP F 207 26.90 -28.14 -11.30
N ASP F 208 27.90 -27.75 -10.51
CA ASP F 208 29.32 -27.76 -10.95
C ASP F 208 29.88 -29.19 -10.97
N PHE F 209 29.07 -30.22 -10.75
CA PHE F 209 29.57 -31.61 -10.62
C PHE F 209 29.75 -32.23 -12.00
N ASN F 210 31.00 -32.54 -12.36
CA ASN F 210 31.33 -33.23 -13.63
C ASN F 210 32.57 -34.11 -13.41
N GLN F 211 32.36 -35.38 -13.10
CA GLN F 211 33.45 -36.35 -12.82
C GLN F 211 33.13 -37.66 -13.53
N PRO F 212 34.14 -38.47 -13.91
CA PRO F 212 33.90 -39.71 -14.63
C PRO F 212 33.18 -40.78 -13.79
N PHE F 213 32.38 -41.63 -14.44
CA PHE F 213 31.64 -42.74 -13.80
C PHE F 213 32.11 -44.09 -14.33
N GLU F 214 33.33 -44.18 -14.86
CA GLU F 214 33.84 -45.44 -15.45
C GLU F 214 34.40 -46.33 -14.34
N ASN F 215 35.14 -45.76 -13.39
CA ASN F 215 35.79 -46.54 -12.30
C ASN F 215 34.99 -46.35 -11.01
N VAL F 216 33.67 -46.21 -11.10
CA VAL F 216 32.79 -46.02 -9.90
C VAL F 216 31.83 -47.20 -9.79
N ILE F 217 31.42 -47.52 -8.57
CA ILE F 217 30.51 -48.66 -8.27
C ILE F 217 29.42 -48.14 -7.32
N LEU F 218 28.16 -48.35 -7.67
CA LEU F 218 27.04 -47.91 -6.81
C LEU F 218 26.38 -49.12 -6.18
N PRO F 219 25.78 -48.96 -4.97
CA PRO F 219 25.12 -50.07 -4.28
C PRO F 219 23.93 -50.63 -5.08
N LYS F 220 23.54 -51.86 -4.75
CA LYS F 220 22.38 -52.55 -5.39
C LYS F 220 21.07 -52.06 -4.76
N SER F 221 21.12 -51.00 -3.94
CA SER F 221 19.92 -50.45 -3.25
C SER F 221 19.52 -49.09 -3.83
N LEU F 222 20.42 -48.42 -4.56
CA LEU F 222 20.20 -47.03 -5.05
C LEU F 222 19.03 -47.03 -6.04
N THR F 223 17.95 -46.32 -5.72
CA THR F 223 16.72 -46.28 -6.54
C THR F 223 16.55 -44.92 -7.23
N ASN F 224 17.15 -43.85 -6.69
CA ASN F 224 17.00 -42.47 -7.24
C ASN F 224 18.38 -41.85 -7.47
N LEU F 225 18.55 -41.14 -8.59
CA LEU F 225 19.83 -40.48 -8.94
C LEU F 225 19.54 -39.17 -9.70
N THR F 226 20.34 -38.14 -9.46
CA THR F 226 20.14 -36.80 -10.07
C THR F 226 21.49 -36.13 -10.33
N PHE F 227 21.65 -35.57 -11.53
CA PHE F 227 22.87 -34.84 -11.96
C PHE F 227 22.52 -33.39 -12.29
N GLY F 228 23.54 -32.55 -12.45
CA GLY F 228 23.42 -31.11 -12.73
C GLY F 228 23.71 -30.76 -14.19
N PRO F 229 23.73 -29.45 -14.52
CA PRO F 229 24.02 -28.99 -15.89
C PRO F 229 25.40 -29.44 -16.40
N ASN F 230 26.45 -29.13 -15.65
CA ASN F 230 27.86 -29.32 -16.10
C ASN F 230 28.18 -30.82 -16.30
N PHE F 231 27.29 -31.73 -15.89
CA PHE F 231 27.58 -33.19 -15.94
C PHE F 231 27.54 -33.68 -17.39
N ASN F 232 28.70 -34.03 -17.95
CA ASN F 232 28.84 -34.51 -19.35
C ASN F 232 29.76 -35.73 -19.39
N GLN F 233 29.50 -36.73 -18.53
CA GLN F 233 30.32 -37.98 -18.51
C GLN F 233 29.42 -39.16 -18.84
N PRO F 234 29.93 -40.17 -19.58
CA PRO F 234 29.12 -41.31 -19.99
C PRO F 234 28.65 -42.16 -18.80
N LEU F 235 27.49 -42.80 -18.93
CA LEU F 235 26.88 -43.62 -17.86
C LEU F 235 26.77 -45.07 -18.33
N ASN F 236 27.83 -45.86 -18.11
CA ASN F 236 27.96 -47.21 -18.71
C ASN F 236 27.71 -48.30 -17.66
N PHE F 237 27.97 -48.06 -16.38
CA PHE F 237 27.92 -49.10 -15.34
C PHE F 237 26.97 -48.66 -14.21
N LEU F 238 25.77 -48.21 -14.56
CA LEU F 238 24.71 -47.92 -13.55
C LEU F 238 24.15 -49.25 -13.06
N PRO F 239 23.78 -49.37 -11.77
CA PRO F 239 23.23 -50.61 -11.22
C PRO F 239 21.82 -50.90 -11.75
N GLU F 240 21.47 -52.18 -11.84
CA GLU F 240 20.19 -52.64 -12.42
C GLU F 240 19.03 -52.31 -11.47
N SER F 241 19.31 -52.06 -10.19
CA SER F 241 18.29 -51.70 -9.18
C SER F 241 17.80 -50.25 -9.39
N LEU F 242 18.36 -49.52 -10.34
CA LEU F 242 18.00 -48.09 -10.55
C LEU F 242 16.54 -48.00 -11.01
N LYS F 243 15.82 -47.00 -10.52
CA LYS F 243 14.36 -46.85 -10.76
C LYS F 243 14.04 -45.44 -11.29
N ASN F 244 14.71 -44.40 -10.79
CA ASN F 244 14.44 -42.99 -11.21
C ASN F 244 15.77 -42.27 -11.41
N ILE F 245 15.92 -41.57 -12.54
CA ILE F 245 17.14 -40.78 -12.85
C ILE F 245 16.72 -39.37 -13.30
N THR F 246 17.64 -38.42 -13.22
CA THR F 246 17.38 -37.01 -13.61
C THR F 246 18.67 -36.39 -14.16
N ILE F 247 18.60 -35.87 -15.38
CA ILE F 247 19.74 -35.19 -16.07
C ILE F 247 19.21 -33.94 -16.77
N THR F 248 20.10 -33.17 -17.39
CA THR F 248 19.76 -31.90 -18.07
C THR F 248 19.87 -32.08 -19.59
N THR F 249 19.64 -31.01 -20.35
CA THR F 249 19.74 -30.99 -21.83
C THR F 249 21.18 -30.73 -22.27
N ASN F 250 22.11 -30.53 -21.32
CA ASN F 250 23.53 -30.24 -21.64
C ASN F 250 24.35 -31.54 -21.67
N TYR F 251 23.70 -32.70 -21.77
CA TYR F 251 24.37 -34.03 -21.76
C TYR F 251 24.71 -34.42 -23.20
N GLN F 252 25.99 -34.36 -23.57
CA GLN F 252 26.46 -34.53 -24.97
C GLN F 252 27.07 -35.92 -25.17
N GLN F 253 26.67 -36.93 -24.40
CA GLN F 253 27.06 -38.34 -24.63
C GLN F 253 25.82 -39.16 -24.99
N ASN F 254 26.01 -40.42 -25.35
CA ASN F 254 24.92 -41.36 -25.75
C ASN F 254 24.43 -42.11 -24.52
N LEU F 255 23.16 -42.54 -24.55
CA LEU F 255 22.49 -43.13 -23.36
C LEU F 255 22.09 -44.57 -23.68
N TYR F 256 23.00 -45.37 -24.26
CA TYR F 256 22.69 -46.75 -24.72
C TYR F 256 22.95 -47.78 -23.61
N ASN F 257 23.82 -47.47 -22.66
CA ASN F 257 24.19 -48.41 -21.56
C ASN F 257 23.40 -48.07 -20.29
N LEU F 258 22.17 -47.59 -20.41
CA LEU F 258 21.31 -47.36 -19.21
C LEU F 258 20.66 -48.68 -18.82
N PRO F 259 20.39 -48.91 -17.52
CA PRO F 259 19.75 -50.13 -17.09
C PRO F 259 18.31 -50.23 -17.61
N SER F 260 17.72 -51.42 -17.52
CA SER F 260 16.26 -51.65 -17.69
C SER F 260 15.57 -51.44 -16.33
N SER F 261 14.27 -51.75 -16.25
CA SER F 261 13.47 -51.71 -15.00
C SER F 261 13.35 -50.28 -14.45
N LEU F 262 13.74 -49.26 -15.23
CA LEU F 262 13.47 -47.84 -14.85
C LEU F 262 11.97 -47.57 -14.98
N ASN F 263 11.48 -46.53 -14.33
CA ASN F 263 10.05 -46.11 -14.41
C ASN F 263 9.94 -44.59 -14.65
N CYS F 264 11.05 -43.85 -14.63
CA CYS F 264 11.02 -42.37 -14.74
C CYS F 264 12.41 -41.82 -15.08
N ILE F 265 12.56 -41.21 -16.25
CA ILE F 265 13.80 -40.47 -16.65
C ILE F 265 13.42 -39.00 -16.80
N LYS F 266 14.01 -38.14 -15.98
CA LYS F 266 13.67 -36.69 -15.93
C LYS F 266 14.78 -35.91 -16.64
N ILE F 267 14.41 -35.16 -17.67
CA ILE F 267 15.35 -34.27 -18.41
C ILE F 267 14.97 -32.82 -18.09
N ILE F 268 15.93 -32.06 -17.57
CA ILE F 268 15.71 -30.64 -17.16
C ILE F 268 16.13 -29.73 -18.32
N SER F 269 15.22 -28.85 -18.75
CA SER F 269 15.49 -27.81 -19.77
C SER F 269 16.32 -26.69 -19.13
N TYR F 270 17.50 -26.42 -19.67
CA TYR F 270 18.30 -25.22 -19.31
C TYR F 270 18.47 -24.35 -20.53
N LYS F 271 18.64 -23.06 -20.30
CA LYS F 271 18.92 -22.06 -21.36
C LYS F 271 20.28 -22.43 -21.97
N ARG F 272 20.33 -22.49 -23.30
CA ARG F 272 21.49 -23.05 -24.06
C ARG F 272 22.63 -22.02 -24.06
N THR F 273 23.84 -22.49 -24.37
CA THR F 273 25.06 -21.65 -24.55
C THR F 273 25.02 -20.93 -25.91
N TYR F 274 26.03 -20.14 -26.20
CA TYR F 274 26.10 -19.30 -27.42
C TYR F 274 27.13 -19.83 -28.43
N GLU F 275 28.15 -20.53 -27.96
CA GLU F 275 29.37 -20.80 -28.77
C GLU F 275 29.05 -21.76 -29.92
N HIS F 276 28.05 -22.63 -29.75
CA HIS F 276 27.64 -23.62 -30.79
C HIS F 276 27.14 -22.87 -32.02
N ILE F 277 26.68 -21.62 -31.87
CA ILE F 277 26.30 -20.75 -33.02
C ILE F 277 27.56 -20.08 -33.57
N VAL F 278 28.44 -19.57 -32.71
CA VAL F 278 29.59 -18.73 -33.15
C VAL F 278 30.63 -19.61 -33.84
N ASN F 279 30.56 -20.93 -33.68
CA ASN F 279 31.42 -21.91 -34.40
C ASN F 279 31.17 -21.78 -35.91
N VAL F 280 29.93 -21.57 -36.31
CA VAL F 280 29.52 -21.56 -37.74
C VAL F 280 29.44 -20.10 -38.22
N LEU F 281 30.01 -19.15 -37.46
CA LEU F 281 30.04 -17.71 -37.83
C LEU F 281 31.30 -17.41 -38.63
N PRO F 282 31.33 -16.32 -39.41
CA PRO F 282 32.58 -15.84 -40.02
C PRO F 282 33.44 -15.05 -39.01
N GLU F 283 34.76 -15.25 -39.09
CA GLU F 283 35.79 -14.62 -38.20
C GLU F 283 35.47 -13.13 -38.04
N HIS F 284 35.38 -12.41 -39.15
CA HIS F 284 35.21 -10.93 -39.18
C HIS F 284 33.84 -10.53 -38.61
N LEU F 285 32.99 -11.47 -38.20
CA LEU F 285 31.68 -11.14 -37.57
C LEU F 285 31.59 -11.62 -36.13
N LYS F 286 32.47 -12.53 -35.68
CA LYS F 286 32.47 -13.05 -34.29
C LYS F 286 32.70 -11.89 -33.32
N LYS F 287 33.28 -10.78 -33.81
CA LYS F 287 33.55 -9.55 -33.04
C LYS F 287 32.25 -8.97 -32.48
N LYS F 288 31.28 -8.71 -33.36
CA LYS F 288 30.14 -7.79 -33.10
C LYS F 288 28.93 -8.58 -32.58
N VAL F 289 29.15 -9.77 -32.04
CA VAL F 289 28.04 -10.66 -31.53
C VAL F 289 27.62 -10.18 -30.14
N ILE F 290 26.33 -10.27 -29.83
CA ILE F 290 25.75 -9.87 -28.51
C ILE F 290 25.05 -11.09 -27.88
N LYS F 291 25.38 -11.40 -26.63
CA LYS F 291 24.83 -12.60 -25.93
C LYS F 291 23.60 -12.19 -25.11
N ILE F 292 22.40 -12.53 -25.59
CA ILE F 292 21.13 -12.37 -24.83
C ILE F 292 20.50 -13.75 -24.72
#